data_2CQH
#
_entry.id   2CQH
#
_entity_poly.entity_id   1
_entity_poly.type   'polypeptide(L)'
_entity_poly.pdbx_seq_one_letter_code
;GSSGSSGMNKLYIGNLSPAVTADDLRQLFGDRKLPLAGQVLLKSGYAFVDYPDQNWAIRAIETLSGKVELHGKIMEVDYS
VSKKLRSSGPSSG
;
_entity_poly.pdbx_strand_id   A
#
# COMPACT_ATOMS: atom_id res chain seq x y z
N GLY A 1 29.33 -1.09 -1.30
CA GLY A 1 28.73 -1.63 -2.51
C GLY A 1 27.22 -1.48 -2.52
N SER A 2 26.52 -2.61 -2.38
CA SER A 2 25.06 -2.61 -2.39
C SER A 2 24.52 -3.04 -1.03
N SER A 3 24.10 -2.05 -0.23
CA SER A 3 23.56 -2.32 1.10
C SER A 3 22.62 -1.20 1.54
N GLY A 4 21.85 -1.47 2.59
CA GLY A 4 20.91 -0.48 3.09
C GLY A 4 20.24 -0.92 4.37
N SER A 5 20.13 0.00 5.33
CA SER A 5 19.50 -0.30 6.61
C SER A 5 18.00 -0.07 6.55
N SER A 6 17.24 -1.15 6.72
CA SER A 6 15.79 -1.09 6.68
C SER A 6 15.29 0.19 7.36
N GLY A 7 14.14 0.68 6.89
CA GLY A 7 13.58 1.90 7.47
C GLY A 7 12.16 2.15 6.99
N MET A 8 11.97 3.25 6.27
CA MET A 8 10.65 3.60 5.76
C MET A 8 10.09 2.49 4.88
N ASN A 9 8.77 2.34 4.89
CA ASN A 9 8.11 1.31 4.10
C ASN A 9 6.94 1.90 3.31
N LYS A 10 6.28 1.06 2.53
CA LYS A 10 5.15 1.49 1.72
C LYS A 10 4.11 0.37 1.60
N LEU A 11 2.92 0.73 1.12
CA LEU A 11 1.85 -0.24 0.96
C LEU A 11 1.57 -0.49 -0.52
N TYR A 12 1.38 -1.76 -0.87
CA TYR A 12 1.10 -2.14 -2.25
C TYR A 12 -0.40 -2.24 -2.50
N ILE A 13 -0.86 -1.57 -3.55
CA ILE A 13 -2.27 -1.58 -3.90
C ILE A 13 -2.52 -2.34 -5.20
N GLY A 14 -3.34 -3.38 -5.13
CA GLY A 14 -3.64 -4.17 -6.31
C GLY A 14 -5.08 -4.06 -6.74
N ASN A 15 -5.39 -4.54 -7.94
CA ASN A 15 -6.74 -4.48 -8.47
C ASN A 15 -7.14 -3.04 -8.80
N LEU A 16 -6.20 -2.31 -9.40
CA LEU A 16 -6.46 -0.92 -9.77
C LEU A 16 -6.75 -0.81 -11.27
N SER A 17 -7.98 -0.45 -11.60
CA SER A 17 -8.39 -0.31 -13.00
C SER A 17 -7.41 0.57 -13.76
N PRO A 18 -7.29 0.33 -15.08
CA PRO A 18 -6.39 1.09 -15.95
C PRO A 18 -6.86 2.52 -16.16
N ALA A 19 -7.99 2.86 -15.54
CA ALA A 19 -8.55 4.20 -15.66
C ALA A 19 -8.29 5.03 -14.40
N VAL A 20 -7.87 4.34 -13.34
CA VAL A 20 -7.59 5.01 -12.07
C VAL A 20 -6.39 5.94 -12.19
N THR A 21 -6.52 7.14 -11.64
CA THR A 21 -5.46 8.13 -11.69
C THR A 21 -5.03 8.55 -10.28
N ALA A 22 -3.84 9.15 -10.18
CA ALA A 22 -3.33 9.60 -8.90
C ALA A 22 -4.33 10.50 -8.18
N ASP A 23 -5.03 11.32 -8.95
CA ASP A 23 -6.03 12.23 -8.39
C ASP A 23 -7.11 11.46 -7.64
N ASP A 24 -7.57 10.35 -8.24
CA ASP A 24 -8.59 9.53 -7.62
C ASP A 24 -8.08 8.85 -6.36
N LEU A 25 -6.83 8.40 -6.41
CA LEU A 25 -6.21 7.73 -5.27
C LEU A 25 -6.12 8.68 -4.07
N ARG A 26 -5.64 9.89 -4.31
CA ARG A 26 -5.51 10.88 -3.26
C ARG A 26 -6.88 11.30 -2.73
N GLN A 27 -7.85 11.42 -3.64
CA GLN A 27 -9.20 11.83 -3.28
C GLN A 27 -9.88 10.74 -2.46
N LEU A 28 -9.61 9.48 -2.80
CA LEU A 28 -10.20 8.35 -2.10
C LEU A 28 -9.69 8.26 -0.66
N PHE A 29 -8.37 8.35 -0.52
CA PHE A 29 -7.74 8.28 0.80
C PHE A 29 -8.20 9.44 1.68
N GLY A 30 -8.19 10.64 1.11
CA GLY A 30 -8.61 11.82 1.85
C GLY A 30 -10.09 11.80 2.19
N ASP A 31 -10.90 11.32 1.25
CA ASP A 31 -12.34 11.26 1.46
C ASP A 31 -12.68 10.37 2.65
N ARG A 32 -11.84 9.37 2.91
CA ARG A 32 -12.05 8.46 4.01
C ARG A 32 -11.36 8.96 5.27
N LYS A 33 -11.05 10.25 5.30
CA LYS A 33 -10.38 10.86 6.44
C LYS A 33 -9.02 10.22 6.68
N LEU A 34 -8.38 9.79 5.61
CA LEU A 34 -7.06 9.15 5.70
C LEU A 34 -6.06 9.83 4.77
N PRO A 35 -5.52 10.98 5.22
CA PRO A 35 -4.54 11.75 4.45
C PRO A 35 -3.19 11.04 4.34
N LEU A 36 -2.46 11.32 3.28
CA LEU A 36 -1.15 10.71 3.06
C LEU A 36 -0.03 11.66 3.49
N ALA A 37 0.64 11.33 4.58
CA ALA A 37 1.74 12.14 5.08
C ALA A 37 3.07 11.72 4.47
N GLY A 38 3.02 11.21 3.24
CA GLY A 38 4.22 10.78 2.56
C GLY A 38 4.17 11.00 1.07
N GLN A 39 4.53 9.98 0.31
CA GLN A 39 4.52 10.06 -1.15
C GLN A 39 3.59 9.01 -1.75
N VAL A 40 3.06 9.29 -2.94
CA VAL A 40 2.16 8.37 -3.62
C VAL A 40 2.70 7.98 -4.99
N LEU A 41 2.56 6.71 -5.32
CA LEU A 41 3.04 6.20 -6.61
C LEU A 41 1.93 5.42 -7.33
N LEU A 42 1.76 5.71 -8.62
CA LEU A 42 0.75 5.05 -9.42
C LEU A 42 1.39 4.25 -10.56
N LYS A 43 1.23 2.93 -10.51
CA LYS A 43 1.79 2.07 -11.54
C LYS A 43 0.69 1.45 -12.39
N SER A 44 1.05 1.02 -13.61
CA SER A 44 0.09 0.41 -14.51
C SER A 44 -0.41 -0.93 -13.98
N GLY A 45 -1.50 -0.89 -13.23
CA GLY A 45 -2.06 -2.11 -12.68
C GLY A 45 -2.00 -2.13 -11.16
N TYR A 46 -1.18 -1.26 -10.59
CA TYR A 46 -1.03 -1.19 -9.14
C TYR A 46 -0.53 0.20 -8.71
N ALA A 47 -0.40 0.39 -7.41
CA ALA A 47 0.06 1.66 -6.87
C ALA A 47 0.65 1.48 -5.47
N PHE A 48 1.53 2.40 -5.09
CA PHE A 48 2.16 2.34 -3.77
C PHE A 48 1.91 3.63 -2.99
N VAL A 49 1.78 3.50 -1.68
CA VAL A 49 1.54 4.65 -0.81
C VAL A 49 2.37 4.57 0.46
N ASP A 50 2.89 5.71 0.90
CA ASP A 50 3.71 5.77 2.10
C ASP A 50 2.84 6.05 3.33
N TYR A 51 2.90 5.15 4.31
CA TYR A 51 2.11 5.31 5.53
C TYR A 51 2.95 5.96 6.63
N PRO A 52 2.29 6.80 7.44
CA PRO A 52 2.95 7.51 8.54
C PRO A 52 3.36 6.58 9.68
N ASP A 53 2.44 5.73 10.11
CA ASP A 53 2.70 4.78 11.18
C ASP A 53 2.05 3.43 10.89
N GLN A 54 2.44 2.41 11.65
CA GLN A 54 1.91 1.08 11.47
C GLN A 54 0.40 1.04 11.77
N ASN A 55 0.01 1.75 12.82
CA ASN A 55 -1.39 1.80 13.22
C ASN A 55 -2.24 2.43 12.13
N TRP A 56 -1.71 3.47 11.49
CA TRP A 56 -2.42 4.16 10.43
C TRP A 56 -2.62 3.25 9.23
N ALA A 57 -1.59 2.49 8.89
CA ALA A 57 -1.65 1.57 7.75
C ALA A 57 -2.69 0.47 8.00
N ILE A 58 -2.61 -0.16 9.17
CA ILE A 58 -3.55 -1.22 9.51
C ILE A 58 -4.99 -0.73 9.49
N ARG A 59 -5.20 0.44 10.08
CA ARG A 59 -6.54 1.04 10.12
C ARG A 59 -6.98 1.50 8.74
N ALA A 60 -6.06 2.09 7.99
CA ALA A 60 -6.35 2.57 6.65
C ALA A 60 -6.72 1.41 5.72
N ILE A 61 -5.94 0.34 5.79
CA ILE A 61 -6.18 -0.83 4.96
C ILE A 61 -7.54 -1.44 5.25
N GLU A 62 -7.85 -1.62 6.53
CA GLU A 62 -9.12 -2.19 6.95
C GLU A 62 -10.28 -1.30 6.52
N THR A 63 -10.05 0.01 6.56
CA THR A 63 -11.08 0.97 6.19
C THR A 63 -11.16 1.12 4.67
N LEU A 64 -10.06 0.83 3.99
CA LEU A 64 -10.01 0.94 2.54
C LEU A 64 -10.17 -0.44 1.88
N SER A 65 -9.14 -1.27 2.00
CA SER A 65 -9.16 -2.60 1.43
C SER A 65 -10.37 -3.38 1.92
N GLY A 66 -11.19 -3.85 0.97
CA GLY A 66 -12.37 -4.60 1.34
C GLY A 66 -13.52 -3.71 1.78
N LYS A 67 -13.27 -2.41 1.84
CA LYS A 67 -14.29 -1.45 2.26
C LYS A 67 -14.36 -0.29 1.28
N VAL A 68 -13.71 -0.43 0.13
CA VAL A 68 -13.71 0.61 -0.89
C VAL A 68 -13.66 0.01 -2.29
N GLU A 69 -14.54 0.48 -3.16
CA GLU A 69 -14.60 -0.01 -4.53
C GLU A 69 -14.34 1.12 -5.53
N LEU A 70 -13.47 0.86 -6.49
CA LEU A 70 -13.13 1.85 -7.50
C LEU A 70 -13.37 1.31 -8.90
N HIS A 71 -14.16 2.03 -9.69
CA HIS A 71 -14.48 1.62 -11.05
C HIS A 71 -15.22 0.30 -11.06
N GLY A 72 -15.98 0.04 -10.00
CA GLY A 72 -16.73 -1.20 -9.90
C GLY A 72 -15.87 -2.37 -9.45
N LYS A 73 -14.61 -2.09 -9.15
CA LYS A 73 -13.68 -3.13 -8.71
C LYS A 73 -13.17 -2.84 -7.31
N ILE A 74 -13.23 -3.85 -6.44
CA ILE A 74 -12.76 -3.70 -5.06
C ILE A 74 -11.25 -3.52 -5.02
N MET A 75 -10.80 -2.46 -4.35
CA MET A 75 -9.38 -2.18 -4.22
C MET A 75 -8.77 -2.99 -3.07
N GLU A 76 -7.58 -3.54 -3.32
CA GLU A 76 -6.89 -4.34 -2.32
C GLU A 76 -5.63 -3.63 -1.83
N VAL A 77 -5.47 -3.52 -0.52
CA VAL A 77 -4.31 -2.86 0.07
C VAL A 77 -3.59 -3.79 1.04
N ASP A 78 -2.28 -3.90 0.89
CA ASP A 78 -1.47 -4.75 1.74
C ASP A 78 -0.03 -4.27 1.79
N TYR A 79 0.66 -4.61 2.88
CA TYR A 79 2.06 -4.20 3.05
C TYR A 79 2.90 -4.63 1.85
N SER A 80 3.55 -3.65 1.22
CA SER A 80 4.38 -3.92 0.05
C SER A 80 5.62 -4.71 0.45
N VAL A 81 5.49 -6.03 0.50
CA VAL A 81 6.61 -6.90 0.86
C VAL A 81 6.97 -7.83 -0.29
N SER A 82 8.27 -8.10 -0.43
CA SER A 82 8.75 -8.98 -1.49
C SER A 82 9.52 -10.16 -0.91
N LYS A 83 10.60 -9.86 -0.18
CA LYS A 83 11.41 -10.91 0.44
C LYS A 83 11.58 -12.10 -0.51
N LYS A 84 11.83 -11.81 -1.78
CA LYS A 84 12.02 -12.85 -2.78
C LYS A 84 13.39 -12.76 -3.43
N LEU A 85 14.25 -13.72 -3.13
CA LEU A 85 15.60 -13.73 -3.68
C LEU A 85 16.16 -15.16 -3.71
N ARG A 86 16.65 -15.56 -4.88
CA ARG A 86 17.21 -16.90 -5.04
C ARG A 86 18.48 -17.06 -4.21
N SER A 87 18.61 -18.20 -3.54
CA SER A 87 19.78 -18.47 -2.70
C SER A 87 20.60 -19.62 -3.29
N SER A 88 21.89 -19.36 -3.50
CA SER A 88 22.79 -20.37 -4.04
C SER A 88 23.92 -20.68 -3.08
N GLY A 89 23.64 -21.54 -2.09
CA GLY A 89 24.64 -21.91 -1.11
C GLY A 89 24.05 -22.13 0.26
N PRO A 90 24.56 -23.14 0.98
CA PRO A 90 24.09 -23.48 2.33
C PRO A 90 24.49 -22.42 3.35
N SER A 91 24.25 -22.72 4.63
CA SER A 91 24.56 -21.80 5.71
C SER A 91 25.10 -22.54 6.92
N SER A 92 25.93 -21.86 7.71
CA SER A 92 26.52 -22.45 8.90
C SER A 92 25.99 -21.79 10.16
N GLY A 93 26.39 -22.31 11.32
CA GLY A 93 25.96 -21.75 12.59
C GLY A 93 24.45 -21.61 12.65
N GLY A 1 10.28 -15.28 15.50
CA GLY A 1 9.89 -13.89 15.42
C GLY A 1 10.93 -13.03 14.73
N SER A 2 10.50 -11.90 14.20
CA SER A 2 11.41 -10.99 13.50
C SER A 2 12.17 -10.12 14.49
N SER A 3 13.23 -9.46 14.00
CA SER A 3 14.05 -8.60 14.85
C SER A 3 15.09 -7.86 14.01
N GLY A 4 15.46 -6.67 14.45
CA GLY A 4 16.45 -5.88 13.74
C GLY A 4 16.35 -4.40 14.05
N SER A 5 16.28 -3.58 13.01
CA SER A 5 16.19 -2.14 13.18
C SER A 5 14.92 -1.59 12.53
N SER A 6 14.73 -0.28 12.63
CA SER A 6 13.55 0.36 12.06
C SER A 6 13.88 1.00 10.70
N GLY A 7 12.89 1.02 9.82
CA GLY A 7 13.08 1.60 8.50
C GLY A 7 11.81 2.17 7.92
N MET A 8 11.84 2.47 6.62
CA MET A 8 10.67 3.02 5.95
C MET A 8 10.09 2.01 4.95
N ASN A 9 8.81 1.71 5.11
CA ASN A 9 8.13 0.77 4.23
C ASN A 9 7.02 1.46 3.44
N LYS A 10 6.30 0.67 2.64
CA LYS A 10 5.21 1.20 1.83
C LYS A 10 4.09 0.18 1.68
N LEU A 11 2.94 0.62 1.19
CA LEU A 11 1.80 -0.26 1.01
C LEU A 11 1.52 -0.48 -0.48
N TYR A 12 1.40 -1.75 -0.87
CA TYR A 12 1.14 -2.09 -2.26
C TYR A 12 -0.36 -2.26 -2.51
N ILE A 13 -0.86 -1.60 -3.56
CA ILE A 13 -2.27 -1.68 -3.90
C ILE A 13 -2.48 -2.42 -5.22
N GLY A 14 -3.25 -3.49 -5.17
CA GLY A 14 -3.53 -4.27 -6.37
C GLY A 14 -4.97 -4.19 -6.80
N ASN A 15 -5.25 -4.67 -8.01
CA ASN A 15 -6.61 -4.65 -8.54
C ASN A 15 -7.07 -3.23 -8.81
N LEU A 16 -6.17 -2.40 -9.34
CA LEU A 16 -6.48 -1.01 -9.65
C LEU A 16 -6.87 -0.85 -11.11
N SER A 17 -8.14 -0.55 -11.36
CA SER A 17 -8.63 -0.37 -12.72
C SER A 17 -7.61 0.38 -13.57
N PRO A 18 -7.52 0.00 -14.85
CA PRO A 18 -6.59 0.63 -15.80
C PRO A 18 -7.00 2.06 -16.15
N ALA A 19 -8.06 2.54 -15.52
CA ALA A 19 -8.56 3.88 -15.77
C ALA A 19 -8.31 4.79 -14.56
N VAL A 20 -8.08 4.17 -13.41
CA VAL A 20 -7.83 4.92 -12.18
C VAL A 20 -6.66 5.87 -12.35
N THR A 21 -6.58 6.88 -11.48
CA THR A 21 -5.51 7.86 -11.53
C THR A 21 -5.11 8.31 -10.14
N ALA A 22 -3.90 8.87 -10.02
CA ALA A 22 -3.40 9.34 -8.75
C ALA A 22 -4.39 10.28 -8.07
N ASP A 23 -5.09 11.06 -8.88
CA ASP A 23 -6.08 12.01 -8.36
C ASP A 23 -7.18 11.28 -7.59
N ASP A 24 -7.65 10.17 -8.15
CA ASP A 24 -8.70 9.39 -7.52
C ASP A 24 -8.20 8.74 -6.23
N LEU A 25 -6.94 8.29 -6.25
CA LEU A 25 -6.35 7.65 -5.09
C LEU A 25 -6.24 8.63 -3.92
N ARG A 26 -5.74 9.83 -4.20
CA ARG A 26 -5.59 10.85 -3.16
C ARG A 26 -6.96 11.30 -2.65
N GLN A 27 -7.91 11.46 -3.56
CA GLN A 27 -9.25 11.88 -3.19
C GLN A 27 -9.98 10.79 -2.42
N LEU A 28 -9.75 9.55 -2.80
CA LEU A 28 -10.38 8.41 -2.15
C LEU A 28 -9.95 8.32 -0.68
N PHE A 29 -8.64 8.40 -0.46
CA PHE A 29 -8.10 8.33 0.90
C PHE A 29 -8.60 9.49 1.75
N GLY A 30 -8.53 10.70 1.18
CA GLY A 30 -8.98 11.88 1.90
C GLY A 30 -10.44 11.80 2.29
N ASP A 31 -11.26 11.25 1.40
CA ASP A 31 -12.69 11.12 1.66
C ASP A 31 -12.94 10.21 2.85
N ARG A 32 -11.99 9.32 3.13
CA ARG A 32 -12.12 8.39 4.25
C ARG A 32 -11.41 8.93 5.49
N LYS A 33 -11.16 10.24 5.50
CA LYS A 33 -10.49 10.88 6.63
C LYS A 33 -9.13 10.24 6.88
N LEU A 34 -8.46 9.83 5.81
CA LEU A 34 -7.15 9.21 5.92
C LEU A 34 -6.16 9.84 4.94
N PRO A 35 -5.61 11.00 5.33
CA PRO A 35 -4.64 11.73 4.50
C PRO A 35 -3.30 11.01 4.42
N LEU A 36 -2.57 11.28 3.34
CA LEU A 36 -1.26 10.66 3.14
C LEU A 36 -0.13 11.62 3.48
N ALA A 37 0.59 11.33 4.56
CA ALA A 37 1.69 12.18 4.99
C ALA A 37 3.02 11.71 4.39
N GLY A 38 2.94 11.07 3.22
CA GLY A 38 4.14 10.58 2.56
C GLY A 38 4.08 10.76 1.06
N GLN A 39 4.81 9.92 0.34
CA GLN A 39 4.84 9.99 -1.12
C GLN A 39 3.85 9.01 -1.74
N VAL A 40 3.37 9.34 -2.93
CA VAL A 40 2.41 8.49 -3.63
C VAL A 40 3.00 7.98 -4.96
N LEU A 41 2.78 6.71 -5.23
CA LEU A 41 3.29 6.10 -6.46
C LEU A 41 2.17 5.35 -7.19
N LEU A 42 2.03 5.63 -8.48
CA LEU A 42 1.00 4.98 -9.29
C LEU A 42 1.62 4.19 -10.43
N LYS A 43 1.47 2.87 -10.39
CA LYS A 43 2.02 2.00 -11.43
C LYS A 43 0.90 1.41 -12.28
N SER A 44 1.26 0.96 -13.48
CA SER A 44 0.29 0.37 -14.39
C SER A 44 -0.21 -0.97 -13.87
N GLY A 45 -1.32 -0.93 -13.13
CA GLY A 45 -1.89 -2.14 -12.57
C GLY A 45 -1.86 -2.15 -11.05
N TYR A 46 -1.05 -1.28 -10.47
CA TYR A 46 -0.95 -1.19 -9.02
C TYR A 46 -0.43 0.19 -8.60
N ALA A 47 -0.36 0.41 -7.29
CA ALA A 47 0.12 1.66 -6.75
C ALA A 47 0.73 1.48 -5.36
N PHE A 48 1.67 2.36 -5.01
CA PHE A 48 2.32 2.30 -3.71
C PHE A 48 2.17 3.61 -2.96
N VAL A 49 1.93 3.52 -1.66
CA VAL A 49 1.77 4.70 -0.82
C VAL A 49 2.54 4.57 0.49
N ASP A 50 3.14 5.66 0.92
CA ASP A 50 3.93 5.66 2.16
C ASP A 50 3.04 6.01 3.36
N TYR A 51 3.00 5.12 4.33
CA TYR A 51 2.19 5.33 5.53
C TYR A 51 3.01 6.00 6.62
N PRO A 52 2.35 6.87 7.40
CA PRO A 52 2.99 7.60 8.50
C PRO A 52 3.35 6.69 9.66
N ASP A 53 2.38 5.91 10.12
CA ASP A 53 2.61 4.99 11.23
C ASP A 53 2.02 3.61 10.92
N GLN A 54 2.45 2.60 11.68
CA GLN A 54 1.98 1.24 11.48
C GLN A 54 0.48 1.14 11.74
N ASN A 55 0.01 1.88 12.73
CA ASN A 55 -1.41 1.86 13.08
C ASN A 55 -2.24 2.48 11.96
N TRP A 56 -1.79 3.62 11.45
CA TRP A 56 -2.50 4.31 10.38
C TRP A 56 -2.64 3.40 9.16
N ALA A 57 -1.57 2.69 8.83
CA ALA A 57 -1.58 1.78 7.69
C ALA A 57 -2.62 0.67 7.86
N ILE A 58 -2.60 0.04 9.04
CA ILE A 58 -3.54 -1.03 9.33
C ILE A 58 -4.98 -0.53 9.30
N ARG A 59 -5.21 0.62 9.92
CA ARG A 59 -6.54 1.21 9.97
C ARG A 59 -6.97 1.69 8.58
N ALA A 60 -6.03 2.24 7.83
CA ALA A 60 -6.31 2.73 6.49
C ALA A 60 -6.62 1.59 5.54
N ILE A 61 -5.79 0.55 5.58
CA ILE A 61 -5.98 -0.61 4.72
C ILE A 61 -7.31 -1.31 5.02
N GLU A 62 -7.57 -1.54 6.30
CA GLU A 62 -8.80 -2.20 6.72
C GLU A 62 -10.02 -1.36 6.34
N THR A 63 -9.90 -0.05 6.51
CA THR A 63 -11.00 0.86 6.18
C THR A 63 -11.11 1.07 4.67
N LEU A 64 -10.00 0.87 3.97
CA LEU A 64 -9.97 1.03 2.52
C LEU A 64 -10.15 -0.30 1.81
N SER A 65 -9.11 -1.13 1.84
CA SER A 65 -9.14 -2.44 1.21
C SER A 65 -10.28 -3.28 1.77
N GLY A 66 -11.16 -3.74 0.88
CA GLY A 66 -12.30 -4.55 1.30
C GLY A 66 -13.50 -3.71 1.65
N LYS A 67 -13.30 -2.42 1.86
CA LYS A 67 -14.38 -1.51 2.20
C LYS A 67 -14.39 -0.30 1.28
N VAL A 68 -13.75 -0.43 0.13
CA VAL A 68 -13.68 0.65 -0.84
C VAL A 68 -13.66 0.12 -2.27
N GLU A 69 -14.56 0.63 -3.11
CA GLU A 69 -14.63 0.20 -4.50
C GLU A 69 -14.25 1.34 -5.43
N LEU A 70 -13.45 1.03 -6.45
CA LEU A 70 -13.02 2.03 -7.42
C LEU A 70 -13.34 1.59 -8.84
N HIS A 71 -14.13 2.38 -9.55
CA HIS A 71 -14.50 2.07 -10.92
C HIS A 71 -15.33 0.78 -10.98
N GLY A 72 -16.00 0.46 -9.87
CA GLY A 72 -16.81 -0.73 -9.82
C GLY A 72 -16.03 -1.95 -9.35
N LYS A 73 -14.71 -1.81 -9.32
CA LYS A 73 -13.84 -2.90 -8.88
C LYS A 73 -13.30 -2.64 -7.48
N ILE A 74 -13.37 -3.66 -6.63
CA ILE A 74 -12.90 -3.54 -5.26
C ILE A 74 -11.37 -3.39 -5.21
N MET A 75 -10.90 -2.40 -4.48
CA MET A 75 -9.47 -2.15 -4.36
C MET A 75 -8.86 -3.03 -3.27
N GLU A 76 -7.68 -3.59 -3.56
CA GLU A 76 -6.99 -4.45 -2.61
C GLU A 76 -5.68 -3.82 -2.15
N VAL A 77 -5.54 -3.64 -0.84
CA VAL A 77 -4.33 -3.05 -0.27
C VAL A 77 -3.58 -4.06 0.60
N ASP A 78 -2.27 -4.14 0.40
CA ASP A 78 -1.44 -5.06 1.17
C ASP A 78 -0.03 -4.50 1.35
N TYR A 79 0.60 -4.83 2.47
CA TYR A 79 1.94 -4.37 2.76
C TYR A 79 2.86 -4.54 1.55
N SER A 80 3.71 -3.55 1.32
CA SER A 80 4.64 -3.60 0.20
C SER A 80 5.95 -4.26 0.60
N VAL A 81 5.99 -5.58 0.47
CA VAL A 81 7.18 -6.34 0.82
C VAL A 81 7.37 -7.54 -0.10
N SER A 82 8.57 -8.11 -0.09
CA SER A 82 8.88 -9.26 -0.94
C SER A 82 9.41 -10.42 -0.10
N LYS A 83 8.78 -10.66 1.04
CA LYS A 83 9.19 -11.74 1.93
C LYS A 83 8.24 -12.93 1.82
N LYS A 84 8.75 -14.12 2.09
CA LYS A 84 7.95 -15.34 2.02
C LYS A 84 8.69 -16.51 2.63
N LEU A 85 7.95 -17.51 3.10
CA LEU A 85 8.53 -18.70 3.71
C LEU A 85 7.83 -19.96 3.23
N ARG A 86 8.57 -21.06 3.17
CA ARG A 86 8.02 -22.33 2.73
C ARG A 86 7.91 -23.31 3.90
N SER A 87 6.99 -24.27 3.78
CA SER A 87 6.79 -25.26 4.83
C SER A 87 7.68 -26.47 4.60
N SER A 88 8.30 -26.94 5.68
CA SER A 88 9.20 -28.10 5.60
C SER A 88 8.75 -29.19 6.57
N GLY A 89 8.39 -28.78 7.78
CA GLY A 89 7.96 -29.73 8.79
C GLY A 89 6.56 -29.46 9.28
N PRO A 90 5.55 -29.94 8.51
CA PRO A 90 4.14 -29.75 8.85
C PRO A 90 3.73 -30.56 10.07
N SER A 91 3.57 -29.87 11.21
CA SER A 91 3.17 -30.54 12.44
C SER A 91 2.74 -29.52 13.49
N SER A 92 2.10 -30.00 14.55
CA SER A 92 1.63 -29.13 15.62
C SER A 92 2.70 -28.12 16.02
N GLY A 93 3.90 -28.63 16.27
CA GLY A 93 5.01 -27.77 16.65
C GLY A 93 6.35 -28.42 16.44
N GLY A 1 21.12 -6.64 13.09
CA GLY A 1 20.18 -5.58 13.36
C GLY A 1 19.81 -4.80 12.11
N SER A 2 19.43 -3.55 12.29
CA SER A 2 19.04 -2.69 11.17
C SER A 2 20.22 -1.87 10.68
N SER A 3 20.92 -2.37 9.67
CA SER A 3 22.08 -1.68 9.12
C SER A 3 21.93 -1.51 7.61
N GLY A 4 22.52 -0.43 7.08
CA GLY A 4 22.44 -0.18 5.66
C GLY A 4 21.03 0.11 5.19
N SER A 5 20.59 -0.58 4.15
CA SER A 5 19.25 -0.40 3.61
C SER A 5 18.21 -0.39 4.72
N SER A 6 17.43 0.68 4.78
CA SER A 6 16.40 0.82 5.80
C SER A 6 15.57 2.08 5.57
N GLY A 7 14.50 2.24 6.34
CA GLY A 7 13.64 3.39 6.21
C GLY A 7 12.17 3.02 6.14
N MET A 8 11.30 4.01 6.30
CA MET A 8 9.86 3.79 6.26
C MET A 8 9.49 2.85 5.11
N ASN A 9 8.41 2.10 5.29
CA ASN A 9 7.95 1.17 4.27
C ASN A 9 6.79 1.75 3.48
N LYS A 10 6.21 0.95 2.59
CA LYS A 10 5.09 1.39 1.77
C LYS A 10 4.05 0.28 1.65
N LEU A 11 2.86 0.64 1.16
CA LEU A 11 1.79 -0.31 0.98
C LEU A 11 1.53 -0.58 -0.50
N TYR A 12 1.35 -1.85 -0.85
CA TYR A 12 1.10 -2.23 -2.23
C TYR A 12 -0.39 -2.36 -2.49
N ILE A 13 -0.87 -1.69 -3.54
CA ILE A 13 -2.27 -1.73 -3.91
C ILE A 13 -2.50 -2.47 -5.22
N GLY A 14 -3.29 -3.54 -5.17
CA GLY A 14 -3.56 -4.31 -6.37
C GLY A 14 -5.02 -4.25 -6.78
N ASN A 15 -5.31 -4.69 -8.00
CA ASN A 15 -6.68 -4.68 -8.50
C ASN A 15 -7.14 -3.26 -8.80
N LEU A 16 -6.26 -2.45 -9.37
CA LEU A 16 -6.57 -1.07 -9.71
C LEU A 16 -6.88 -0.93 -11.19
N SER A 17 -8.02 -0.32 -11.49
CA SER A 17 -8.44 -0.11 -12.87
C SER A 17 -7.46 0.78 -13.62
N PRO A 18 -7.29 0.53 -14.92
CA PRO A 18 -6.39 1.31 -15.77
C PRO A 18 -6.87 2.74 -16.00
N ALA A 19 -8.08 3.03 -15.51
CA ALA A 19 -8.66 4.36 -15.66
C ALA A 19 -8.36 5.22 -14.43
N VAL A 20 -8.06 4.57 -13.31
CA VAL A 20 -7.76 5.29 -12.08
C VAL A 20 -6.53 6.18 -12.24
N THR A 21 -6.57 7.35 -11.61
CA THR A 21 -5.46 8.29 -11.69
C THR A 21 -4.95 8.66 -10.30
N ALA A 22 -3.76 9.25 -10.25
CA ALA A 22 -3.15 9.66 -8.98
C ALA A 22 -4.09 10.57 -8.21
N ASP A 23 -4.73 11.50 -8.91
CA ASP A 23 -5.66 12.44 -8.29
C ASP A 23 -6.78 11.70 -7.58
N ASP A 24 -7.29 10.65 -8.22
CA ASP A 24 -8.38 9.86 -7.65
C ASP A 24 -7.92 9.14 -6.39
N LEU A 25 -6.71 8.58 -6.43
CA LEU A 25 -6.16 7.86 -5.29
C LEU A 25 -6.02 8.78 -4.08
N ARG A 26 -5.45 9.96 -4.30
CA ARG A 26 -5.26 10.92 -3.23
C ARG A 26 -6.61 11.36 -2.64
N GLN A 27 -7.58 11.61 -3.52
CA GLN A 27 -8.90 12.03 -3.08
C GLN A 27 -9.63 10.90 -2.37
N LEU A 28 -9.39 9.66 -2.83
CA LEU A 28 -10.02 8.50 -2.23
C LEU A 28 -9.63 8.36 -0.77
N PHE A 29 -8.34 8.43 -0.49
CA PHE A 29 -7.83 8.31 0.87
C PHE A 29 -8.32 9.46 1.73
N GLY A 30 -8.23 10.68 1.19
CA GLY A 30 -8.66 11.85 1.93
C GLY A 30 -10.14 11.79 2.29
N ASP A 31 -10.95 11.27 1.39
CA ASP A 31 -12.39 11.16 1.61
C ASP A 31 -12.68 10.21 2.77
N ARG A 32 -11.75 9.30 3.04
CA ARG A 32 -11.91 8.32 4.12
C ARG A 32 -11.23 8.82 5.39
N LYS A 33 -10.98 10.12 5.45
CA LYS A 33 -10.33 10.72 6.62
C LYS A 33 -8.95 10.13 6.83
N LEU A 34 -8.24 9.87 5.74
CA LEU A 34 -6.89 9.32 5.80
C LEU A 34 -5.95 10.07 4.88
N PRO A 35 -5.45 11.22 5.35
CA PRO A 35 -4.52 12.05 4.58
C PRO A 35 -3.15 11.40 4.42
N LEU A 36 -2.70 11.27 3.18
CA LEU A 36 -1.40 10.67 2.91
C LEU A 36 -0.26 11.65 3.21
N ALA A 37 0.34 11.49 4.38
CA ALA A 37 1.44 12.36 4.79
C ALA A 37 2.77 11.85 4.26
N GLY A 38 2.74 11.27 3.06
CA GLY A 38 3.95 10.74 2.46
C GLY A 38 3.97 10.90 0.95
N GLN A 39 4.47 9.89 0.25
CA GLN A 39 4.54 9.92 -1.20
C GLN A 39 3.60 8.89 -1.81
N VAL A 40 3.12 9.17 -3.02
CA VAL A 40 2.21 8.27 -3.71
C VAL A 40 2.78 7.84 -5.07
N LEU A 41 2.65 6.56 -5.38
CA LEU A 41 3.16 6.02 -6.63
C LEU A 41 2.07 5.23 -7.36
N LEU A 42 1.80 5.62 -8.61
CA LEU A 42 0.79 4.95 -9.41
C LEU A 42 1.43 4.10 -10.50
N LYS A 43 1.24 2.79 -10.41
CA LYS A 43 1.81 1.87 -11.39
C LYS A 43 0.71 1.25 -12.24
N SER A 44 1.08 0.75 -13.42
CA SER A 44 0.12 0.13 -14.33
C SER A 44 -0.41 -1.18 -13.74
N GLY A 45 -1.54 -1.09 -13.04
CA GLY A 45 -2.14 -2.27 -12.45
C GLY A 45 -2.07 -2.25 -10.94
N TYR A 46 -1.24 -1.37 -10.39
CA TYR A 46 -1.08 -1.26 -8.95
C TYR A 46 -0.59 0.14 -8.56
N ALA A 47 -0.44 0.36 -7.26
CA ALA A 47 0.02 1.65 -6.76
C ALA A 47 0.58 1.52 -5.35
N PHE A 48 1.63 2.28 -5.05
CA PHE A 48 2.25 2.26 -3.74
C PHE A 48 1.99 3.55 -2.97
N VAL A 49 1.76 3.42 -1.67
CA VAL A 49 1.50 4.58 -0.83
C VAL A 49 2.31 4.52 0.46
N ASP A 50 2.80 5.67 0.90
CA ASP A 50 3.59 5.74 2.13
C ASP A 50 2.70 6.06 3.33
N TYR A 51 2.72 5.17 4.31
CA TYR A 51 1.91 5.36 5.52
C TYR A 51 2.70 6.10 6.60
N PRO A 52 2.00 6.96 7.34
CA PRO A 52 2.62 7.75 8.43
C PRO A 52 3.01 6.89 9.62
N ASP A 53 2.07 6.07 10.08
CA ASP A 53 2.32 5.19 11.22
C ASP A 53 1.74 3.80 10.97
N GLN A 54 2.21 2.82 11.74
CA GLN A 54 1.74 1.45 11.60
C GLN A 54 0.24 1.36 11.85
N ASN A 55 -0.24 2.13 12.81
CA ASN A 55 -1.66 2.14 13.16
C ASN A 55 -2.50 2.66 11.99
N TRP A 56 -2.03 3.75 11.38
CA TRP A 56 -2.73 4.34 10.24
C TRP A 56 -2.75 3.39 9.05
N ALA A 57 -1.62 2.75 8.79
CA ALA A 57 -1.51 1.81 7.68
C ALA A 57 -2.49 0.64 7.85
N ILE A 58 -2.49 0.05 9.03
CA ILE A 58 -3.39 -1.08 9.31
C ILE A 58 -4.85 -0.65 9.25
N ARG A 59 -5.15 0.49 9.83
CA ARG A 59 -6.52 1.02 9.83
C ARG A 59 -6.93 1.46 8.42
N ALA A 60 -5.96 1.96 7.66
CA ALA A 60 -6.23 2.42 6.30
C ALA A 60 -6.57 1.25 5.39
N ILE A 61 -5.78 0.19 5.47
CA ILE A 61 -6.01 -1.00 4.65
C ILE A 61 -7.33 -1.66 4.99
N GLU A 62 -7.56 -1.85 6.29
CA GLU A 62 -8.80 -2.49 6.75
C GLU A 62 -10.01 -1.64 6.37
N THR A 63 -9.86 -0.33 6.44
CA THR A 63 -10.94 0.59 6.11
C THR A 63 -11.07 0.76 4.60
N LEU A 64 -9.98 0.52 3.88
CA LEU A 64 -9.98 0.64 2.43
C LEU A 64 -10.13 -0.73 1.76
N SER A 65 -9.10 -1.57 1.91
CA SER A 65 -9.12 -2.90 1.33
C SER A 65 -10.34 -3.69 1.80
N GLY A 66 -11.21 -4.03 0.85
CA GLY A 66 -12.40 -4.79 1.20
C GLY A 66 -13.53 -3.89 1.69
N LYS A 67 -13.23 -2.61 1.87
CA LYS A 67 -14.22 -1.65 2.35
C LYS A 67 -14.31 -0.45 1.40
N VAL A 68 -13.66 -0.57 0.25
CA VAL A 68 -13.66 0.51 -0.74
C VAL A 68 -13.62 -0.04 -2.15
N GLU A 69 -14.54 0.43 -3.00
CA GLU A 69 -14.60 -0.02 -4.39
C GLU A 69 -14.39 1.15 -5.36
N LEU A 70 -13.50 0.96 -6.32
CA LEU A 70 -13.21 2.00 -7.30
C LEU A 70 -13.52 1.51 -8.71
N HIS A 71 -14.36 2.25 -9.41
CA HIS A 71 -14.74 1.89 -10.79
C HIS A 71 -15.45 0.55 -10.81
N GLY A 72 -16.18 0.24 -9.74
CA GLY A 72 -16.90 -1.02 -9.67
C GLY A 72 -16.00 -2.18 -9.33
N LYS A 73 -14.73 -1.90 -9.05
CA LYS A 73 -13.76 -2.92 -8.71
C LYS A 73 -13.23 -2.72 -7.29
N ILE A 74 -13.24 -3.79 -6.50
CA ILE A 74 -12.76 -3.73 -5.13
C ILE A 74 -11.24 -3.53 -5.09
N MET A 75 -10.81 -2.53 -4.33
CA MET A 75 -9.38 -2.24 -4.20
C MET A 75 -8.75 -3.10 -3.10
N GLU A 76 -7.57 -3.64 -3.38
CA GLU A 76 -6.86 -4.47 -2.41
C GLU A 76 -5.56 -3.81 -1.97
N VAL A 77 -5.42 -3.60 -0.67
CA VAL A 77 -4.23 -2.97 -0.11
C VAL A 77 -3.53 -3.90 0.88
N ASP A 78 -2.23 -4.10 0.67
CA ASP A 78 -1.44 -4.97 1.54
C ASP A 78 0.01 -4.51 1.60
N TYR A 79 0.64 -4.68 2.76
CA TYR A 79 2.03 -4.29 2.93
C TYR A 79 2.85 -4.59 1.68
N SER A 80 3.93 -3.83 1.49
CA SER A 80 4.80 -4.02 0.33
C SER A 80 5.98 -4.91 0.68
N VAL A 81 5.68 -6.14 1.08
CA VAL A 81 6.73 -7.09 1.46
C VAL A 81 6.68 -8.32 0.56
N SER A 82 7.83 -8.67 -0.02
CA SER A 82 7.91 -9.82 -0.91
C SER A 82 8.48 -11.04 -0.16
N LYS A 83 9.56 -10.81 0.59
CA LYS A 83 10.19 -11.87 1.35
C LYS A 83 11.22 -11.30 2.32
N LYS A 84 10.88 -11.33 3.61
CA LYS A 84 11.77 -10.82 4.64
C LYS A 84 12.95 -11.76 4.86
N LEU A 85 14.09 -11.19 5.24
CA LEU A 85 15.29 -11.99 5.48
C LEU A 85 15.72 -11.90 6.95
N ARG A 86 15.36 -12.90 7.73
CA ARG A 86 15.70 -12.94 9.14
C ARG A 86 15.80 -14.37 9.64
N SER A 87 16.68 -14.59 10.63
CA SER A 87 16.88 -15.92 11.19
C SER A 87 17.11 -15.84 12.69
N SER A 88 16.72 -16.91 13.39
CA SER A 88 16.87 -16.96 14.85
C SER A 88 17.86 -18.04 15.25
N GLY A 89 18.56 -17.83 16.36
CA GLY A 89 19.53 -18.80 16.82
C GLY A 89 20.92 -18.22 16.98
N PRO A 90 21.15 -17.52 18.10
CA PRO A 90 22.45 -16.90 18.38
C PRO A 90 23.54 -17.92 18.66
N SER A 91 24.45 -18.08 17.71
CA SER A 91 25.55 -19.04 17.87
C SER A 91 26.90 -18.33 17.86
N SER A 92 27.66 -18.51 18.92
CA SER A 92 28.98 -17.88 19.04
C SER A 92 29.96 -18.81 19.74
N GLY A 93 31.17 -18.91 19.19
CA GLY A 93 32.18 -19.77 19.78
C GLY A 93 33.38 -18.98 20.28
N GLY A 1 9.77 3.83 18.79
CA GLY A 1 8.79 4.83 19.18
C GLY A 1 7.82 5.15 18.07
N SER A 2 7.64 6.45 17.81
CA SER A 2 6.73 6.89 16.76
C SER A 2 7.50 7.42 15.55
N SER A 3 8.31 8.45 15.77
CA SER A 3 9.11 9.04 14.71
C SER A 3 10.24 8.12 14.29
N GLY A 4 10.56 8.11 12.99
CA GLY A 4 11.62 7.27 12.49
C GLY A 4 12.78 8.07 11.92
N SER A 5 13.95 7.95 12.56
CA SER A 5 15.13 8.68 12.11
C SER A 5 15.44 8.37 10.65
N SER A 6 15.47 7.09 10.32
CA SER A 6 15.75 6.67 8.94
C SER A 6 14.97 5.41 8.60
N GLY A 7 14.62 5.28 7.32
CA GLY A 7 13.86 4.12 6.88
C GLY A 7 12.37 4.40 6.77
N MET A 8 11.77 4.01 5.65
CA MET A 8 10.35 4.22 5.44
C MET A 8 9.75 3.09 4.60
N ASN A 9 8.59 2.59 5.03
CA ASN A 9 7.93 1.51 4.32
C ASN A 9 6.81 2.05 3.43
N LYS A 10 6.19 1.17 2.65
CA LYS A 10 5.11 1.56 1.76
C LYS A 10 4.09 0.44 1.62
N LEU A 11 2.93 0.76 1.06
CA LEU A 11 1.87 -0.22 0.87
C LEU A 11 1.63 -0.49 -0.62
N TYR A 12 1.46 -1.75 -0.96
CA TYR A 12 1.22 -2.15 -2.35
C TYR A 12 -0.26 -2.34 -2.62
N ILE A 13 -0.80 -1.55 -3.54
CA ILE A 13 -2.22 -1.65 -3.89
C ILE A 13 -2.41 -2.44 -5.17
N GLY A 14 -3.22 -3.49 -5.10
CA GLY A 14 -3.47 -4.31 -6.26
C GLY A 14 -4.93 -4.24 -6.71
N ASN A 15 -5.18 -4.69 -7.94
CA ASN A 15 -6.54 -4.67 -8.48
C ASN A 15 -6.99 -3.24 -8.77
N LEU A 16 -6.09 -2.45 -9.34
CA LEU A 16 -6.41 -1.06 -9.67
C LEU A 16 -6.63 -0.90 -11.17
N SER A 17 -7.89 -0.75 -11.56
CA SER A 17 -8.24 -0.58 -12.97
C SER A 17 -7.27 0.37 -13.66
N PRO A 18 -7.08 0.16 -14.97
CA PRO A 18 -6.17 0.99 -15.78
C PRO A 18 -6.69 2.41 -15.97
N ALA A 19 -7.86 2.69 -15.41
CA ALA A 19 -8.47 4.00 -15.51
C ALA A 19 -8.25 4.82 -14.24
N VAL A 20 -7.87 4.14 -13.17
CA VAL A 20 -7.62 4.80 -11.89
C VAL A 20 -6.54 5.87 -12.02
N THR A 21 -6.74 6.99 -11.34
CA THR A 21 -5.78 8.10 -11.39
C THR A 21 -5.31 8.47 -9.99
N ALA A 22 -4.13 9.07 -9.90
CA ALA A 22 -3.57 9.48 -8.63
C ALA A 22 -4.53 10.40 -7.88
N ASP A 23 -5.23 11.26 -8.62
CA ASP A 23 -6.18 12.18 -8.01
C ASP A 23 -7.29 11.42 -7.29
N ASP A 24 -7.75 10.33 -7.89
CA ASP A 24 -8.80 9.51 -7.30
C ASP A 24 -8.32 8.81 -6.04
N LEU A 25 -7.07 8.36 -6.07
CA LEU A 25 -6.48 7.67 -4.93
C LEU A 25 -6.37 8.61 -3.72
N ARG A 26 -5.86 9.81 -3.95
CA ARG A 26 -5.72 10.79 -2.88
C ARG A 26 -7.08 11.21 -2.34
N GLN A 27 -8.04 11.43 -3.24
CA GLN A 27 -9.38 11.84 -2.85
C GLN A 27 -10.05 10.76 -2.00
N LEU A 28 -9.76 9.51 -2.30
CA LEU A 28 -10.32 8.38 -1.56
C LEU A 28 -9.80 8.36 -0.12
N PHE A 29 -8.49 8.45 0.02
CA PHE A 29 -7.85 8.45 1.35
C PHE A 29 -8.26 9.68 2.13
N GLY A 30 -8.18 10.84 1.50
CA GLY A 30 -8.54 12.08 2.16
C GLY A 30 -10.00 12.10 2.62
N ASP A 31 -10.86 11.49 1.82
CA ASP A 31 -12.28 11.44 2.13
C ASP A 31 -12.52 10.71 3.46
N ARG A 32 -11.71 9.70 3.73
CA ARG A 32 -11.83 8.93 4.95
C ARG A 32 -10.97 9.52 6.06
N LYS A 33 -10.61 10.80 5.90
CA LYS A 33 -9.79 11.49 6.89
C LYS A 33 -8.42 10.82 7.03
N LEU A 34 -7.85 10.41 5.90
CA LEU A 34 -6.55 9.75 5.89
C LEU A 34 -5.56 10.51 5.00
N PRO A 35 -5.02 11.61 5.53
CA PRO A 35 -4.06 12.45 4.80
C PRO A 35 -2.72 11.76 4.62
N LEU A 36 -2.40 11.39 3.39
CA LEU A 36 -1.14 10.72 3.08
C LEU A 36 0.05 11.60 3.46
N ALA A 37 0.67 11.28 4.59
CA ALA A 37 1.82 12.03 5.06
C ALA A 37 3.11 11.53 4.41
N GLY A 38 3.02 11.16 3.14
CA GLY A 38 4.18 10.67 2.43
C GLY A 38 4.05 10.82 0.92
N GLN A 39 4.83 10.04 0.18
CA GLN A 39 4.80 10.09 -1.27
C GLN A 39 3.83 9.05 -1.83
N VAL A 40 3.27 9.34 -3.01
CA VAL A 40 2.33 8.42 -3.64
C VAL A 40 2.82 8.02 -5.03
N LEU A 41 2.68 6.73 -5.35
CA LEU A 41 3.11 6.22 -6.64
C LEU A 41 1.99 5.40 -7.29
N LEU A 42 1.76 5.66 -8.58
CA LEU A 42 0.72 4.94 -9.32
C LEU A 42 1.32 4.17 -10.48
N LYS A 43 1.23 2.84 -10.41
CA LYS A 43 1.76 1.99 -11.47
C LYS A 43 0.63 1.32 -12.25
N SER A 44 0.93 0.89 -13.47
CA SER A 44 -0.06 0.24 -14.32
C SER A 44 -0.45 -1.12 -13.74
N GLY A 45 -1.50 -1.13 -12.94
CA GLY A 45 -1.97 -2.37 -12.34
C GLY A 45 -1.86 -2.36 -10.82
N TYR A 46 -1.05 -1.44 -10.30
CA TYR A 46 -0.85 -1.33 -8.85
C TYR A 46 -0.39 0.08 -8.47
N ALA A 47 -0.30 0.32 -7.17
CA ALA A 47 0.13 1.63 -6.68
C ALA A 47 0.88 1.49 -5.36
N PHE A 48 1.82 2.40 -5.13
CA PHE A 48 2.61 2.38 -3.90
C PHE A 48 2.43 3.67 -3.11
N VAL A 49 1.92 3.53 -1.88
CA VAL A 49 1.69 4.68 -1.02
C VAL A 49 2.48 4.56 0.28
N ASP A 50 3.01 5.68 0.75
CA ASP A 50 3.78 5.71 1.98
C ASP A 50 2.89 6.01 3.18
N TYR A 51 2.94 5.15 4.18
CA TYR A 51 2.13 5.33 5.39
C TYR A 51 2.95 5.94 6.51
N PRO A 52 2.31 6.81 7.31
CA PRO A 52 2.97 7.48 8.44
C PRO A 52 3.30 6.52 9.58
N ASP A 53 2.32 5.73 9.99
CA ASP A 53 2.50 4.77 11.06
C ASP A 53 1.78 3.47 10.76
N GLN A 54 2.25 2.38 11.36
CA GLN A 54 1.64 1.07 11.15
C GLN A 54 0.16 1.09 11.50
N ASN A 55 -0.18 1.82 12.56
CA ASN A 55 -1.57 1.93 13.00
C ASN A 55 -2.43 2.57 11.91
N TRP A 56 -1.91 3.60 11.28
CA TRP A 56 -2.64 4.31 10.23
C TRP A 56 -2.85 3.40 9.03
N ALA A 57 -1.81 2.67 8.64
CA ALA A 57 -1.88 1.77 7.50
C ALA A 57 -2.95 0.70 7.73
N ILE A 58 -2.96 0.11 8.91
CA ILE A 58 -3.92 -0.92 9.26
C ILE A 58 -5.35 -0.39 9.18
N ARG A 59 -5.56 0.80 9.72
CA ARG A 59 -6.88 1.42 9.70
C ARG A 59 -7.28 1.82 8.28
N ALA A 60 -6.31 2.34 7.53
CA ALA A 60 -6.56 2.76 6.15
C ALA A 60 -6.90 1.57 5.27
N ILE A 61 -6.11 0.50 5.38
CA ILE A 61 -6.31 -0.70 4.59
C ILE A 61 -7.65 -1.36 4.94
N GLU A 62 -7.89 -1.51 6.24
CA GLU A 62 -9.13 -2.13 6.71
C GLU A 62 -10.34 -1.31 6.30
N THR A 63 -10.21 0.01 6.37
CA THR A 63 -11.29 0.92 6.01
C THR A 63 -11.38 1.08 4.50
N LEU A 64 -10.28 0.82 3.81
CA LEU A 64 -10.24 0.94 2.35
C LEU A 64 -10.32 -0.43 1.70
N SER A 65 -9.23 -1.19 1.76
CA SER A 65 -9.18 -2.52 1.16
C SER A 65 -10.34 -3.37 1.65
N GLY A 66 -11.19 -3.79 0.71
CA GLY A 66 -12.33 -4.61 1.07
C GLY A 66 -13.56 -3.78 1.40
N LYS A 67 -13.35 -2.50 1.70
CA LYS A 67 -14.45 -1.61 2.03
C LYS A 67 -14.49 -0.42 1.08
N VAL A 68 -13.84 -0.57 -0.07
CA VAL A 68 -13.81 0.49 -1.07
C VAL A 68 -13.75 -0.09 -2.49
N GLU A 69 -14.66 0.38 -3.34
CA GLU A 69 -14.71 -0.10 -4.72
C GLU A 69 -14.27 1.00 -5.69
N LEU A 70 -13.58 0.60 -6.75
CA LEU A 70 -13.10 1.55 -7.75
C LEU A 70 -13.33 1.01 -9.16
N HIS A 71 -14.12 1.74 -9.94
CA HIS A 71 -14.42 1.34 -11.31
C HIS A 71 -15.19 0.03 -11.34
N GLY A 72 -15.89 -0.27 -10.24
CA GLY A 72 -16.66 -1.50 -10.16
C GLY A 72 -15.85 -2.65 -9.61
N LYS A 73 -14.55 -2.44 -9.46
CA LYS A 73 -13.66 -3.48 -8.94
C LYS A 73 -13.17 -3.11 -7.54
N ILE A 74 -13.24 -4.08 -6.63
CA ILE A 74 -12.79 -3.86 -5.26
C ILE A 74 -11.29 -3.66 -5.19
N MET A 75 -10.87 -2.60 -4.51
CA MET A 75 -9.44 -2.31 -4.36
C MET A 75 -8.83 -3.10 -3.21
N GLU A 76 -7.64 -3.64 -3.44
CA GLU A 76 -6.96 -4.42 -2.41
C GLU A 76 -5.66 -3.75 -2.00
N VAL A 77 -5.50 -3.53 -0.70
CA VAL A 77 -4.30 -2.89 -0.17
C VAL A 77 -3.55 -3.83 0.77
N ASP A 78 -2.25 -3.96 0.54
CA ASP A 78 -1.41 -4.83 1.37
C ASP A 78 0.04 -4.38 1.34
N TYR A 79 0.71 -4.47 2.47
CA TYR A 79 2.11 -4.07 2.57
C TYR A 79 2.89 -4.51 1.34
N SER A 80 3.95 -3.77 1.03
CA SER A 80 4.79 -4.07 -0.13
C SER A 80 5.80 -5.16 0.20
N VAL A 81 5.96 -5.43 1.48
CA VAL A 81 6.90 -6.45 1.93
C VAL A 81 6.32 -7.86 1.78
N SER A 82 5.00 -7.92 1.62
CA SER A 82 4.31 -9.19 1.45
C SER A 82 4.72 -9.88 0.16
N LYS A 83 5.43 -11.00 0.28
CA LYS A 83 5.90 -11.75 -0.88
C LYS A 83 5.53 -13.22 -0.75
N LYS A 84 5.54 -13.93 -1.89
CA LYS A 84 5.21 -15.35 -1.89
C LYS A 84 6.20 -16.14 -1.05
N LEU A 85 5.70 -17.17 -0.37
CA LEU A 85 6.54 -18.01 0.48
C LEU A 85 7.88 -18.31 -0.21
N ARG A 86 8.96 -17.80 0.36
CA ARG A 86 10.29 -18.02 -0.19
C ARG A 86 11.23 -18.61 0.86
N SER A 87 12.10 -19.50 0.42
CA SER A 87 13.06 -20.14 1.32
C SER A 87 14.07 -20.98 0.55
N SER A 88 15.09 -21.46 1.25
CA SER A 88 16.12 -22.27 0.62
C SER A 88 16.83 -23.15 1.66
N GLY A 89 16.55 -24.46 1.61
CA GLY A 89 17.16 -25.38 2.55
C GLY A 89 18.66 -25.21 2.63
N PRO A 90 19.28 -25.79 3.66
CA PRO A 90 20.73 -25.72 3.88
C PRO A 90 21.50 -26.52 2.84
N SER A 91 22.82 -26.36 2.84
CA SER A 91 23.68 -27.07 1.90
C SER A 91 24.80 -27.81 2.63
N SER A 92 25.49 -28.69 1.92
CA SER A 92 26.58 -29.46 2.50
C SER A 92 27.93 -28.92 2.04
N GLY A 93 28.57 -28.13 2.91
CA GLY A 93 29.86 -27.56 2.57
C GLY A 93 29.84 -26.82 1.26
N GLY A 1 15.22 -3.69 21.05
CA GLY A 1 14.48 -4.94 20.99
C GLY A 1 14.65 -5.64 19.65
N SER A 2 13.88 -5.23 18.66
CA SER A 2 13.94 -5.83 17.34
C SER A 2 14.19 -4.77 16.26
N SER A 3 13.26 -3.83 16.14
CA SER A 3 13.37 -2.77 15.16
C SER A 3 14.66 -1.98 15.35
N GLY A 4 15.70 -2.34 14.59
CA GLY A 4 16.97 -1.66 14.69
C GLY A 4 16.99 -0.34 13.95
N SER A 5 17.28 -0.39 12.65
CA SER A 5 17.33 0.81 11.84
C SER A 5 16.53 0.63 10.55
N SER A 6 15.60 1.54 10.30
CA SER A 6 14.76 1.48 9.11
C SER A 6 14.74 2.83 8.39
N GLY A 7 14.08 2.87 7.23
CA GLY A 7 13.99 4.09 6.47
C GLY A 7 12.56 4.55 6.27
N MET A 8 11.83 3.83 5.42
CA MET A 8 10.44 4.17 5.13
C MET A 8 9.73 3.02 4.43
N ASN A 9 8.57 2.64 4.94
CA ASN A 9 7.80 1.54 4.35
C ASN A 9 6.64 2.08 3.51
N LYS A 10 6.03 1.20 2.72
CA LYS A 10 4.92 1.59 1.87
C LYS A 10 3.92 0.44 1.73
N LEU A 11 2.73 0.76 1.24
CA LEU A 11 1.69 -0.24 1.05
C LEU A 11 1.43 -0.51 -0.43
N TYR A 12 1.28 -1.77 -0.79
CA TYR A 12 1.03 -2.15 -2.18
C TYR A 12 -0.46 -2.30 -2.44
N ILE A 13 -0.93 -1.64 -3.50
CA ILE A 13 -2.34 -1.69 -3.86
C ILE A 13 -2.53 -2.41 -5.19
N GLY A 14 -3.31 -3.49 -5.16
CA GLY A 14 -3.57 -4.26 -6.36
C GLY A 14 -5.03 -4.25 -6.76
N ASN A 15 -5.32 -4.73 -7.97
CA ASN A 15 -6.69 -4.76 -8.47
C ASN A 15 -7.20 -3.36 -8.76
N LEU A 16 -6.30 -2.49 -9.22
CA LEU A 16 -6.66 -1.11 -9.54
C LEU A 16 -6.97 -0.96 -11.03
N SER A 17 -8.06 -0.28 -11.33
CA SER A 17 -8.47 -0.07 -12.71
C SER A 17 -7.46 0.81 -13.44
N PRO A 18 -7.22 0.50 -14.72
CA PRO A 18 -6.28 1.25 -15.56
C PRO A 18 -6.79 2.65 -15.90
N ALA A 19 -7.98 2.98 -15.40
CA ALA A 19 -8.58 4.28 -15.65
C ALA A 19 -8.39 5.21 -14.45
N VAL A 20 -7.97 4.64 -13.33
CA VAL A 20 -7.74 5.41 -12.12
C VAL A 20 -6.47 6.24 -12.22
N THR A 21 -6.52 7.46 -11.70
CA THR A 21 -5.36 8.35 -11.74
C THR A 21 -4.91 8.72 -10.32
N ALA A 22 -3.72 9.29 -10.22
CA ALA A 22 -3.17 9.70 -8.93
C ALA A 22 -4.15 10.60 -8.19
N ASP A 23 -4.93 11.37 -8.92
CA ASP A 23 -5.91 12.27 -8.32
C ASP A 23 -7.02 11.49 -7.63
N ASP A 24 -7.44 10.40 -8.25
CA ASP A 24 -8.50 9.55 -7.69
C ASP A 24 -8.01 8.84 -6.44
N LEU A 25 -6.77 8.34 -6.48
CA LEU A 25 -6.19 7.64 -5.35
C LEU A 25 -6.06 8.55 -4.14
N ARG A 26 -5.53 9.75 -4.36
CA ARG A 26 -5.35 10.72 -3.29
C ARG A 26 -6.70 11.16 -2.73
N GLN A 27 -7.67 11.35 -3.61
CA GLN A 27 -9.01 11.78 -3.21
C GLN A 27 -9.70 10.68 -2.40
N LEU A 28 -9.40 9.43 -2.74
CA LEU A 28 -10.01 8.30 -2.05
C LEU A 28 -9.53 8.22 -0.60
N PHE A 29 -8.21 8.32 -0.41
CA PHE A 29 -7.62 8.27 0.92
C PHE A 29 -8.08 9.45 1.76
N GLY A 30 -8.23 10.61 1.11
CA GLY A 30 -8.65 11.80 1.82
C GLY A 30 -10.09 11.72 2.29
N ASP A 31 -10.93 11.08 1.50
CA ASP A 31 -12.35 10.93 1.84
C ASP A 31 -12.51 10.16 3.15
N ARG A 32 -11.60 9.22 3.38
CA ARG A 32 -11.64 8.41 4.60
C ARG A 32 -10.91 9.11 5.74
N LYS A 33 -10.62 10.39 5.56
CA LYS A 33 -9.92 11.18 6.58
C LYS A 33 -8.53 10.62 6.82
N LEU A 34 -7.86 10.20 5.75
CA LEU A 34 -6.52 9.64 5.86
C LEU A 34 -5.57 10.34 4.88
N PRO A 35 -5.09 11.53 5.28
CA PRO A 35 -4.17 12.32 4.46
C PRO A 35 -2.79 11.70 4.37
N LEU A 36 -2.44 11.20 3.19
CA LEU A 36 -1.14 10.57 2.97
C LEU A 36 -0.01 11.54 3.29
N ALA A 37 0.57 11.38 4.47
CA ALA A 37 1.68 12.24 4.90
C ALA A 37 3.01 11.75 4.35
N GLY A 38 2.97 11.22 3.13
CA GLY A 38 4.19 10.72 2.50
C GLY A 38 4.16 10.84 0.99
N GLN A 39 4.78 9.90 0.30
CA GLN A 39 4.84 9.90 -1.15
C GLN A 39 3.81 8.93 -1.73
N VAL A 40 3.33 9.23 -2.94
CA VAL A 40 2.35 8.39 -3.61
C VAL A 40 2.87 7.91 -4.95
N LEU A 41 2.64 6.64 -5.26
CA LEU A 41 3.08 6.06 -6.52
C LEU A 41 1.94 5.33 -7.21
N LEU A 42 1.70 5.68 -8.47
CA LEU A 42 0.63 5.05 -9.25
C LEU A 42 1.19 4.34 -10.47
N LYS A 43 1.07 3.02 -10.49
CA LYS A 43 1.57 2.22 -11.62
C LYS A 43 0.41 1.63 -12.41
N SER A 44 0.69 1.24 -13.65
CA SER A 44 -0.33 0.66 -14.52
C SER A 44 -0.77 -0.71 -14.01
N GLY A 45 -1.80 -0.72 -13.18
CA GLY A 45 -2.30 -1.97 -12.63
C GLY A 45 -2.18 -2.03 -11.13
N TYR A 46 -1.35 -1.15 -10.56
CA TYR A 46 -1.15 -1.11 -9.12
C TYR A 46 -0.67 0.26 -8.68
N ALA A 47 -0.51 0.45 -7.37
CA ALA A 47 -0.06 1.71 -6.81
C ALA A 47 0.47 1.53 -5.40
N PHE A 48 1.45 2.35 -5.02
CA PHE A 48 2.04 2.28 -3.69
C PHE A 48 1.84 3.60 -2.94
N VAL A 49 1.67 3.49 -1.63
CA VAL A 49 1.47 4.67 -0.79
C VAL A 49 2.27 4.57 0.50
N ASP A 50 2.85 5.69 0.94
CA ASP A 50 3.64 5.72 2.15
C ASP A 50 2.76 6.05 3.36
N TYR A 51 2.76 5.16 4.35
CA TYR A 51 1.96 5.36 5.55
C TYR A 51 2.78 6.05 6.64
N PRO A 52 2.11 6.93 7.41
CA PRO A 52 2.75 7.67 8.50
C PRO A 52 3.14 6.78 9.67
N ASP A 53 2.28 5.80 9.97
CA ASP A 53 2.54 4.88 11.07
C ASP A 53 1.89 3.52 10.80
N GLN A 54 2.28 2.52 11.58
CA GLN A 54 1.73 1.18 11.41
C GLN A 54 0.24 1.16 11.72
N ASN A 55 -0.17 1.90 12.74
CA ASN A 55 -1.57 1.97 13.14
C ASN A 55 -2.42 2.56 12.02
N TRP A 56 -1.94 3.65 11.43
CA TRP A 56 -2.66 4.32 10.35
C TRP A 56 -2.83 3.38 9.16
N ALA A 57 -1.77 2.66 8.83
CA ALA A 57 -1.81 1.72 7.70
C ALA A 57 -2.84 0.63 7.94
N ILE A 58 -2.86 0.08 9.14
CA ILE A 58 -3.81 -0.98 9.49
C ILE A 58 -5.24 -0.49 9.36
N ARG A 59 -5.51 0.72 9.87
CA ARG A 59 -6.85 1.29 9.80
C ARG A 59 -7.21 1.66 8.37
N ALA A 60 -6.25 2.24 7.65
CA ALA A 60 -6.46 2.64 6.27
C ALA A 60 -6.79 1.44 5.39
N ILE A 61 -6.01 0.37 5.53
CA ILE A 61 -6.22 -0.84 4.75
C ILE A 61 -7.56 -1.48 5.09
N GLU A 62 -7.84 -1.63 6.38
CA GLU A 62 -9.09 -2.22 6.83
C GLU A 62 -10.29 -1.38 6.39
N THR A 63 -10.11 -0.06 6.39
CA THR A 63 -11.17 0.85 5.99
C THR A 63 -11.26 0.97 4.48
N LEU A 64 -10.15 0.67 3.80
CA LEU A 64 -10.11 0.74 2.34
C LEU A 64 -10.23 -0.65 1.73
N SER A 65 -9.21 -1.48 1.94
CA SER A 65 -9.20 -2.84 1.40
C SER A 65 -10.45 -3.61 1.84
N GLY A 66 -11.27 -4.01 0.87
CA GLY A 66 -12.48 -4.74 1.18
C GLY A 66 -13.61 -3.83 1.61
N LYS A 67 -13.29 -2.56 1.85
CA LYS A 67 -14.30 -1.59 2.28
C LYS A 67 -14.38 -0.43 1.28
N VAL A 68 -13.70 -0.58 0.15
CA VAL A 68 -13.70 0.45 -0.89
C VAL A 68 -13.58 -0.16 -2.27
N GLU A 69 -14.49 0.23 -3.17
CA GLU A 69 -14.50 -0.28 -4.53
C GLU A 69 -14.26 0.85 -5.53
N LEU A 70 -13.31 0.64 -6.44
CA LEU A 70 -12.99 1.63 -7.46
C LEU A 70 -13.27 1.10 -8.86
N HIS A 71 -14.07 1.83 -9.62
CA HIS A 71 -14.42 1.43 -10.98
C HIS A 71 -15.12 0.08 -10.98
N GLY A 72 -15.95 -0.16 -9.98
CA GLY A 72 -16.67 -1.41 -9.88
C GLY A 72 -15.80 -2.55 -9.42
N LYS A 73 -14.50 -2.27 -9.26
CA LYS A 73 -13.55 -3.29 -8.82
C LYS A 73 -13.07 -3.00 -7.40
N ILE A 74 -13.10 -4.03 -6.56
CA ILE A 74 -12.66 -3.89 -5.17
C ILE A 74 -11.15 -3.67 -5.10
N MET A 75 -10.75 -2.64 -4.35
CA MET A 75 -9.33 -2.32 -4.19
C MET A 75 -8.70 -3.18 -3.10
N GLU A 76 -7.51 -3.69 -3.37
CA GLU A 76 -6.80 -4.52 -2.42
C GLU A 76 -5.52 -3.83 -1.92
N VAL A 77 -5.42 -3.67 -0.60
CA VAL A 77 -4.26 -3.02 -0.01
C VAL A 77 -3.52 -3.97 0.92
N ASP A 78 -2.22 -4.13 0.69
CA ASP A 78 -1.40 -5.02 1.50
C ASP A 78 0.05 -4.55 1.52
N TYR A 79 0.69 -4.62 2.69
CA TYR A 79 2.07 -4.20 2.84
C TYR A 79 2.89 -4.58 1.61
N SER A 80 3.89 -3.77 1.29
CA SER A 80 4.75 -4.02 0.13
C SER A 80 6.07 -4.63 0.57
N VAL A 81 6.03 -5.48 1.59
CA VAL A 81 7.22 -6.14 2.09
C VAL A 81 7.03 -7.65 2.16
N SER A 82 8.14 -8.38 2.03
CA SER A 82 8.10 -9.84 2.07
C SER A 82 9.09 -10.38 3.09
N LYS A 83 8.57 -10.95 4.18
CA LYS A 83 9.41 -11.51 5.22
C LYS A 83 10.06 -12.81 4.76
N LYS A 84 11.10 -12.69 3.96
CA LYS A 84 11.81 -13.86 3.45
C LYS A 84 13.10 -14.10 4.23
N LEU A 85 13.41 -15.37 4.46
CA LEU A 85 14.62 -15.73 5.19
C LEU A 85 15.81 -15.82 4.26
N ARG A 86 16.76 -14.89 4.41
CA ARG A 86 17.95 -14.86 3.58
C ARG A 86 19.10 -15.60 4.26
N SER A 87 19.36 -15.24 5.51
CA SER A 87 20.44 -15.87 6.28
C SER A 87 19.89 -16.93 7.22
N SER A 88 20.46 -18.13 7.15
CA SER A 88 20.03 -19.23 7.99
C SER A 88 21.20 -19.83 8.76
N GLY A 89 21.38 -19.38 10.00
CA GLY A 89 22.47 -19.88 10.82
C GLY A 89 23.80 -19.84 10.10
N PRO A 90 24.46 -18.66 10.13
CA PRO A 90 25.75 -18.46 9.48
C PRO A 90 26.88 -19.21 10.18
N SER A 91 26.85 -19.18 11.51
CA SER A 91 27.87 -19.87 12.30
C SER A 91 27.28 -21.05 13.05
N SER A 92 28.15 -21.87 13.64
CA SER A 92 27.71 -23.05 14.38
C SER A 92 28.17 -22.98 15.83
N GLY A 93 29.43 -22.57 16.03
CA GLY A 93 29.97 -22.46 17.38
C GLY A 93 31.40 -22.95 17.46
N GLY A 1 18.39 -7.87 16.56
CA GLY A 1 18.14 -9.30 16.55
C GLY A 1 16.95 -9.67 15.69
N SER A 2 15.77 -9.26 16.12
CA SER A 2 14.54 -9.55 15.39
C SER A 2 13.95 -8.29 14.78
N SER A 3 13.88 -7.23 15.57
CA SER A 3 13.34 -5.96 15.11
C SER A 3 14.33 -5.23 14.23
N GLY A 4 13.84 -4.22 13.51
CA GLY A 4 14.70 -3.44 12.63
C GLY A 4 13.92 -2.62 11.62
N SER A 5 14.58 -2.23 10.54
CA SER A 5 13.94 -1.42 9.51
C SER A 5 14.37 -1.87 8.12
N SER A 6 13.51 -1.66 7.13
CA SER A 6 13.80 -2.05 5.76
C SER A 6 13.98 -0.82 4.87
N GLY A 7 13.28 0.26 5.22
CA GLY A 7 13.39 1.48 4.44
C GLY A 7 12.33 1.58 3.36
N MET A 8 11.86 2.79 3.08
CA MET A 8 10.85 3.01 2.06
C MET A 8 9.56 2.28 2.42
N ASN A 9 9.24 2.24 3.70
CA ASN A 9 8.04 1.58 4.18
C ASN A 9 6.81 2.08 3.42
N LYS A 10 6.27 1.22 2.55
CA LYS A 10 5.10 1.58 1.76
C LYS A 10 4.16 0.38 1.61
N LEU A 11 2.94 0.64 1.16
CA LEU A 11 1.95 -0.42 0.98
C LEU A 11 1.68 -0.65 -0.51
N TYR A 12 1.47 -1.91 -0.88
CA TYR A 12 1.20 -2.27 -2.26
C TYR A 12 -0.30 -2.37 -2.52
N ILE A 13 -0.77 -1.65 -3.53
CA ILE A 13 -2.19 -1.66 -3.87
C ILE A 13 -2.42 -2.36 -5.21
N GLY A 14 -3.23 -3.42 -5.18
CA GLY A 14 -3.53 -4.16 -6.40
C GLY A 14 -4.99 -4.10 -6.77
N ASN A 15 -5.31 -4.55 -7.98
CA ASN A 15 -6.69 -4.54 -8.46
C ASN A 15 -7.15 -3.13 -8.80
N LEU A 16 -6.23 -2.33 -9.32
CA LEU A 16 -6.53 -0.95 -9.70
C LEU A 16 -6.83 -0.85 -11.20
N SER A 17 -8.04 -0.41 -11.52
CA SER A 17 -8.45 -0.26 -12.91
C SER A 17 -7.47 0.61 -13.68
N PRO A 18 -7.34 0.34 -14.99
CA PRO A 18 -6.44 1.10 -15.86
C PRO A 18 -6.92 2.53 -16.10
N ALA A 19 -8.09 2.84 -15.58
CA ALA A 19 -8.66 4.18 -15.73
C ALA A 19 -8.41 5.03 -14.50
N VAL A 20 -8.09 4.37 -13.38
CA VAL A 20 -7.83 5.07 -12.13
C VAL A 20 -6.67 6.04 -12.27
N THR A 21 -6.75 7.18 -11.60
CA THR A 21 -5.71 8.18 -11.65
C THR A 21 -5.20 8.53 -10.26
N ALA A 22 -4.01 9.12 -10.20
CA ALA A 22 -3.41 9.51 -8.92
C ALA A 22 -4.35 10.42 -8.13
N ASP A 23 -5.03 11.32 -8.84
CA ASP A 23 -5.95 12.26 -8.21
C ASP A 23 -7.05 11.50 -7.46
N ASP A 24 -7.56 10.45 -8.08
CA ASP A 24 -8.62 9.65 -7.47
C ASP A 24 -8.11 8.91 -6.24
N LEU A 25 -6.87 8.44 -6.32
CA LEU A 25 -6.27 7.71 -5.21
C LEU A 25 -6.11 8.62 -3.98
N ARG A 26 -5.58 9.81 -4.21
CA ARG A 26 -5.38 10.77 -3.13
C ARG A 26 -6.71 11.19 -2.52
N GLN A 27 -7.69 11.48 -3.38
CA GLN A 27 -9.01 11.90 -2.94
C GLN A 27 -9.72 10.77 -2.20
N LEU A 28 -9.45 9.55 -2.62
CA LEU A 28 -10.06 8.37 -2.00
C LEU A 28 -9.62 8.23 -0.55
N PHE A 29 -8.32 8.31 -0.32
CA PHE A 29 -7.76 8.19 1.02
C PHE A 29 -8.24 9.33 1.91
N GLY A 30 -8.23 10.55 1.35
CA GLY A 30 -8.67 11.71 2.11
C GLY A 30 -10.15 11.70 2.39
N ASP A 31 -10.93 11.16 1.46
CA ASP A 31 -12.38 11.08 1.61
C ASP A 31 -12.76 10.19 2.79
N ARG A 32 -11.86 9.27 3.14
CA ARG A 32 -12.10 8.36 4.25
C ARG A 32 -11.44 8.86 5.52
N LYS A 33 -11.13 10.16 5.55
CA LYS A 33 -10.50 10.77 6.72
C LYS A 33 -9.12 10.16 6.97
N LEU A 34 -8.41 9.85 5.90
CA LEU A 34 -7.08 9.26 6.01
C LEU A 34 -6.10 9.93 5.05
N PRO A 35 -5.58 11.10 5.46
CA PRO A 35 -4.63 11.86 4.65
C PRO A 35 -3.27 11.19 4.56
N LEU A 36 -2.74 11.11 3.35
CA LEU A 36 -1.44 10.48 3.11
C LEU A 36 -0.30 11.39 3.58
N ALA A 37 0.42 10.96 4.60
CA ALA A 37 1.53 11.73 5.14
C ALA A 37 2.86 11.28 4.52
N GLY A 38 2.81 10.89 3.25
CA GLY A 38 4.01 10.44 2.57
C GLY A 38 3.92 10.66 1.07
N GLN A 39 4.62 9.79 0.33
CA GLN A 39 4.63 9.89 -1.13
C GLN A 39 3.67 8.88 -1.75
N VAL A 40 3.19 9.17 -2.95
CA VAL A 40 2.27 8.28 -3.65
C VAL A 40 2.82 7.86 -5.00
N LEU A 41 2.69 6.58 -5.32
CA LEU A 41 3.18 6.04 -6.59
C LEU A 41 2.08 5.27 -7.31
N LEU A 42 1.80 5.66 -8.55
CA LEU A 42 0.79 5.00 -9.35
C LEU A 42 1.41 4.22 -10.51
N LYS A 43 1.28 2.90 -10.47
CA LYS A 43 1.83 2.05 -11.52
C LYS A 43 0.72 1.43 -12.36
N SER A 44 1.07 1.00 -13.57
CA SER A 44 0.10 0.39 -14.47
C SER A 44 -0.37 -0.96 -13.94
N GLY A 45 -1.46 -0.94 -13.16
CA GLY A 45 -1.98 -2.17 -12.61
C GLY A 45 -1.88 -2.22 -11.09
N TYR A 46 -1.06 -1.32 -10.53
CA TYR A 46 -0.86 -1.27 -9.09
C TYR A 46 -0.41 0.12 -8.66
N ALA A 47 -0.23 0.30 -7.35
CA ALA A 47 0.20 1.58 -6.81
C ALA A 47 0.77 1.41 -5.40
N PHE A 48 1.72 2.28 -5.04
CA PHE A 48 2.35 2.22 -3.73
C PHE A 48 2.08 3.51 -2.95
N VAL A 49 1.90 3.37 -1.63
CA VAL A 49 1.64 4.52 -0.78
C VAL A 49 2.46 4.45 0.50
N ASP A 50 2.96 5.60 0.94
CA ASP A 50 3.77 5.66 2.16
C ASP A 50 2.91 6.03 3.36
N TYR A 51 2.94 5.18 4.39
CA TYR A 51 2.16 5.43 5.59
C TYR A 51 3.04 5.99 6.71
N PRO A 52 2.46 6.90 7.52
CA PRO A 52 3.17 7.52 8.63
C PRO A 52 3.46 6.54 9.77
N ASP A 53 2.45 5.78 10.15
CA ASP A 53 2.60 4.81 11.22
C ASP A 53 1.75 3.56 10.94
N GLN A 54 2.03 2.48 11.68
CA GLN A 54 1.30 1.24 11.51
C GLN A 54 -0.19 1.45 11.72
N ASN A 55 -0.54 2.36 12.63
CA ASN A 55 -1.94 2.66 12.93
C ASN A 55 -2.64 3.22 11.70
N TRP A 56 -2.00 4.16 11.03
CA TRP A 56 -2.57 4.78 9.83
C TRP A 56 -2.69 3.76 8.70
N ALA A 57 -1.63 2.98 8.50
CA ALA A 57 -1.63 1.97 7.45
C ALA A 57 -2.68 0.89 7.72
N ILE A 58 -2.67 0.35 8.92
CA ILE A 58 -3.62 -0.68 9.30
C ILE A 58 -5.06 -0.18 9.18
N ARG A 59 -5.29 1.04 9.63
CA ARG A 59 -6.62 1.64 9.57
C ARG A 59 -7.01 1.95 8.13
N ALA A 60 -6.04 2.40 7.34
CA ALA A 60 -6.28 2.75 5.95
C ALA A 60 -6.61 1.50 5.13
N ILE A 61 -5.82 0.45 5.32
CA ILE A 61 -6.04 -0.80 4.60
C ILE A 61 -7.37 -1.43 4.99
N GLU A 62 -7.63 -1.50 6.29
CA GLU A 62 -8.87 -2.10 6.78
C GLU A 62 -10.08 -1.29 6.31
N THR A 63 -9.92 0.03 6.27
CA THR A 63 -10.99 0.92 5.84
C THR A 63 -11.10 0.96 4.33
N LEU A 64 -9.97 0.77 3.65
CA LEU A 64 -9.93 0.79 2.19
C LEU A 64 -10.05 -0.62 1.63
N SER A 65 -9.02 -1.43 1.87
CA SER A 65 -9.00 -2.81 1.38
C SER A 65 -10.23 -3.58 1.88
N GLY A 66 -11.10 -3.95 0.96
CA GLY A 66 -12.29 -4.69 1.33
C GLY A 66 -13.40 -3.79 1.85
N LYS A 67 -13.13 -2.48 1.87
CA LYS A 67 -14.10 -1.52 2.36
C LYS A 67 -14.21 -0.33 1.41
N VAL A 68 -13.59 -0.46 0.23
CA VAL A 68 -13.61 0.60 -0.77
C VAL A 68 -13.60 0.02 -2.18
N GLU A 69 -14.51 0.49 -3.02
CA GLU A 69 -14.60 0.02 -4.40
C GLU A 69 -14.41 1.18 -5.38
N LEU A 70 -13.54 0.97 -6.36
CA LEU A 70 -13.26 2.00 -7.36
C LEU A 70 -13.58 1.48 -8.76
N HIS A 71 -14.39 2.24 -9.50
CA HIS A 71 -14.77 1.87 -10.85
C HIS A 71 -15.51 0.53 -10.86
N GLY A 72 -16.14 0.19 -9.74
CA GLY A 72 -16.85 -1.06 -9.63
C GLY A 72 -15.97 -2.21 -9.20
N LYS A 73 -14.66 -1.96 -9.16
CA LYS A 73 -13.70 -2.98 -8.76
C LYS A 73 -13.19 -2.71 -7.35
N ILE A 74 -13.21 -3.75 -6.51
CA ILE A 74 -12.74 -3.63 -5.14
C ILE A 74 -11.23 -3.46 -5.08
N MET A 75 -10.78 -2.45 -4.34
CA MET A 75 -9.36 -2.18 -4.20
C MET A 75 -8.74 -3.04 -3.11
N GLU A 76 -7.57 -3.62 -3.39
CA GLU A 76 -6.89 -4.47 -2.42
C GLU A 76 -5.59 -3.81 -1.96
N VAL A 77 -5.43 -3.71 -0.64
CA VAL A 77 -4.23 -3.12 -0.05
C VAL A 77 -3.50 -4.10 0.85
N ASP A 78 -2.20 -4.22 0.64
CA ASP A 78 -1.38 -5.13 1.44
C ASP A 78 0.06 -4.63 1.53
N TYR A 79 0.69 -4.86 2.68
CA TYR A 79 2.06 -4.44 2.89
C TYR A 79 2.96 -4.89 1.75
N SER A 80 3.88 -4.02 1.34
CA SER A 80 4.80 -4.33 0.24
C SER A 80 6.17 -4.70 0.78
N VAL A 81 6.19 -5.53 1.82
CA VAL A 81 7.44 -5.97 2.43
C VAL A 81 7.82 -7.37 1.96
N SER A 82 9.11 -7.64 1.89
CA SER A 82 9.60 -8.94 1.46
C SER A 82 10.82 -9.37 2.28
N LYS A 83 10.75 -10.57 2.85
CA LYS A 83 11.84 -11.09 3.65
C LYS A 83 12.52 -12.27 2.96
N LYS A 84 12.83 -12.09 1.68
CA LYS A 84 13.49 -13.13 0.89
C LYS A 84 14.72 -13.68 1.63
N LEU A 85 14.72 -14.98 1.85
CA LEU A 85 15.85 -15.63 2.53
C LEU A 85 16.05 -17.05 2.03
N ARG A 86 17.24 -17.60 2.27
CA ARG A 86 17.57 -18.95 1.83
C ARG A 86 17.65 -19.89 3.02
N SER A 87 18.45 -19.50 4.02
CA SER A 87 18.62 -20.33 5.22
C SER A 87 18.20 -19.55 6.47
N SER A 88 17.77 -20.29 7.49
CA SER A 88 17.34 -19.68 8.73
C SER A 88 17.58 -20.61 9.92
N GLY A 89 17.90 -20.04 11.08
CA GLY A 89 18.16 -20.83 12.26
C GLY A 89 19.42 -21.66 12.14
N PRO A 90 20.18 -21.73 13.23
CA PRO A 90 21.44 -22.50 13.27
C PRO A 90 21.20 -24.01 13.20
N SER A 91 19.95 -24.41 13.35
CA SER A 91 19.58 -25.82 13.31
C SER A 91 18.67 -26.12 12.12
N SER A 92 18.93 -27.25 11.46
CA SER A 92 18.14 -27.64 10.31
C SER A 92 17.29 -28.87 10.62
N GLY A 93 15.99 -28.65 10.82
CA GLY A 93 15.09 -29.75 11.14
C GLY A 93 15.01 -30.76 10.01
N GLY A 1 10.65 -5.32 11.45
CA GLY A 1 11.39 -4.64 12.50
C GLY A 1 11.36 -3.14 12.37
N SER A 2 11.51 -2.44 13.49
CA SER A 2 11.48 -0.98 13.50
C SER A 2 11.91 -0.44 14.85
N SER A 3 13.10 0.16 14.89
CA SER A 3 13.62 0.72 16.13
C SER A 3 14.65 1.81 15.83
N GLY A 4 14.27 3.06 16.06
CA GLY A 4 15.17 4.18 15.81
C GLY A 4 15.76 4.14 14.41
N SER A 5 14.90 3.99 13.41
CA SER A 5 15.34 3.93 12.03
C SER A 5 14.20 4.23 11.07
N SER A 6 14.52 4.91 9.98
CA SER A 6 13.51 5.27 8.99
C SER A 6 13.83 4.65 7.62
N GLY A 7 13.28 3.47 7.38
CA GLY A 7 13.53 2.79 6.12
C GLY A 7 12.41 3.00 5.12
N MET A 8 12.35 2.14 4.11
CA MET A 8 11.31 2.23 3.08
C MET A 8 10.03 1.59 3.56
N ASN A 9 9.06 2.41 3.93
CA ASN A 9 7.77 1.92 4.41
C ASN A 9 6.64 2.37 3.49
N LYS A 10 6.08 1.42 2.74
CA LYS A 10 4.99 1.72 1.82
C LYS A 10 4.03 0.53 1.71
N LEU A 11 2.87 0.77 1.12
CA LEU A 11 1.87 -0.27 0.95
C LEU A 11 1.55 -0.50 -0.53
N TYR A 12 1.43 -1.77 -0.90
CA TYR A 12 1.13 -2.12 -2.29
C TYR A 12 -0.37 -2.30 -2.50
N ILE A 13 -0.90 -1.64 -3.52
CA ILE A 13 -2.33 -1.73 -3.82
C ILE A 13 -2.56 -2.51 -5.11
N GLY A 14 -3.43 -3.51 -5.02
CA GLY A 14 -3.74 -4.34 -6.19
C GLY A 14 -5.17 -4.18 -6.64
N ASN A 15 -5.47 -4.66 -7.84
CA ASN A 15 -6.81 -4.58 -8.40
C ASN A 15 -7.18 -3.12 -8.69
N LEU A 16 -6.31 -2.42 -9.40
CA LEU A 16 -6.55 -1.02 -9.74
C LEU A 16 -6.77 -0.85 -11.24
N SER A 17 -7.99 -0.53 -11.62
CA SER A 17 -8.34 -0.35 -13.03
C SER A 17 -7.29 0.52 -13.72
N PRO A 18 -7.12 0.29 -15.03
CA PRO A 18 -6.16 1.05 -15.85
C PRO A 18 -6.58 2.49 -16.05
N ALA A 19 -7.79 2.82 -15.61
CA ALA A 19 -8.32 4.17 -15.75
C ALA A 19 -8.07 4.99 -14.48
N VAL A 20 -7.76 4.30 -13.40
CA VAL A 20 -7.50 4.95 -12.12
C VAL A 20 -6.37 5.98 -12.24
N THR A 21 -6.50 7.07 -11.50
CA THR A 21 -5.49 8.13 -11.53
C THR A 21 -5.01 8.47 -10.13
N ALA A 22 -3.80 9.01 -10.05
CA ALA A 22 -3.21 9.38 -8.76
C ALA A 22 -4.15 10.28 -7.97
N ASP A 23 -4.83 11.18 -8.67
CA ASP A 23 -5.77 12.10 -8.03
C ASP A 23 -6.88 11.35 -7.32
N ASP A 24 -7.37 10.29 -7.96
CA ASP A 24 -8.44 9.48 -7.38
C ASP A 24 -7.96 8.75 -6.14
N LEU A 25 -6.73 8.24 -6.19
CA LEU A 25 -6.15 7.53 -5.06
C LEU A 25 -6.00 8.43 -3.84
N ARG A 26 -5.46 9.63 -4.07
CA ARG A 26 -5.26 10.59 -2.99
C ARG A 26 -6.61 11.09 -2.46
N GLN A 27 -7.52 11.40 -3.39
CA GLN A 27 -8.84 11.89 -3.02
C GLN A 27 -9.65 10.81 -2.29
N LEU A 28 -9.53 9.57 -2.77
CA LEU A 28 -10.25 8.45 -2.17
C LEU A 28 -9.83 8.27 -0.71
N PHE A 29 -8.54 8.27 -0.45
CA PHE A 29 -8.02 8.11 0.91
C PHE A 29 -8.48 9.25 1.80
N GLY A 30 -8.49 10.46 1.25
CA GLY A 30 -8.91 11.63 2.01
C GLY A 30 -10.37 11.53 2.46
N ASP A 31 -11.21 10.95 1.61
CA ASP A 31 -12.62 10.80 1.92
C ASP A 31 -12.81 9.98 3.20
N ARG A 32 -11.97 8.97 3.36
CA ARG A 32 -12.05 8.10 4.54
C ARG A 32 -11.29 8.70 5.72
N LYS A 33 -11.04 10.01 5.65
CA LYS A 33 -10.33 10.70 6.70
C LYS A 33 -8.93 10.13 6.88
N LEU A 34 -8.37 9.61 5.80
CA LEU A 34 -7.03 9.03 5.83
C LEU A 34 -6.06 9.86 5.00
N PRO A 35 -5.61 11.00 5.55
CA PRO A 35 -4.68 11.90 4.88
C PRO A 35 -3.27 11.30 4.75
N LEU A 36 -2.89 10.97 3.53
CA LEU A 36 -1.57 10.38 3.28
C LEU A 36 -0.46 11.39 3.57
N ALA A 37 0.26 11.17 4.66
CA ALA A 37 1.35 12.06 5.05
C ALA A 37 2.63 11.69 4.32
N GLY A 38 2.50 11.16 3.10
CA GLY A 38 3.67 10.78 2.33
C GLY A 38 3.46 10.97 0.84
N GLN A 39 4.15 10.15 0.05
CA GLN A 39 4.04 10.23 -1.40
C GLN A 39 3.18 9.11 -1.95
N VAL A 40 2.62 9.31 -3.14
CA VAL A 40 1.77 8.30 -3.77
C VAL A 40 2.31 7.91 -5.14
N LEU A 41 2.32 6.61 -5.41
CA LEU A 41 2.82 6.10 -6.68
C LEU A 41 1.76 5.24 -7.37
N LEU A 42 1.47 5.55 -8.63
CA LEU A 42 0.49 4.81 -9.40
C LEU A 42 1.15 4.04 -10.54
N LYS A 43 1.09 2.72 -10.45
CA LYS A 43 1.68 1.86 -11.48
C LYS A 43 0.60 1.15 -12.28
N SER A 44 0.96 0.69 -13.48
CA SER A 44 0.02 0.00 -14.35
C SER A 44 -0.37 -1.36 -13.75
N GLY A 45 -1.50 -1.38 -13.05
CA GLY A 45 -1.96 -2.62 -12.45
C GLY A 45 -1.91 -2.56 -10.92
N TYR A 46 -1.13 -1.64 -10.39
CA TYR A 46 -0.98 -1.49 -8.95
C TYR A 46 -0.52 -0.08 -8.58
N ALA A 47 -0.46 0.19 -7.29
CA ALA A 47 -0.03 1.50 -6.80
C ALA A 47 0.54 1.41 -5.40
N PHE A 48 1.56 2.22 -5.12
CA PHE A 48 2.19 2.23 -3.80
C PHE A 48 1.86 3.51 -3.05
N VAL A 49 1.73 3.40 -1.73
CA VAL A 49 1.42 4.55 -0.90
C VAL A 49 2.31 4.58 0.36
N ASP A 50 2.73 5.77 0.74
CA ASP A 50 3.58 5.94 1.92
C ASP A 50 2.74 6.20 3.16
N TYR A 51 2.88 5.34 4.17
CA TYR A 51 2.13 5.47 5.41
C TYR A 51 3.01 6.07 6.51
N PRO A 52 2.39 6.88 7.38
CA PRO A 52 3.09 7.53 8.49
C PRO A 52 3.51 6.53 9.57
N ASP A 53 2.57 5.69 9.99
CA ASP A 53 2.85 4.69 11.01
C ASP A 53 2.11 3.39 10.71
N GLN A 54 2.53 2.31 11.36
CA GLN A 54 1.91 1.00 11.16
C GLN A 54 0.42 1.05 11.49
N ASN A 55 0.07 1.83 12.51
CA ASN A 55 -1.32 1.97 12.92
C ASN A 55 -2.17 2.56 11.81
N TRP A 56 -1.64 3.60 11.16
CA TRP A 56 -2.36 4.26 10.08
C TRP A 56 -2.59 3.30 8.91
N ALA A 57 -1.56 2.53 8.58
CA ALA A 57 -1.65 1.57 7.49
C ALA A 57 -2.75 0.54 7.76
N ILE A 58 -2.72 -0.06 8.94
CA ILE A 58 -3.71 -1.06 9.32
C ILE A 58 -5.12 -0.46 9.32
N ARG A 59 -5.25 0.72 9.91
CA ARG A 59 -6.53 1.41 9.99
C ARG A 59 -6.99 1.85 8.61
N ALA A 60 -6.04 2.23 7.76
CA ALA A 60 -6.34 2.67 6.40
C ALA A 60 -6.79 1.51 5.53
N ILE A 61 -6.08 0.38 5.64
CA ILE A 61 -6.40 -0.80 4.86
C ILE A 61 -7.78 -1.35 5.23
N GLU A 62 -8.03 -1.48 6.53
CA GLU A 62 -9.31 -1.99 7.01
C GLU A 62 -10.45 -1.06 6.61
N THR A 63 -10.18 0.25 6.64
CA THR A 63 -11.19 1.24 6.29
C THR A 63 -11.29 1.40 4.78
N LEU A 64 -10.20 1.10 4.08
CA LEU A 64 -10.16 1.22 2.63
C LEU A 64 -10.25 -0.16 1.97
N SER A 65 -9.17 -0.92 2.06
CA SER A 65 -9.12 -2.26 1.48
C SER A 65 -10.33 -3.09 1.93
N GLY A 66 -11.08 -3.60 0.96
CA GLY A 66 -12.25 -4.41 1.28
C GLY A 66 -13.45 -3.56 1.68
N LYS A 67 -13.29 -2.25 1.58
CA LYS A 67 -14.37 -1.33 1.94
C LYS A 67 -14.61 -0.32 0.82
N VAL A 68 -13.55 0.00 0.08
CA VAL A 68 -13.65 0.96 -1.02
C VAL A 68 -13.29 0.30 -2.35
N GLU A 69 -13.98 0.70 -3.40
CA GLU A 69 -13.73 0.16 -4.74
C GLU A 69 -13.61 1.27 -5.76
N LEU A 70 -12.74 1.07 -6.75
CA LEU A 70 -12.53 2.05 -7.80
C LEU A 70 -12.96 1.50 -9.16
N HIS A 71 -13.79 2.26 -9.87
CA HIS A 71 -14.27 1.85 -11.18
C HIS A 71 -15.12 0.58 -11.08
N GLY A 72 -15.73 0.37 -9.91
CA GLY A 72 -16.56 -0.80 -9.70
C GLY A 72 -15.75 -1.99 -9.20
N LYS A 73 -14.44 -1.84 -9.17
CA LYS A 73 -13.56 -2.92 -8.72
C LYS A 73 -13.02 -2.61 -7.31
N ILE A 74 -13.13 -3.59 -6.42
CA ILE A 74 -12.66 -3.42 -5.06
C ILE A 74 -11.13 -3.33 -5.02
N MET A 75 -10.62 -2.32 -4.32
CA MET A 75 -9.18 -2.11 -4.19
C MET A 75 -8.64 -2.83 -2.96
N GLU A 76 -7.50 -3.50 -3.14
CA GLU A 76 -6.88 -4.23 -2.04
C GLU A 76 -5.56 -3.60 -1.65
N VAL A 77 -5.41 -3.28 -0.36
CA VAL A 77 -4.18 -2.67 0.14
C VAL A 77 -3.42 -3.63 1.05
N ASP A 78 -2.15 -3.84 0.74
CA ASP A 78 -1.30 -4.73 1.52
C ASP A 78 0.16 -4.34 1.41
N TYR A 79 0.90 -4.49 2.50
CA TYR A 79 2.32 -4.15 2.53
C TYR A 79 2.98 -4.44 1.18
N SER A 80 3.92 -3.60 0.79
CA SER A 80 4.63 -3.77 -0.47
C SER A 80 5.54 -4.99 -0.44
N VAL A 81 6.30 -5.12 0.65
CA VAL A 81 7.21 -6.24 0.81
C VAL A 81 6.50 -7.56 0.55
N SER A 82 7.21 -8.48 -0.10
CA SER A 82 6.65 -9.79 -0.41
C SER A 82 7.13 -10.84 0.58
N LYS A 83 8.45 -10.99 0.68
CA LYS A 83 9.05 -11.95 1.60
C LYS A 83 8.48 -11.80 3.01
N LYS A 84 8.90 -12.67 3.91
CA LYS A 84 8.44 -12.63 5.29
C LYS A 84 9.51 -12.05 6.22
N LEU A 85 10.72 -12.60 6.11
CA LEU A 85 11.84 -12.14 6.93
C LEU A 85 13.17 -12.60 6.35
N ARG A 86 14.18 -11.75 6.46
CA ARG A 86 15.51 -12.06 5.94
C ARG A 86 16.12 -13.23 6.71
N SER A 87 15.87 -14.45 6.23
CA SER A 87 16.39 -15.65 6.88
C SER A 87 17.77 -16.00 6.31
N SER A 88 18.74 -16.16 7.20
CA SER A 88 20.10 -16.50 6.80
C SER A 88 20.18 -17.94 6.31
N GLY A 89 19.62 -18.86 7.09
CA GLY A 89 19.64 -20.26 6.73
C GLY A 89 19.23 -21.17 7.87
N PRO A 90 18.74 -22.37 7.53
CA PRO A 90 18.30 -23.36 8.53
C PRO A 90 19.47 -23.94 9.32
N SER A 91 20.55 -24.27 8.62
CA SER A 91 21.74 -24.83 9.26
C SER A 91 21.40 -26.16 9.92
N SER A 92 20.62 -26.99 9.23
CA SER A 92 20.22 -28.29 9.76
C SER A 92 21.42 -29.01 10.36
N GLY A 93 21.27 -29.46 11.61
CA GLY A 93 22.34 -30.17 12.28
C GLY A 93 22.06 -30.37 13.76
N GLY A 1 12.96 -7.78 12.87
CA GLY A 1 14.05 -7.68 13.82
C GLY A 1 14.79 -6.36 13.72
N SER A 2 14.63 -5.51 14.73
CA SER A 2 15.29 -4.21 14.74
C SER A 2 16.72 -4.31 14.21
N SER A 3 17.06 -3.46 13.26
CA SER A 3 18.39 -3.46 12.68
C SER A 3 19.03 -2.07 12.76
N GLY A 4 18.25 -1.05 12.43
CA GLY A 4 18.75 0.31 12.48
C GLY A 4 17.93 1.26 11.63
N SER A 5 18.38 1.51 10.41
CA SER A 5 17.68 2.42 9.51
C SER A 5 16.19 2.09 9.45
N SER A 6 15.37 3.11 9.27
CA SER A 6 13.92 2.93 9.20
C SER A 6 13.54 1.99 8.07
N GLY A 7 14.05 2.27 6.87
CA GLY A 7 13.76 1.44 5.72
C GLY A 7 12.51 1.88 4.98
N MET A 8 12.59 1.94 3.67
CA MET A 8 11.45 2.35 2.85
C MET A 8 10.17 1.67 3.32
N ASN A 9 9.21 2.47 3.76
CA ASN A 9 7.93 1.95 4.24
C ASN A 9 6.78 2.44 3.37
N LYS A 10 6.21 1.53 2.59
CA LYS A 10 5.10 1.87 1.71
C LYS A 10 4.12 0.70 1.59
N LEU A 11 2.91 0.98 1.12
CA LEU A 11 1.89 -0.03 0.95
C LEU A 11 1.62 -0.31 -0.52
N TYR A 12 1.40 -1.58 -0.84
CA TYR A 12 1.13 -1.98 -2.22
C TYR A 12 -0.36 -2.14 -2.46
N ILE A 13 -0.86 -1.50 -3.51
CA ILE A 13 -2.27 -1.58 -3.85
C ILE A 13 -2.50 -2.37 -5.14
N GLY A 14 -3.30 -3.42 -5.05
CA GLY A 14 -3.57 -4.25 -6.22
C GLY A 14 -5.02 -4.18 -6.64
N ASN A 15 -5.30 -4.57 -7.89
CA ASN A 15 -6.65 -4.55 -8.41
C ASN A 15 -7.11 -3.12 -8.69
N LEU A 16 -6.24 -2.34 -9.34
CA LEU A 16 -6.56 -0.96 -9.66
C LEU A 16 -6.84 -0.79 -11.15
N SER A 17 -8.09 -0.47 -11.48
CA SER A 17 -8.49 -0.28 -12.87
C SER A 17 -7.45 0.54 -13.63
N PRO A 18 -7.30 0.25 -14.93
CA PRO A 18 -6.35 0.94 -15.80
C PRO A 18 -6.77 2.38 -16.07
N ALA A 19 -7.91 2.79 -15.52
CA ALA A 19 -8.42 4.14 -15.71
C ALA A 19 -8.15 5.00 -14.46
N VAL A 20 -7.89 4.34 -13.34
CA VAL A 20 -7.62 5.04 -12.10
C VAL A 20 -6.43 5.98 -12.25
N THR A 21 -6.54 7.16 -11.63
CA THR A 21 -5.49 8.16 -11.69
C THR A 21 -4.94 8.48 -10.30
N ALA A 22 -3.73 9.00 -10.25
CA ALA A 22 -3.10 9.36 -8.98
C ALA A 22 -3.97 10.32 -8.18
N ASP A 23 -4.69 11.18 -8.89
CA ASP A 23 -5.57 12.15 -8.26
C ASP A 23 -6.72 11.45 -7.54
N ASP A 24 -7.26 10.43 -8.17
CA ASP A 24 -8.37 9.67 -7.58
C ASP A 24 -7.90 8.89 -6.35
N LEU A 25 -6.73 8.30 -6.44
CA LEU A 25 -6.17 7.53 -5.33
C LEU A 25 -5.99 8.41 -4.09
N ARG A 26 -5.40 9.58 -4.29
CA ARG A 26 -5.16 10.50 -3.19
C ARG A 26 -6.49 11.01 -2.62
N GLN A 27 -7.43 11.32 -3.52
CA GLN A 27 -8.73 11.83 -3.10
C GLN A 27 -9.53 10.75 -2.37
N LEU A 28 -9.35 9.50 -2.80
CA LEU A 28 -10.05 8.38 -2.19
C LEU A 28 -9.63 8.20 -0.74
N PHE A 29 -8.31 8.19 -0.51
CA PHE A 29 -7.78 8.02 0.84
C PHE A 29 -8.23 9.16 1.75
N GLY A 30 -8.17 10.39 1.24
CA GLY A 30 -8.58 11.53 2.02
C GLY A 30 -10.06 11.49 2.38
N ASP A 31 -10.87 10.96 1.49
CA ASP A 31 -12.31 10.87 1.71
C ASP A 31 -12.61 10.00 2.93
N ARG A 32 -11.76 8.99 3.15
CA ARG A 32 -11.94 8.09 4.28
C ARG A 32 -11.28 8.64 5.54
N LYS A 33 -11.04 9.95 5.54
CA LYS A 33 -10.42 10.62 6.68
C LYS A 33 -9.00 10.10 6.90
N LEU A 34 -8.38 9.61 5.84
CA LEU A 34 -7.02 9.08 5.91
C LEU A 34 -6.07 9.91 5.06
N PRO A 35 -5.66 11.07 5.61
CA PRO A 35 -4.74 11.98 4.92
C PRO A 35 -3.32 11.41 4.82
N LEU A 36 -2.89 11.12 3.60
CA LEU A 36 -1.56 10.57 3.36
C LEU A 36 -0.49 11.58 3.75
N ALA A 37 0.36 11.20 4.71
CA ALA A 37 1.44 12.07 5.16
C ALA A 37 2.72 11.79 4.39
N GLY A 38 2.60 11.16 3.23
CA GLY A 38 3.76 10.86 2.42
C GLY A 38 3.52 11.11 0.94
N GLN A 39 4.10 10.26 0.10
CA GLN A 39 3.94 10.40 -1.35
C GLN A 39 3.12 9.25 -1.91
N VAL A 40 2.63 9.44 -3.15
CA VAL A 40 1.82 8.42 -3.80
C VAL A 40 2.44 8.01 -5.13
N LEU A 41 2.31 6.73 -5.47
CA LEU A 41 2.86 6.21 -6.72
C LEU A 41 1.80 5.42 -7.48
N LEU A 42 1.74 5.65 -8.79
CA LEU A 42 0.77 4.97 -9.64
C LEU A 42 1.47 4.04 -10.63
N LYS A 43 1.25 2.75 -10.47
CA LYS A 43 1.87 1.75 -11.35
C LYS A 43 0.82 1.10 -12.24
N SER A 44 1.27 0.54 -13.36
CA SER A 44 0.37 -0.13 -14.30
C SER A 44 -0.20 -1.41 -13.71
N GLY A 45 -1.31 -1.27 -12.97
CA GLY A 45 -1.93 -2.43 -12.36
C GLY A 45 -1.90 -2.37 -10.85
N TYR A 46 -1.14 -1.42 -10.31
CA TYR A 46 -1.03 -1.26 -8.86
C TYR A 46 -0.60 0.16 -8.50
N ALA A 47 -0.50 0.43 -7.21
CA ALA A 47 -0.09 1.75 -6.73
C ALA A 47 0.54 1.66 -5.34
N PHE A 48 1.54 2.50 -5.10
CA PHE A 48 2.23 2.52 -3.81
C PHE A 48 1.88 3.78 -3.03
N VAL A 49 1.82 3.65 -1.71
CA VAL A 49 1.50 4.79 -0.85
C VAL A 49 2.35 4.76 0.42
N ASP A 50 2.79 5.94 0.85
CA ASP A 50 3.61 6.07 2.05
C ASP A 50 2.74 6.31 3.28
N TYR A 51 2.88 5.46 4.29
CA TYR A 51 2.11 5.58 5.51
C TYR A 51 2.96 6.18 6.64
N PRO A 52 2.32 6.96 7.51
CA PRO A 52 2.99 7.60 8.64
C PRO A 52 3.43 6.60 9.71
N ASP A 53 2.51 5.75 10.12
CA ASP A 53 2.80 4.73 11.13
C ASP A 53 2.07 3.42 10.82
N GLN A 54 2.51 2.35 11.46
CA GLN A 54 1.90 1.03 11.25
C GLN A 54 0.41 1.07 11.57
N ASN A 55 0.05 1.84 12.59
CA ASN A 55 -1.35 1.95 12.99
C ASN A 55 -2.20 2.56 11.87
N TRP A 56 -1.68 3.62 11.26
CA TRP A 56 -2.40 4.28 10.17
C TRP A 56 -2.60 3.33 9.00
N ALA A 57 -1.57 2.56 8.68
CA ALA A 57 -1.64 1.61 7.57
C ALA A 57 -2.71 0.55 7.83
N ILE A 58 -2.68 -0.04 9.02
CA ILE A 58 -3.65 -1.07 9.38
C ILE A 58 -5.08 -0.51 9.34
N ARG A 59 -5.24 0.71 9.87
CA ARG A 59 -6.55 1.35 9.90
C ARG A 59 -7.00 1.74 8.49
N ALA A 60 -6.05 2.23 7.70
CA ALA A 60 -6.34 2.65 6.33
C ALA A 60 -6.74 1.46 5.47
N ILE A 61 -5.97 0.37 5.59
CA ILE A 61 -6.23 -0.83 4.82
C ILE A 61 -7.60 -1.41 5.15
N GLU A 62 -7.90 -1.54 6.44
CA GLU A 62 -9.17 -2.06 6.90
C GLU A 62 -10.33 -1.19 6.44
N THR A 63 -10.11 0.13 6.48
CA THR A 63 -11.13 1.08 6.06
C THR A 63 -11.20 1.19 4.54
N LEU A 64 -10.11 0.84 3.87
CA LEU A 64 -10.06 0.90 2.42
C LEU A 64 -10.23 -0.49 1.81
N SER A 65 -9.20 -1.32 1.95
CA SER A 65 -9.24 -2.67 1.42
C SER A 65 -10.47 -3.43 1.94
N GLY A 66 -11.34 -3.82 1.02
CA GLY A 66 -12.55 -4.54 1.40
C GLY A 66 -13.68 -3.62 1.81
N LYS A 67 -13.35 -2.33 1.98
CA LYS A 67 -14.35 -1.35 2.37
C LYS A 67 -14.39 -0.18 1.38
N VAL A 68 -13.62 -0.31 0.30
CA VAL A 68 -13.55 0.73 -0.72
C VAL A 68 -13.31 0.13 -2.10
N GLU A 69 -14.09 0.59 -3.08
CA GLU A 69 -13.96 0.10 -4.45
C GLU A 69 -13.91 1.26 -5.44
N LEU A 70 -13.18 1.07 -6.53
CA LEU A 70 -13.04 2.09 -7.55
C LEU A 70 -13.38 1.53 -8.93
N HIS A 71 -14.13 2.31 -9.72
CA HIS A 71 -14.51 1.89 -11.05
C HIS A 71 -15.32 0.59 -11.01
N GLY A 72 -16.08 0.41 -9.94
CA GLY A 72 -16.88 -0.79 -9.79
C GLY A 72 -16.05 -2.00 -9.42
N LYS A 73 -14.79 -1.78 -9.07
CA LYS A 73 -13.89 -2.86 -8.70
C LYS A 73 -13.34 -2.65 -7.29
N ILE A 74 -13.39 -3.70 -6.48
CA ILE A 74 -12.88 -3.62 -5.11
C ILE A 74 -11.36 -3.47 -5.09
N MET A 75 -10.89 -2.45 -4.37
CA MET A 75 -9.46 -2.20 -4.27
C MET A 75 -8.84 -2.99 -3.13
N GLU A 76 -7.73 -3.66 -3.41
CA GLU A 76 -7.05 -4.47 -2.40
C GLU A 76 -5.73 -3.81 -1.98
N VAL A 77 -5.60 -3.54 -0.69
CA VAL A 77 -4.38 -2.92 -0.15
C VAL A 77 -3.64 -3.87 0.77
N ASP A 78 -2.34 -4.04 0.51
CA ASP A 78 -1.52 -4.93 1.33
C ASP A 78 -0.07 -4.45 1.34
N TYR A 79 0.65 -4.79 2.39
CA TYR A 79 2.05 -4.39 2.53
C TYR A 79 2.84 -4.74 1.27
N SER A 80 4.01 -4.14 1.14
CA SER A 80 4.87 -4.38 -0.02
C SER A 80 6.13 -5.14 0.38
N VAL A 81 6.08 -6.46 0.24
CA VAL A 81 7.22 -7.31 0.58
C VAL A 81 7.75 -8.04 -0.65
N SER A 82 7.68 -7.38 -1.80
CA SER A 82 8.14 -7.97 -3.05
C SER A 82 9.37 -8.84 -2.80
N LYS A 83 10.39 -8.28 -2.17
CA LYS A 83 11.61 -9.01 -1.87
C LYS A 83 11.59 -9.55 -0.44
N LYS A 84 11.10 -10.78 -0.30
CA LYS A 84 11.03 -11.43 1.00
C LYS A 84 12.30 -12.22 1.29
N LEU A 85 13.43 -11.52 1.32
CA LEU A 85 14.71 -12.16 1.59
C LEU A 85 15.09 -12.03 3.06
N ARG A 86 14.72 -13.03 3.85
CA ARG A 86 15.02 -13.03 5.28
C ARG A 86 15.67 -14.34 5.71
N SER A 87 16.95 -14.50 5.38
CA SER A 87 17.67 -15.71 5.72
C SER A 87 18.93 -15.39 6.53
N SER A 88 19.35 -16.33 7.37
CA SER A 88 20.53 -16.14 8.20
C SER A 88 21.59 -15.32 7.47
N GLY A 89 21.80 -15.66 6.19
CA GLY A 89 22.78 -14.95 5.40
C GLY A 89 23.16 -15.69 4.13
N PRO A 90 23.84 -15.00 3.21
CA PRO A 90 24.27 -15.58 1.93
C PRO A 90 25.35 -16.64 2.11
N SER A 91 26.33 -16.34 2.97
CA SER A 91 27.43 -17.26 3.22
C SER A 91 28.17 -17.60 1.93
N SER A 92 28.39 -16.59 1.10
CA SER A 92 29.08 -16.77 -0.18
C SER A 92 30.36 -15.95 -0.22
N GLY A 93 30.27 -14.69 0.21
CA GLY A 93 31.43 -13.83 0.22
C GLY A 93 31.67 -13.17 1.56
N GLY A 1 19.88 -11.94 7.18
CA GLY A 1 18.48 -11.67 7.46
C GLY A 1 18.29 -10.59 8.52
N SER A 2 17.38 -9.66 8.25
CA SER A 2 17.11 -8.57 9.17
C SER A 2 15.64 -8.55 9.58
N SER A 3 15.35 -9.03 10.78
CA SER A 3 13.99 -9.06 11.28
C SER A 3 13.34 -7.69 11.22
N GLY A 4 12.40 -7.53 10.28
CA GLY A 4 11.72 -6.25 10.13
C GLY A 4 12.25 -5.45 8.95
N SER A 5 11.34 -4.95 8.12
CA SER A 5 11.72 -4.17 6.96
C SER A 5 11.69 -2.68 7.26
N SER A 6 12.87 -2.08 7.39
CA SER A 6 12.98 -0.66 7.69
C SER A 6 13.53 0.11 6.49
N GLY A 7 12.68 0.93 5.88
CA GLY A 7 13.10 1.71 4.73
C GLY A 7 12.06 1.71 3.63
N MET A 8 11.68 2.90 3.18
CA MET A 8 10.69 3.04 2.12
C MET A 8 9.37 2.39 2.52
N ASN A 9 9.00 2.53 3.79
CA ASN A 9 7.77 1.96 4.30
C ASN A 9 6.57 2.40 3.47
N LYS A 10 6.02 1.49 2.68
CA LYS A 10 4.88 1.78 1.83
C LYS A 10 3.97 0.56 1.70
N LEU A 11 2.77 0.78 1.18
CA LEU A 11 1.80 -0.31 1.00
C LEU A 11 1.55 -0.56 -0.48
N TYR A 12 1.38 -1.83 -0.83
CA TYR A 12 1.12 -2.22 -2.21
C TYR A 12 -0.37 -2.35 -2.48
N ILE A 13 -0.85 -1.67 -3.51
CA ILE A 13 -2.27 -1.72 -3.87
C ILE A 13 -2.47 -2.44 -5.20
N GLY A 14 -3.27 -3.51 -5.16
CA GLY A 14 -3.53 -4.28 -6.37
C GLY A 14 -4.99 -4.20 -6.80
N ASN A 15 -5.27 -4.66 -8.01
CA ASN A 15 -6.62 -4.64 -8.54
C ASN A 15 -7.07 -3.22 -8.85
N LEU A 16 -6.16 -2.44 -9.43
CA LEU A 16 -6.46 -1.06 -9.78
C LEU A 16 -6.85 -0.94 -11.26
N SER A 17 -7.99 -0.30 -11.51
CA SER A 17 -8.48 -0.13 -12.87
C SER A 17 -7.56 0.77 -13.68
N PRO A 18 -7.50 0.55 -15.00
CA PRO A 18 -6.66 1.33 -15.90
C PRO A 18 -7.16 2.76 -16.07
N ALA A 19 -8.32 3.05 -15.48
CA ALA A 19 -8.90 4.39 -15.55
C ALA A 19 -8.57 5.21 -14.32
N VAL A 20 -8.09 4.54 -13.28
CA VAL A 20 -7.74 5.20 -12.03
C VAL A 20 -6.52 6.11 -12.23
N THR A 21 -6.57 7.30 -11.64
CA THR A 21 -5.47 8.25 -11.74
C THR A 21 -4.95 8.64 -10.36
N ALA A 22 -3.76 9.21 -10.33
CA ALA A 22 -3.14 9.63 -9.08
C ALA A 22 -4.07 10.54 -8.29
N ASP A 23 -4.77 11.42 -8.99
CA ASP A 23 -5.70 12.35 -8.36
C ASP A 23 -6.83 11.59 -7.66
N ASP A 24 -7.31 10.54 -8.29
CA ASP A 24 -8.39 9.73 -7.73
C ASP A 24 -7.91 9.00 -6.48
N LEU A 25 -6.71 8.47 -6.54
CA LEU A 25 -6.14 7.74 -5.41
C LEU A 25 -6.06 8.62 -4.17
N ARG A 26 -5.56 9.84 -4.34
CA ARG A 26 -5.43 10.79 -3.24
C ARG A 26 -6.80 11.21 -2.73
N GLN A 27 -7.72 11.46 -3.67
CA GLN A 27 -9.07 11.89 -3.32
C GLN A 27 -9.80 10.78 -2.54
N LEU A 28 -9.49 9.54 -2.88
CA LEU A 28 -10.11 8.39 -2.22
C LEU A 28 -9.66 8.28 -0.76
N PHE A 29 -8.35 8.35 -0.56
CA PHE A 29 -7.79 8.26 0.79
C PHE A 29 -8.24 9.45 1.64
N GLY A 30 -8.18 10.64 1.07
CA GLY A 30 -8.57 11.85 1.79
C GLY A 30 -10.05 11.86 2.10
N ASP A 31 -10.86 11.30 1.19
CA ASP A 31 -12.31 11.26 1.39
C ASP A 31 -12.67 10.38 2.57
N ARG A 32 -11.85 9.36 2.83
CA ARG A 32 -12.10 8.44 3.93
C ARG A 32 -11.44 8.95 5.21
N LYS A 33 -11.13 10.25 5.24
CA LYS A 33 -10.49 10.85 6.40
C LYS A 33 -9.12 10.24 6.65
N LEU A 34 -8.50 9.74 5.59
CA LEU A 34 -7.18 9.13 5.69
C LEU A 34 -6.17 9.86 4.81
N PRO A 35 -5.66 10.99 5.30
CA PRO A 35 -4.68 11.81 4.57
C PRO A 35 -3.32 11.12 4.46
N LEU A 36 -2.73 11.16 3.28
CA LEU A 36 -1.43 10.55 3.04
C LEU A 36 -0.30 11.49 3.42
N ALA A 37 0.35 11.22 4.55
CA ALA A 37 1.45 12.04 5.02
C ALA A 37 2.77 11.59 4.41
N GLY A 38 2.72 11.15 3.16
CA GLY A 38 3.92 10.69 2.49
C GLY A 38 3.85 10.88 0.99
N GLN A 39 4.46 9.96 0.25
CA GLN A 39 4.46 10.03 -1.21
C GLN A 39 3.52 8.99 -1.81
N VAL A 40 3.03 9.27 -3.01
CA VAL A 40 2.13 8.35 -3.69
C VAL A 40 2.68 7.93 -5.05
N LEU A 41 2.59 6.64 -5.34
CA LEU A 41 3.08 6.10 -6.61
C LEU A 41 2.01 5.27 -7.31
N LEU A 42 1.75 5.60 -8.57
CA LEU A 42 0.75 4.87 -9.35
C LEU A 42 1.40 4.08 -10.48
N LYS A 43 1.32 2.76 -10.41
CA LYS A 43 1.90 1.89 -11.42
C LYS A 43 0.81 1.22 -12.25
N SER A 44 1.17 0.78 -13.46
CA SER A 44 0.21 0.11 -14.34
C SER A 44 -0.21 -1.24 -13.76
N GLY A 45 -1.33 -1.24 -13.06
CA GLY A 45 -1.83 -2.47 -12.47
C GLY A 45 -1.77 -2.45 -10.95
N TYR A 46 -0.96 -1.55 -10.40
CA TYR A 46 -0.82 -1.43 -8.96
C TYR A 46 -0.34 -0.03 -8.57
N ALA A 47 -0.22 0.21 -7.27
CA ALA A 47 0.23 1.50 -6.76
C ALA A 47 0.82 1.37 -5.36
N PHE A 48 1.73 2.28 -5.02
CA PHE A 48 2.37 2.26 -3.72
C PHE A 48 2.09 3.56 -2.96
N VAL A 49 1.82 3.44 -1.66
CA VAL A 49 1.54 4.60 -0.83
C VAL A 49 2.35 4.56 0.46
N ASP A 50 2.83 5.72 0.89
CA ASP A 50 3.62 5.81 2.11
C ASP A 50 2.75 6.18 3.30
N TYR A 51 2.77 5.33 4.32
CA TYR A 51 1.96 5.56 5.52
C TYR A 51 2.79 6.24 6.60
N PRO A 52 2.12 7.10 7.40
CA PRO A 52 2.78 7.83 8.49
C PRO A 52 3.19 6.91 9.64
N ASP A 53 2.27 6.07 10.07
CA ASP A 53 2.53 5.14 11.16
C ASP A 53 1.91 3.77 10.89
N GLN A 54 2.27 2.79 11.69
CA GLN A 54 1.75 1.44 11.54
C GLN A 54 0.26 1.39 11.84
N ASN A 55 -0.16 2.14 12.85
CA ASN A 55 -1.57 2.18 13.24
C ASN A 55 -2.43 2.74 12.11
N TRP A 56 -1.95 3.80 11.48
CA TRP A 56 -2.68 4.42 10.38
C TRP A 56 -2.78 3.48 9.18
N ALA A 57 -1.68 2.79 8.88
CA ALA A 57 -1.64 1.86 7.77
C ALA A 57 -2.61 0.70 7.99
N ILE A 58 -2.53 0.09 9.16
CA ILE A 58 -3.40 -1.03 9.51
C ILE A 58 -4.88 -0.63 9.43
N ARG A 59 -5.19 0.54 9.98
CA ARG A 59 -6.56 1.04 9.98
C ARG A 59 -6.98 1.45 8.58
N ALA A 60 -6.05 2.05 7.83
CA ALA A 60 -6.33 2.49 6.48
C ALA A 60 -6.61 1.30 5.56
N ILE A 61 -5.76 0.28 5.64
CA ILE A 61 -5.91 -0.91 4.82
C ILE A 61 -7.19 -1.65 5.17
N GLU A 62 -7.42 -1.86 6.45
CA GLU A 62 -8.62 -2.56 6.91
C GLU A 62 -9.87 -1.79 6.53
N THR A 63 -9.80 -0.46 6.60
CA THR A 63 -10.93 0.39 6.26
C THR A 63 -11.05 0.57 4.75
N LEU A 64 -9.92 0.49 4.06
CA LEU A 64 -9.90 0.63 2.61
C LEU A 64 -10.08 -0.71 1.92
N SER A 65 -9.06 -1.55 1.98
CA SER A 65 -9.10 -2.87 1.36
C SER A 65 -10.27 -3.68 1.88
N GLY A 66 -11.14 -4.12 0.98
CA GLY A 66 -12.30 -4.90 1.37
C GLY A 66 -13.45 -4.03 1.85
N LYS A 67 -13.19 -2.73 1.98
CA LYS A 67 -14.22 -1.80 2.44
C LYS A 67 -14.29 -0.59 1.51
N VAL A 68 -13.52 -0.63 0.42
CA VAL A 68 -13.50 0.46 -0.55
C VAL A 68 -13.30 -0.07 -1.96
N GLU A 69 -14.10 0.45 -2.90
CA GLU A 69 -14.01 0.02 -4.29
C GLU A 69 -13.95 1.23 -5.22
N LEU A 70 -13.12 1.14 -6.25
CA LEU A 70 -12.96 2.23 -7.21
C LEU A 70 -13.34 1.76 -8.62
N HIS A 71 -14.14 2.57 -9.30
CA HIS A 71 -14.58 2.24 -10.65
C HIS A 71 -15.37 0.94 -10.68
N GLY A 72 -16.28 0.79 -9.71
CA GLY A 72 -17.08 -0.41 -9.64
C GLY A 72 -16.26 -1.66 -9.37
N LYS A 73 -14.99 -1.46 -9.02
CA LYS A 73 -14.09 -2.57 -8.74
C LYS A 73 -13.51 -2.45 -7.33
N ILE A 74 -13.48 -3.57 -6.61
CA ILE A 74 -12.96 -3.60 -5.26
C ILE A 74 -11.44 -3.45 -5.26
N MET A 75 -10.94 -2.50 -4.46
CA MET A 75 -9.51 -2.27 -4.37
C MET A 75 -8.90 -3.12 -3.26
N GLU A 76 -7.74 -3.71 -3.57
CA GLU A 76 -7.04 -4.56 -2.60
C GLU A 76 -5.72 -3.92 -2.17
N VAL A 77 -5.53 -3.81 -0.86
CA VAL A 77 -4.31 -3.22 -0.32
C VAL A 77 -3.58 -4.19 0.59
N ASP A 78 -2.26 -4.29 0.41
CA ASP A 78 -1.45 -5.19 1.22
C ASP A 78 -0.03 -4.66 1.37
N TYR A 79 0.57 -4.89 2.53
CA TYR A 79 1.93 -4.43 2.79
C TYR A 79 2.84 -4.73 1.61
N SER A 80 3.81 -3.86 1.39
CA SER A 80 4.76 -4.02 0.29
C SER A 80 6.04 -4.70 0.78
N VAL A 81 5.89 -5.88 1.37
CA VAL A 81 7.04 -6.63 1.88
C VAL A 81 7.07 -8.03 1.28
N SER A 82 5.96 -8.45 0.68
CA SER A 82 5.87 -9.77 0.08
C SER A 82 6.86 -9.92 -1.07
N LYS A 83 6.94 -8.88 -1.90
CA LYS A 83 7.85 -8.89 -3.04
C LYS A 83 7.47 -10.00 -4.03
N LYS A 84 6.17 -10.22 -4.19
CA LYS A 84 5.68 -11.25 -5.10
C LYS A 84 6.25 -11.06 -6.50
N LEU A 85 6.17 -9.82 -7.00
CA LEU A 85 6.68 -9.51 -8.33
C LEU A 85 8.16 -9.84 -8.44
N ARG A 86 8.47 -10.90 -9.19
CA ARG A 86 9.84 -11.34 -9.38
C ARG A 86 10.05 -11.91 -10.78
N SER A 87 11.04 -11.36 -11.49
CA SER A 87 11.33 -11.81 -12.85
C SER A 87 12.36 -12.94 -12.84
N SER A 88 12.12 -13.97 -13.64
CA SER A 88 13.02 -15.11 -13.71
C SER A 88 13.60 -15.25 -15.12
N GLY A 89 14.49 -16.22 -15.29
CA GLY A 89 15.11 -16.44 -16.59
C GLY A 89 15.20 -17.91 -16.95
N PRO A 90 15.06 -18.21 -18.25
CA PRO A 90 15.12 -19.58 -18.75
C PRO A 90 16.52 -20.18 -18.65
N SER A 91 16.65 -21.25 -17.87
CA SER A 91 17.93 -21.92 -17.69
C SER A 91 17.88 -23.35 -18.23
N SER A 92 18.45 -23.55 -19.40
CA SER A 92 18.47 -24.87 -20.02
C SER A 92 19.67 -25.01 -20.97
N GLY A 93 20.38 -26.13 -20.86
CA GLY A 93 21.53 -26.36 -21.70
C GLY A 93 22.83 -26.16 -20.96
N GLY A 1 9.83 -12.74 21.46
CA GLY A 1 9.49 -11.60 22.28
C GLY A 1 9.25 -10.34 21.48
N SER A 2 9.82 -9.23 21.94
CA SER A 2 9.67 -7.95 21.25
C SER A 2 10.74 -7.79 20.18
N SER A 3 10.30 -7.74 18.91
CA SER A 3 11.23 -7.59 17.80
C SER A 3 10.46 -7.26 16.51
N GLY A 4 11.13 -6.54 15.62
CA GLY A 4 10.49 -6.17 14.36
C GLY A 4 11.46 -5.49 13.41
N SER A 5 10.92 -4.68 12.50
CA SER A 5 11.74 -3.98 11.53
C SER A 5 11.77 -2.47 11.81
N SER A 6 12.74 -1.78 11.24
CA SER A 6 12.88 -0.35 11.44
C SER A 6 13.28 0.35 10.14
N GLY A 7 12.72 1.52 9.90
CA GLY A 7 13.04 2.27 8.70
C GLY A 7 11.80 2.79 7.99
N MET A 8 11.86 2.84 6.67
CA MET A 8 10.73 3.32 5.88
C MET A 8 10.11 2.19 5.07
N ASN A 9 8.79 2.24 4.89
CA ASN A 9 8.09 1.22 4.12
C ASN A 9 6.92 1.82 3.34
N LYS A 10 6.26 1.00 2.55
CA LYS A 10 5.13 1.46 1.73
C LYS A 10 4.08 0.36 1.60
N LEU A 11 2.89 0.73 1.13
CA LEU A 11 1.81 -0.23 0.95
C LEU A 11 1.53 -0.46 -0.53
N TYR A 12 1.39 -1.73 -0.90
CA TYR A 12 1.12 -2.10 -2.29
C TYR A 12 -0.38 -2.24 -2.53
N ILE A 13 -0.87 -1.61 -3.59
CA ILE A 13 -2.28 -1.67 -3.93
C ILE A 13 -2.49 -2.44 -5.22
N GLY A 14 -3.29 -3.50 -5.14
CA GLY A 14 -3.57 -4.32 -6.31
C GLY A 14 -5.03 -4.24 -6.74
N ASN A 15 -5.30 -4.66 -7.97
CA ASN A 15 -6.66 -4.64 -8.50
C ASN A 15 -7.11 -3.20 -8.79
N LEU A 16 -6.20 -2.41 -9.33
CA LEU A 16 -6.50 -1.01 -9.66
C LEU A 16 -6.96 -0.88 -11.12
N SER A 17 -8.17 -0.37 -11.30
CA SER A 17 -8.72 -0.19 -12.63
C SER A 17 -7.75 0.57 -13.53
N PRO A 18 -7.80 0.28 -14.84
CA PRO A 18 -6.93 0.92 -15.83
C PRO A 18 -7.28 2.39 -16.04
N ALA A 19 -8.29 2.87 -15.32
CA ALA A 19 -8.71 4.25 -15.42
C ALA A 19 -8.34 5.04 -14.17
N VAL A 20 -8.03 4.33 -13.09
CA VAL A 20 -7.66 4.97 -11.84
C VAL A 20 -6.45 5.88 -12.02
N THR A 21 -6.57 7.10 -11.52
CA THR A 21 -5.49 8.08 -11.62
C THR A 21 -4.98 8.48 -10.24
N ALA A 22 -3.75 8.99 -10.21
CA ALA A 22 -3.14 9.42 -8.95
C ALA A 22 -4.04 10.39 -8.21
N ASP A 23 -4.68 11.28 -8.96
CA ASP A 23 -5.57 12.28 -8.37
C ASP A 23 -6.72 11.61 -7.64
N ASP A 24 -7.29 10.57 -8.25
CA ASP A 24 -8.40 9.85 -7.66
C ASP A 24 -7.97 9.15 -6.36
N LEU A 25 -6.76 8.60 -6.37
CA LEU A 25 -6.23 7.91 -5.20
C LEU A 25 -6.15 8.85 -4.01
N ARG A 26 -5.59 10.04 -4.22
CA ARG A 26 -5.46 11.03 -3.16
C ARG A 26 -6.83 11.46 -2.64
N GLN A 27 -7.75 11.71 -3.55
CA GLN A 27 -9.10 12.12 -3.18
C GLN A 27 -9.83 11.00 -2.45
N LEU A 28 -9.63 9.77 -2.90
CA LEU A 28 -10.28 8.62 -2.29
C LEU A 28 -9.84 8.46 -0.84
N PHE A 29 -8.53 8.55 -0.60
CA PHE A 29 -7.99 8.42 0.74
C PHE A 29 -8.49 9.55 1.64
N GLY A 30 -8.48 10.77 1.12
CA GLY A 30 -8.93 11.91 1.89
C GLY A 30 -10.40 11.81 2.27
N ASP A 31 -11.20 11.23 1.39
CA ASP A 31 -12.63 11.07 1.65
C ASP A 31 -12.87 10.15 2.83
N ARG A 32 -11.97 9.19 3.02
CA ARG A 32 -12.09 8.24 4.12
C ARG A 32 -11.36 8.75 5.36
N LYS A 33 -11.08 10.05 5.38
CA LYS A 33 -10.39 10.66 6.51
C LYS A 33 -9.03 10.02 6.72
N LEU A 34 -8.32 9.76 5.62
CA LEU A 34 -7.00 9.15 5.70
C LEU A 34 -6.00 9.89 4.82
N PRO A 35 -5.47 11.01 5.34
CA PRO A 35 -4.50 11.83 4.63
C PRO A 35 -3.15 11.14 4.48
N LEU A 36 -2.63 11.11 3.26
CA LEU A 36 -1.35 10.48 2.98
C LEU A 36 -0.20 11.38 3.41
N ALA A 37 0.39 11.08 4.57
CA ALA A 37 1.50 11.86 5.08
C ALA A 37 2.82 11.42 4.46
N GLY A 38 2.78 11.10 3.17
CA GLY A 38 3.99 10.66 2.47
C GLY A 38 3.90 10.87 0.98
N GLN A 39 4.47 9.94 0.22
CA GLN A 39 4.44 10.02 -1.24
C GLN A 39 3.51 8.98 -1.83
N VAL A 40 3.00 9.27 -3.02
CA VAL A 40 2.09 8.35 -3.70
C VAL A 40 2.63 7.95 -5.07
N LEU A 41 2.55 6.66 -5.37
CA LEU A 41 3.03 6.14 -6.65
C LEU A 41 1.96 5.29 -7.34
N LEU A 42 1.68 5.61 -8.60
CA LEU A 42 0.68 4.87 -9.36
C LEU A 42 1.33 4.09 -10.50
N LYS A 43 1.25 2.77 -10.42
CA LYS A 43 1.83 1.91 -11.44
C LYS A 43 0.73 1.22 -12.25
N SER A 44 1.09 0.77 -13.45
CA SER A 44 0.14 0.09 -14.32
C SER A 44 -0.27 -1.26 -13.74
N GLY A 45 -1.39 -1.27 -13.02
CA GLY A 45 -1.87 -2.50 -12.42
C GLY A 45 -1.81 -2.46 -10.91
N TYR A 46 -1.01 -1.54 -10.37
CA TYR A 46 -0.87 -1.41 -8.92
C TYR A 46 -0.41 0.00 -8.55
N ALA A 47 -0.31 0.26 -7.25
CA ALA A 47 0.12 1.55 -6.75
C ALA A 47 0.72 1.45 -5.36
N PHE A 48 1.69 2.32 -5.07
CA PHE A 48 2.35 2.31 -3.77
C PHE A 48 2.05 3.59 -3.00
N VAL A 49 1.94 3.48 -1.68
CA VAL A 49 1.65 4.63 -0.83
C VAL A 49 2.45 4.56 0.46
N ASP A 50 2.93 5.71 0.92
CA ASP A 50 3.71 5.79 2.14
C ASP A 50 2.81 6.11 3.34
N TYR A 51 2.86 5.26 4.36
CA TYR A 51 2.05 5.45 5.55
C TYR A 51 2.85 6.16 6.64
N PRO A 52 2.16 7.03 7.40
CA PRO A 52 2.78 7.79 8.50
C PRO A 52 3.17 6.90 9.68
N ASP A 53 2.24 6.04 10.09
CA ASP A 53 2.50 5.13 11.20
C ASP A 53 1.91 3.75 10.92
N GLN A 54 2.32 2.77 11.72
CA GLN A 54 1.84 1.41 11.55
C GLN A 54 0.34 1.31 11.82
N ASN A 55 -0.12 2.04 12.83
CA ASN A 55 -1.53 2.03 13.19
C ASN A 55 -2.38 2.60 12.06
N TRP A 56 -1.93 3.71 11.48
CA TRP A 56 -2.65 4.34 10.38
C TRP A 56 -2.73 3.40 9.17
N ALA A 57 -1.63 2.72 8.88
CA ALA A 57 -1.59 1.80 7.76
C ALA A 57 -2.55 0.63 7.96
N ILE A 58 -2.56 0.08 9.17
CA ILE A 58 -3.43 -1.04 9.51
C ILE A 58 -4.90 -0.62 9.44
N ARG A 59 -5.21 0.54 10.01
CA ARG A 59 -6.57 1.04 10.03
C ARG A 59 -7.01 1.48 8.63
N ALA A 60 -6.07 2.08 7.89
CA ALA A 60 -6.36 2.53 6.53
C ALA A 60 -6.64 1.35 5.60
N ILE A 61 -5.81 0.32 5.69
CA ILE A 61 -5.96 -0.85 4.85
C ILE A 61 -7.28 -1.56 5.15
N GLU A 62 -7.56 -1.76 6.43
CA GLU A 62 -8.80 -2.43 6.85
C GLU A 62 -10.02 -1.63 6.43
N THR A 63 -9.90 -0.30 6.51
CA THR A 63 -11.00 0.58 6.15
C THR A 63 -11.07 0.77 4.64
N LEU A 64 -9.94 0.61 3.97
CA LEU A 64 -9.86 0.76 2.52
C LEU A 64 -9.96 -0.60 1.82
N SER A 65 -8.91 -1.41 1.98
CA SER A 65 -8.87 -2.73 1.37
C SER A 65 -10.06 -3.57 1.82
N GLY A 66 -10.95 -3.88 0.89
CA GLY A 66 -12.12 -4.67 1.21
C GLY A 66 -13.28 -3.83 1.69
N LYS A 67 -13.07 -2.52 1.77
CA LYS A 67 -14.11 -1.60 2.22
C LYS A 67 -14.22 -0.41 1.27
N VAL A 68 -13.48 -0.46 0.18
CA VAL A 68 -13.51 0.63 -0.82
C VAL A 68 -13.31 0.08 -2.22
N GLU A 69 -14.13 0.54 -3.15
CA GLU A 69 -14.05 0.11 -4.53
C GLU A 69 -14.00 1.30 -5.49
N LEU A 70 -13.31 1.13 -6.60
CA LEU A 70 -13.18 2.20 -7.60
C LEU A 70 -13.53 1.69 -8.99
N HIS A 71 -14.35 2.46 -9.71
CA HIS A 71 -14.75 2.09 -11.06
C HIS A 71 -15.51 0.76 -11.05
N GLY A 72 -16.12 0.44 -9.91
CA GLY A 72 -16.87 -0.80 -9.80
C GLY A 72 -15.99 -1.97 -9.46
N LYS A 73 -14.70 -1.72 -9.26
CA LYS A 73 -13.75 -2.77 -8.92
C LYS A 73 -13.26 -2.61 -7.49
N ILE A 74 -13.19 -3.72 -6.77
CA ILE A 74 -12.74 -3.72 -5.39
C ILE A 74 -11.23 -3.49 -5.30
N MET A 75 -10.84 -2.47 -4.54
CA MET A 75 -9.43 -2.14 -4.36
C MET A 75 -8.82 -2.93 -3.21
N GLU A 76 -7.63 -3.50 -3.45
CA GLU A 76 -6.95 -4.28 -2.42
C GLU A 76 -5.66 -3.59 -1.99
N VAL A 77 -5.42 -3.58 -0.68
CA VAL A 77 -4.22 -2.94 -0.14
C VAL A 77 -3.53 -3.86 0.88
N ASP A 78 -2.23 -4.03 0.72
CA ASP A 78 -1.45 -4.87 1.61
C ASP A 78 0.01 -4.45 1.63
N TYR A 79 0.69 -4.73 2.74
CA TYR A 79 2.09 -4.38 2.89
C TYR A 79 2.90 -4.78 1.64
N SER A 80 3.62 -3.82 1.09
CA SER A 80 4.42 -4.05 -0.10
C SER A 80 5.55 -5.04 0.19
N VAL A 81 5.21 -6.33 0.18
CA VAL A 81 6.19 -7.37 0.44
C VAL A 81 6.05 -8.53 -0.55
N SER A 82 7.05 -9.41 -0.57
CA SER A 82 7.03 -10.56 -1.46
C SER A 82 7.14 -11.87 -0.68
N LYS A 83 6.01 -12.38 -0.23
CA LYS A 83 5.98 -13.62 0.53
C LYS A 83 6.35 -14.82 -0.35
N LYS A 84 5.67 -14.93 -1.49
CA LYS A 84 5.92 -16.02 -2.43
C LYS A 84 7.39 -16.07 -2.81
N LEU A 85 7.83 -17.22 -3.32
CA LEU A 85 9.21 -17.40 -3.73
C LEU A 85 10.17 -16.96 -2.62
N ARG A 86 9.98 -17.50 -1.43
CA ARG A 86 10.82 -17.15 -0.29
C ARG A 86 12.30 -17.41 -0.61
N SER A 87 13.16 -16.51 -0.15
CA SER A 87 14.59 -16.64 -0.39
C SER A 87 15.18 -17.75 0.46
N SER A 88 15.30 -18.94 -0.13
CA SER A 88 15.85 -20.09 0.57
C SER A 88 16.71 -20.94 -0.38
N GLY A 89 17.86 -21.38 0.12
CA GLY A 89 18.74 -22.20 -0.68
C GLY A 89 20.09 -22.43 -0.01
N PRO A 90 20.11 -23.34 0.97
CA PRO A 90 21.34 -23.68 1.71
C PRO A 90 22.35 -24.42 0.85
N SER A 91 23.47 -24.80 1.46
CA SER A 91 24.53 -25.52 0.75
C SER A 91 24.37 -27.02 0.92
N SER A 92 24.13 -27.71 -0.20
CA SER A 92 23.94 -29.16 -0.17
C SER A 92 24.45 -29.79 -1.46
N GLY A 93 25.51 -30.59 -1.35
CA GLY A 93 26.07 -31.24 -2.52
C GLY A 93 27.47 -31.79 -2.26
N GLY A 1 11.92 -12.40 12.27
CA GLY A 1 11.82 -11.40 11.22
C GLY A 1 11.45 -10.03 11.74
N SER A 2 10.24 -9.58 11.41
CA SER A 2 9.77 -8.27 11.86
C SER A 2 10.90 -7.24 11.83
N SER A 3 11.71 -7.29 10.76
CA SER A 3 12.82 -6.37 10.62
C SER A 3 12.51 -5.30 9.58
N GLY A 4 13.02 -4.09 9.80
CA GLY A 4 12.79 -3.00 8.88
C GLY A 4 13.65 -3.08 7.64
N SER A 5 13.32 -4.04 6.76
CA SER A 5 14.08 -4.23 5.53
C SER A 5 14.52 -2.89 4.94
N SER A 6 15.81 -2.75 4.71
CA SER A 6 16.37 -1.52 4.15
C SER A 6 15.41 -0.90 3.14
N GLY A 7 15.34 0.43 3.14
CA GLY A 7 14.45 1.13 2.24
C GLY A 7 13.26 1.73 2.93
N MET A 8 12.54 2.61 2.24
CA MET A 8 11.36 3.26 2.80
C MET A 8 10.25 2.25 3.06
N ASN A 9 9.20 2.68 3.75
CA ASN A 9 8.07 1.82 4.05
C ASN A 9 6.82 2.26 3.30
N LYS A 10 6.36 1.41 2.38
CA LYS A 10 5.17 1.71 1.59
C LYS A 10 4.26 0.49 1.48
N LEU A 11 3.05 0.70 1.02
CA LEU A 11 2.08 -0.39 0.86
C LEU A 11 1.77 -0.63 -0.61
N TYR A 12 1.55 -1.88 -0.97
CA TYR A 12 1.23 -2.25 -2.35
C TYR A 12 -0.27 -2.34 -2.56
N ILE A 13 -0.76 -1.66 -3.60
CA ILE A 13 -2.18 -1.67 -3.91
C ILE A 13 -2.46 -2.44 -5.19
N GLY A 14 -3.27 -3.49 -5.08
CA GLY A 14 -3.61 -4.29 -6.24
C GLY A 14 -5.07 -4.20 -6.61
N ASN A 15 -5.42 -4.70 -7.80
CA ASN A 15 -6.79 -4.66 -8.27
C ASN A 15 -7.22 -3.23 -8.59
N LEU A 16 -6.28 -2.44 -9.11
CA LEU A 16 -6.56 -1.05 -9.45
C LEU A 16 -6.89 -0.92 -10.94
N SER A 17 -8.08 -0.40 -11.22
CA SER A 17 -8.52 -0.23 -12.61
C SER A 17 -7.45 0.51 -13.43
N PRO A 18 -7.32 0.11 -14.70
CA PRO A 18 -6.34 0.71 -15.61
C PRO A 18 -6.71 2.14 -15.99
N ALA A 19 -7.84 2.62 -15.47
CA ALA A 19 -8.30 3.97 -15.76
C ALA A 19 -8.08 4.88 -14.56
N VAL A 20 -7.82 4.29 -13.40
CA VAL A 20 -7.59 5.05 -12.18
C VAL A 20 -6.46 6.04 -12.36
N THR A 21 -6.52 7.15 -11.62
CA THR A 21 -5.49 8.18 -11.70
C THR A 21 -4.98 8.55 -10.31
N ALA A 22 -3.76 9.06 -10.25
CA ALA A 22 -3.15 9.46 -8.99
C ALA A 22 -4.06 10.41 -8.22
N ASP A 23 -4.75 11.28 -8.94
CA ASP A 23 -5.65 12.24 -8.33
C ASP A 23 -6.81 11.53 -7.63
N ASP A 24 -7.33 10.49 -8.27
CA ASP A 24 -8.44 9.72 -7.70
C ASP A 24 -8.00 8.98 -6.45
N LEU A 25 -6.80 8.41 -6.49
CA LEU A 25 -6.26 7.67 -5.36
C LEU A 25 -6.18 8.55 -4.12
N ARG A 26 -5.62 9.76 -4.30
CA ARG A 26 -5.49 10.70 -3.19
C ARG A 26 -6.85 11.13 -2.67
N GLN A 27 -7.77 11.43 -3.57
CA GLN A 27 -9.10 11.86 -3.20
C GLN A 27 -9.83 10.76 -2.44
N LEU A 28 -9.65 9.52 -2.87
CA LEU A 28 -10.28 8.38 -2.23
C LEU A 28 -9.83 8.25 -0.78
N PHE A 29 -8.53 8.31 -0.56
CA PHE A 29 -7.96 8.20 0.78
C PHE A 29 -8.40 9.37 1.65
N GLY A 30 -8.46 10.56 1.04
CA GLY A 30 -8.86 11.75 1.77
C GLY A 30 -10.33 11.74 2.13
N ASP A 31 -11.17 11.29 1.20
CA ASP A 31 -12.61 11.23 1.42
C ASP A 31 -12.95 10.19 2.50
N ARG A 32 -12.05 9.23 2.68
CA ARG A 32 -12.27 8.18 3.67
C ARG A 32 -11.63 8.57 5.00
N LYS A 33 -11.37 9.86 5.18
CA LYS A 33 -10.76 10.35 6.41
C LYS A 33 -9.39 9.72 6.64
N LEU A 34 -8.67 9.49 5.56
CA LEU A 34 -7.33 8.90 5.64
C LEU A 34 -6.33 9.69 4.81
N PRO A 35 -5.83 10.80 5.39
CA PRO A 35 -4.86 11.65 4.72
C PRO A 35 -3.49 10.99 4.59
N LEU A 36 -2.94 11.02 3.37
CA LEU A 36 -1.64 10.41 3.11
C LEU A 36 -0.51 11.39 3.44
N ALA A 37 0.15 11.15 4.57
CA ALA A 37 1.25 12.01 4.99
C ALA A 37 2.58 11.55 4.39
N GLY A 38 2.52 11.06 3.15
CA GLY A 38 3.73 10.59 2.49
C GLY A 38 3.66 10.75 0.98
N GLN A 39 4.39 9.91 0.26
CA GLN A 39 4.41 9.97 -1.20
C GLN A 39 3.44 8.96 -1.79
N VAL A 40 2.93 9.27 -2.99
CA VAL A 40 1.99 8.39 -3.68
C VAL A 40 2.52 7.99 -5.04
N LEU A 41 2.41 6.70 -5.35
CA LEU A 41 2.87 6.18 -6.64
C LEU A 41 1.78 5.35 -7.31
N LEU A 42 1.55 5.63 -8.59
CA LEU A 42 0.53 4.92 -9.35
C LEU A 42 1.17 4.14 -10.51
N LYS A 43 1.08 2.82 -10.44
CA LYS A 43 1.64 1.96 -11.48
C LYS A 43 0.53 1.28 -12.28
N SER A 44 0.87 0.84 -13.49
CA SER A 44 -0.10 0.18 -14.36
C SER A 44 -0.51 -1.17 -13.78
N GLY A 45 -1.62 -1.18 -13.05
CA GLY A 45 -2.10 -2.41 -12.45
C GLY A 45 -1.98 -2.40 -10.93
N TYR A 46 -1.17 -1.49 -10.41
CA TYR A 46 -0.97 -1.39 -8.97
C TYR A 46 -0.51 0.02 -8.59
N ALA A 47 -0.34 0.23 -7.29
CA ALA A 47 0.12 1.53 -6.78
C ALA A 47 0.79 1.39 -5.42
N PHE A 48 1.65 2.35 -5.09
CA PHE A 48 2.36 2.33 -3.82
C PHE A 48 2.07 3.60 -3.01
N VAL A 49 1.81 3.42 -1.72
CA VAL A 49 1.51 4.55 -0.85
C VAL A 49 2.36 4.50 0.42
N ASP A 50 2.82 5.66 0.86
CA ASP A 50 3.64 5.75 2.07
C ASP A 50 2.78 6.03 3.29
N TYR A 51 2.85 5.14 4.28
CA TYR A 51 2.08 5.29 5.51
C TYR A 51 2.91 5.96 6.60
N PRO A 52 2.24 6.79 7.41
CA PRO A 52 2.89 7.51 8.51
C PRO A 52 3.32 6.58 9.64
N ASP A 53 2.42 5.70 10.04
CA ASP A 53 2.70 4.75 11.11
C ASP A 53 2.04 3.40 10.83
N GLN A 54 2.50 2.37 11.52
CA GLN A 54 1.96 1.03 11.34
C GLN A 54 0.47 0.99 11.67
N ASN A 55 0.08 1.73 12.71
CA ASN A 55 -1.31 1.78 13.13
C ASN A 55 -2.19 2.36 12.03
N TRP A 56 -1.69 3.41 11.37
CA TRP A 56 -2.44 4.05 10.28
C TRP A 56 -2.60 3.10 9.09
N ALA A 57 -1.54 2.38 8.77
CA ALA A 57 -1.56 1.43 7.66
C ALA A 57 -2.64 0.38 7.87
N ILE A 58 -2.66 -0.22 9.05
CA ILE A 58 -3.64 -1.25 9.36
C ILE A 58 -5.06 -0.68 9.34
N ARG A 59 -5.23 0.49 9.94
CA ARG A 59 -6.54 1.14 9.99
C ARG A 59 -6.94 1.64 8.61
N ALA A 60 -5.95 1.98 7.80
CA ALA A 60 -6.20 2.48 6.44
C ALA A 60 -6.65 1.36 5.52
N ILE A 61 -5.95 0.23 5.59
CA ILE A 61 -6.30 -0.93 4.75
C ILE A 61 -7.69 -1.45 5.08
N GLU A 62 -7.97 -1.62 6.37
CA GLU A 62 -9.26 -2.12 6.81
C GLU A 62 -10.38 -1.15 6.43
N THR A 63 -10.11 0.14 6.61
CA THR A 63 -11.08 1.17 6.29
C THR A 63 -11.18 1.39 4.78
N LEU A 64 -10.09 1.10 4.07
CA LEU A 64 -10.05 1.27 2.63
C LEU A 64 -10.16 -0.09 1.93
N SER A 65 -9.07 -0.85 1.95
CA SER A 65 -9.04 -2.16 1.30
C SER A 65 -10.16 -3.05 1.84
N GLY A 66 -10.99 -3.56 0.94
CA GLY A 66 -12.09 -4.42 1.33
C GLY A 66 -13.29 -3.63 1.85
N LYS A 67 -13.13 -2.31 1.92
CA LYS A 67 -14.21 -1.45 2.39
C LYS A 67 -14.53 -0.37 1.36
N VAL A 68 -13.62 -0.18 0.41
CA VAL A 68 -13.81 0.82 -0.63
C VAL A 68 -13.41 0.27 -2.00
N GLU A 69 -14.16 0.66 -3.02
CA GLU A 69 -13.89 0.20 -4.39
C GLU A 69 -13.80 1.38 -5.35
N LEU A 70 -12.96 1.25 -6.36
CA LEU A 70 -12.79 2.30 -7.36
C LEU A 70 -13.09 1.78 -8.76
N HIS A 71 -13.87 2.55 -9.51
CA HIS A 71 -14.23 2.17 -10.87
C HIS A 71 -15.08 0.89 -10.87
N GLY A 72 -15.75 0.64 -9.75
CA GLY A 72 -16.59 -0.54 -9.66
C GLY A 72 -15.80 -1.76 -9.19
N LYS A 73 -14.50 -1.58 -9.00
CA LYS A 73 -13.65 -2.67 -8.56
C LYS A 73 -13.11 -2.41 -7.16
N ILE A 74 -13.16 -3.43 -6.30
CA ILE A 74 -12.68 -3.31 -4.94
C ILE A 74 -11.16 -3.16 -4.90
N MET A 75 -10.69 -2.15 -4.17
CA MET A 75 -9.26 -1.90 -4.05
C MET A 75 -8.64 -2.76 -2.95
N GLU A 76 -7.46 -3.31 -3.22
CA GLU A 76 -6.77 -4.15 -2.26
C GLU A 76 -5.44 -3.53 -1.84
N VAL A 77 -5.27 -3.32 -0.54
CA VAL A 77 -4.05 -2.73 -0.01
C VAL A 77 -3.34 -3.70 0.93
N ASP A 78 -2.04 -3.90 0.71
CA ASP A 78 -1.24 -4.79 1.54
C ASP A 78 0.23 -4.40 1.50
N TYR A 79 0.89 -4.48 2.64
CA TYR A 79 2.30 -4.14 2.74
C TYR A 79 3.05 -4.56 1.48
N SER A 80 3.86 -3.65 0.95
CA SER A 80 4.63 -3.92 -0.26
C SER A 80 5.94 -4.62 0.09
N VAL A 81 5.85 -5.66 0.92
CA VAL A 81 7.03 -6.42 1.32
C VAL A 81 7.04 -7.80 0.70
N SER A 82 8.14 -8.15 0.03
CA SER A 82 8.26 -9.46 -0.61
C SER A 82 9.72 -9.75 -0.96
N LYS A 83 10.04 -11.04 -1.04
CA LYS A 83 11.41 -11.45 -1.36
C LYS A 83 11.50 -11.91 -2.82
N LYS A 84 12.56 -11.46 -3.50
CA LYS A 84 12.76 -11.82 -4.89
C LYS A 84 13.99 -12.74 -5.04
N LEU A 85 15.11 -12.32 -4.47
CA LEU A 85 16.34 -13.09 -4.55
C LEU A 85 16.89 -13.36 -3.15
N ARG A 86 17.55 -14.51 -3.00
CA ARG A 86 18.12 -14.88 -1.71
C ARG A 86 19.45 -14.18 -1.48
N SER A 87 19.54 -13.43 -0.39
CA SER A 87 20.76 -12.71 -0.05
C SER A 87 21.99 -13.59 -0.22
N SER A 88 22.90 -13.16 -1.09
CA SER A 88 24.12 -13.92 -1.36
C SER A 88 25.35 -13.00 -1.36
N GLY A 89 26.33 -13.33 -0.53
CA GLY A 89 27.54 -12.53 -0.46
C GLY A 89 28.78 -13.38 -0.29
N PRO A 90 29.31 -13.87 -1.42
CA PRO A 90 30.52 -14.70 -1.43
C PRO A 90 31.77 -13.92 -1.07
N SER A 91 32.81 -14.62 -0.63
CA SER A 91 34.06 -13.99 -0.25
C SER A 91 35.21 -14.48 -1.13
N SER A 92 35.32 -15.79 -1.27
CA SER A 92 36.37 -16.39 -2.08
C SER A 92 36.18 -16.05 -3.56
N GLY A 93 35.02 -16.43 -4.10
CA GLY A 93 34.74 -16.16 -5.50
C GLY A 93 33.57 -15.20 -5.67
N GLY A 1 9.99 -11.22 14.23
CA GLY A 1 10.08 -10.10 15.16
C GLY A 1 9.44 -8.84 14.62
N SER A 2 9.46 -7.78 15.41
CA SER A 2 8.88 -6.51 15.01
C SER A 2 9.63 -5.92 13.82
N SER A 3 9.02 -4.94 13.16
CA SER A 3 9.63 -4.30 12.01
C SER A 3 9.85 -2.80 12.27
N GLY A 4 11.00 -2.30 11.83
CA GLY A 4 11.32 -0.90 12.04
C GLY A 4 12.79 -0.60 11.82
N SER A 5 13.11 -0.03 10.65
CA SER A 5 14.49 0.30 10.31
C SER A 5 14.72 1.81 10.41
N SER A 6 14.17 2.42 11.45
CA SER A 6 14.32 3.86 11.66
C SER A 6 14.17 4.60 10.34
N GLY A 7 13.22 4.17 9.53
CA GLY A 7 12.99 4.81 8.24
C GLY A 7 11.51 4.96 7.92
N MET A 8 11.10 4.41 6.78
CA MET A 8 9.70 4.48 6.37
C MET A 8 9.43 3.50 5.23
N ASN A 9 8.34 2.75 5.35
CA ASN A 9 7.97 1.78 4.34
C ASN A 9 6.78 2.27 3.52
N LYS A 10 6.32 1.45 2.58
CA LYS A 10 5.19 1.80 1.73
C LYS A 10 4.21 0.64 1.61
N LEU A 11 3.01 0.93 1.15
CA LEU A 11 1.98 -0.10 0.99
C LEU A 11 1.71 -0.36 -0.49
N TYR A 12 1.54 -1.63 -0.84
CA TYR A 12 1.27 -2.02 -2.22
C TYR A 12 -0.22 -2.15 -2.47
N ILE A 13 -0.73 -1.40 -3.45
CA ILE A 13 -2.15 -1.43 -3.79
C ILE A 13 -2.39 -2.25 -5.05
N GLY A 14 -3.22 -3.28 -4.94
CA GLY A 14 -3.52 -4.12 -6.07
C GLY A 14 -4.98 -4.03 -6.50
N ASN A 15 -5.28 -4.58 -7.66
CA ASN A 15 -6.65 -4.55 -8.18
C ASN A 15 -7.06 -3.14 -8.56
N LEU A 16 -6.17 -2.43 -9.26
CA LEU A 16 -6.45 -1.07 -9.69
C LEU A 16 -6.69 -1.00 -11.19
N SER A 17 -7.94 -0.74 -11.56
CA SER A 17 -8.32 -0.66 -12.97
C SER A 17 -7.34 0.23 -13.74
N PRO A 18 -7.24 -0.01 -15.06
CA PRO A 18 -6.34 0.74 -15.94
C PRO A 18 -6.80 2.19 -16.14
N ALA A 19 -7.95 2.52 -15.55
CA ALA A 19 -8.50 3.87 -15.66
C ALA A 19 -8.21 4.67 -14.41
N VAL A 20 -7.80 3.99 -13.34
CA VAL A 20 -7.49 4.65 -12.08
C VAL A 20 -6.40 5.71 -12.26
N THR A 21 -6.52 6.80 -11.50
CA THR A 21 -5.54 7.88 -11.59
C THR A 21 -5.03 8.26 -10.21
N ALA A 22 -3.83 8.84 -10.16
CA ALA A 22 -3.23 9.25 -8.89
C ALA A 22 -4.16 10.19 -8.13
N ASP A 23 -4.81 11.09 -8.85
CA ASP A 23 -5.73 12.05 -8.23
C ASP A 23 -6.86 11.33 -7.52
N ASP A 24 -7.37 10.27 -8.14
CA ASP A 24 -8.45 9.48 -7.55
C ASP A 24 -8.00 8.78 -6.29
N LEU A 25 -6.79 8.24 -6.31
CA LEU A 25 -6.24 7.54 -5.15
C LEU A 25 -6.08 8.49 -3.97
N ARG A 26 -5.51 9.66 -4.22
CA ARG A 26 -5.30 10.64 -3.16
C ARG A 26 -6.64 11.11 -2.59
N GLN A 27 -7.59 11.40 -3.47
CA GLN A 27 -8.91 11.84 -3.05
C GLN A 27 -9.66 10.73 -2.33
N LEU A 28 -9.41 9.50 -2.73
CA LEU A 28 -10.06 8.35 -2.13
C LEU A 28 -9.68 8.21 -0.65
N PHE A 29 -8.37 8.27 -0.38
CA PHE A 29 -7.88 8.16 0.98
C PHE A 29 -8.35 9.33 1.83
N GLY A 30 -8.34 10.53 1.25
CA GLY A 30 -8.77 11.71 1.97
C GLY A 30 -10.21 11.63 2.41
N ASP A 31 -11.05 11.01 1.57
CA ASP A 31 -12.47 10.87 1.88
C ASP A 31 -12.67 10.08 3.17
N ARG A 32 -11.83 9.07 3.38
CA ARG A 32 -11.93 8.24 4.57
C ARG A 32 -11.14 8.86 5.72
N LYS A 33 -10.87 10.15 5.62
CA LYS A 33 -10.13 10.87 6.65
C LYS A 33 -8.75 10.26 6.84
N LEU A 34 -8.12 9.88 5.74
CA LEU A 34 -6.78 9.28 5.78
C LEU A 34 -5.79 10.09 4.96
N PRO A 35 -5.30 11.19 5.54
CA PRO A 35 -4.34 12.08 4.87
C PRO A 35 -2.97 11.44 4.72
N LEU A 36 -2.61 11.11 3.48
CA LEU A 36 -1.33 10.49 3.19
C LEU A 36 -0.18 11.44 3.49
N ALA A 37 0.46 11.26 4.63
CA ALA A 37 1.58 12.11 5.03
C ALA A 37 2.88 11.63 4.39
N GLY A 38 2.78 11.18 3.15
CA GLY A 38 3.97 10.70 2.44
C GLY A 38 3.86 10.88 0.94
N GLN A 39 4.58 10.05 0.20
CA GLN A 39 4.57 10.13 -1.27
C GLN A 39 3.61 9.10 -1.85
N VAL A 40 3.07 9.40 -3.02
CA VAL A 40 2.14 8.50 -3.69
C VAL A 40 2.65 8.11 -5.08
N LEU A 41 2.53 6.84 -5.42
CA LEU A 41 2.98 6.34 -6.70
C LEU A 41 1.88 5.52 -7.39
N LEU A 42 1.61 5.84 -8.65
CA LEU A 42 0.59 5.13 -9.41
C LEU A 42 1.22 4.28 -10.51
N LYS A 43 1.07 2.96 -10.39
CA LYS A 43 1.62 2.03 -11.36
C LYS A 43 0.51 1.37 -12.17
N SER A 44 0.86 0.87 -13.35
CA SER A 44 -0.11 0.22 -14.22
C SER A 44 -0.59 -1.10 -13.61
N GLY A 45 -1.66 -1.03 -12.84
CA GLY A 45 -2.21 -2.22 -12.21
C GLY A 45 -2.07 -2.19 -10.70
N TYR A 46 -1.25 -1.28 -10.19
CA TYR A 46 -1.04 -1.15 -8.76
C TYR A 46 -0.55 0.25 -8.41
N ALA A 47 -0.36 0.49 -7.12
CA ALA A 47 0.11 1.79 -6.64
C ALA A 47 0.81 1.67 -5.30
N PHE A 48 1.75 2.57 -5.05
CA PHE A 48 2.50 2.56 -3.78
C PHE A 48 2.25 3.84 -2.99
N VAL A 49 1.88 3.67 -1.72
CA VAL A 49 1.61 4.81 -0.85
C VAL A 49 2.44 4.73 0.42
N ASP A 50 2.93 5.88 0.88
CA ASP A 50 3.74 5.95 2.09
C ASP A 50 2.86 6.19 3.31
N TYR A 51 2.95 5.29 4.28
CA TYR A 51 2.16 5.40 5.50
C TYR A 51 2.99 6.01 6.63
N PRO A 52 2.34 6.81 7.48
CA PRO A 52 2.99 7.45 8.63
C PRO A 52 3.39 6.46 9.71
N ASP A 53 2.51 5.52 10.00
CA ASP A 53 2.78 4.51 11.02
C ASP A 53 2.07 3.21 10.68
N GLN A 54 2.54 2.11 11.28
CA GLN A 54 1.96 0.80 11.04
C GLN A 54 0.48 0.78 11.41
N ASN A 55 0.14 1.50 12.48
CA ASN A 55 -1.24 1.56 12.95
C ASN A 55 -2.14 2.19 11.90
N TRP A 56 -1.69 3.29 11.31
CA TRP A 56 -2.46 3.99 10.29
C TRP A 56 -2.69 3.09 9.08
N ALA A 57 -1.66 2.36 8.68
CA ALA A 57 -1.75 1.45 7.54
C ALA A 57 -2.83 0.39 7.77
N ILE A 58 -2.78 -0.23 8.95
CA ILE A 58 -3.75 -1.27 9.28
C ILE A 58 -5.18 -0.72 9.27
N ARG A 59 -5.36 0.46 9.87
CA ARG A 59 -6.67 1.09 9.93
C ARG A 59 -7.10 1.57 8.55
N ALA A 60 -6.14 2.02 7.75
CA ALA A 60 -6.41 2.50 6.40
C ALA A 60 -6.83 1.35 5.49
N ILE A 61 -6.11 0.25 5.56
CA ILE A 61 -6.40 -0.92 4.74
C ILE A 61 -7.77 -1.49 5.06
N GLU A 62 -8.05 -1.66 6.35
CA GLU A 62 -9.33 -2.20 6.80
C GLU A 62 -10.48 -1.27 6.40
N THR A 63 -10.23 0.03 6.51
CA THR A 63 -11.25 1.03 6.17
C THR A 63 -11.31 1.25 4.67
N LEU A 64 -10.22 0.92 3.97
CA LEU A 64 -10.15 1.08 2.53
C LEU A 64 -10.35 -0.25 1.82
N SER A 65 -9.35 -1.13 1.93
CA SER A 65 -9.41 -2.45 1.30
C SER A 65 -10.72 -3.15 1.64
N GLY A 66 -11.48 -3.51 0.61
CA GLY A 66 -12.74 -4.19 0.83
C GLY A 66 -13.85 -3.24 1.24
N LYS A 67 -13.48 -2.03 1.62
CA LYS A 67 -14.44 -1.01 2.03
C LYS A 67 -14.60 0.07 0.97
N VAL A 68 -13.70 0.05 -0.02
CA VAL A 68 -13.74 1.03 -1.09
C VAL A 68 -13.67 0.35 -2.46
N GLU A 69 -14.60 0.70 -3.33
CA GLU A 69 -14.65 0.11 -4.67
C GLU A 69 -14.32 1.17 -5.73
N LEU A 70 -13.38 0.82 -6.62
CA LEU A 70 -12.96 1.73 -7.68
C LEU A 70 -13.25 1.13 -9.05
N HIS A 71 -14.08 1.82 -9.83
CA HIS A 71 -14.44 1.36 -11.17
C HIS A 71 -15.20 0.03 -11.10
N GLY A 72 -16.03 -0.10 -10.08
CA GLY A 72 -16.81 -1.33 -9.92
C GLY A 72 -15.98 -2.47 -9.38
N LYS A 73 -14.69 -2.22 -9.18
CA LYS A 73 -13.78 -3.25 -8.66
C LYS A 73 -13.22 -2.85 -7.31
N ILE A 74 -13.33 -3.76 -6.35
CA ILE A 74 -12.84 -3.50 -5.00
C ILE A 74 -11.31 -3.41 -4.98
N MET A 75 -10.80 -2.35 -4.37
CA MET A 75 -9.35 -2.15 -4.28
C MET A 75 -8.78 -2.83 -3.04
N GLU A 76 -7.63 -3.48 -3.21
CA GLU A 76 -6.98 -4.17 -2.10
C GLU A 76 -5.66 -3.50 -1.73
N VAL A 77 -5.55 -3.10 -0.47
CA VAL A 77 -4.34 -2.45 0.02
C VAL A 77 -3.58 -3.34 1.00
N ASP A 78 -2.30 -3.56 0.71
CA ASP A 78 -1.47 -4.39 1.56
C ASP A 78 0.01 -4.01 1.43
N TYR A 79 0.72 -4.04 2.54
CA TYR A 79 2.14 -3.69 2.55
C TYR A 79 2.82 -4.14 1.26
N SER A 80 3.83 -3.39 0.84
CA SER A 80 4.56 -3.72 -0.38
C SER A 80 5.88 -4.41 -0.05
N VAL A 81 5.84 -5.32 0.91
CA VAL A 81 7.03 -6.07 1.31
C VAL A 81 6.79 -7.56 1.23
N SER A 82 7.89 -8.33 1.26
CA SER A 82 7.80 -9.78 1.18
C SER A 82 8.87 -10.43 2.06
N LYS A 83 8.83 -11.76 2.14
CA LYS A 83 9.80 -12.50 2.94
C LYS A 83 9.75 -13.99 2.62
N LYS A 84 10.90 -14.57 2.33
CA LYS A 84 10.99 -15.99 2.00
C LYS A 84 12.23 -16.62 2.62
N LEU A 85 12.09 -17.84 3.12
CA LEU A 85 13.21 -18.55 3.73
C LEU A 85 13.06 -20.06 3.54
N ARG A 86 14.15 -20.79 3.81
CA ARG A 86 14.14 -22.24 3.67
C ARG A 86 15.10 -22.89 4.66
N SER A 87 14.68 -24.00 5.24
CA SER A 87 15.50 -24.71 6.22
C SER A 87 14.84 -26.04 6.61
N SER A 88 15.65 -27.09 6.70
CA SER A 88 15.16 -28.41 7.07
C SER A 88 16.05 -29.05 8.12
N GLY A 89 15.43 -29.58 9.17
CA GLY A 89 16.18 -30.22 10.24
C GLY A 89 16.45 -31.68 9.96
N PRO A 90 17.49 -32.23 10.59
CA PRO A 90 17.88 -33.63 10.42
C PRO A 90 16.87 -34.59 11.06
N SER A 91 16.53 -34.32 12.31
CA SER A 91 15.58 -35.16 13.03
C SER A 91 14.15 -34.68 12.81
N SER A 92 13.25 -35.62 12.51
CA SER A 92 11.85 -35.28 12.28
C SER A 92 11.01 -35.55 13.51
N GLY A 93 11.23 -36.71 14.13
CA GLY A 93 10.49 -37.07 15.32
C GLY A 93 10.19 -38.56 15.40
N GLY A 1 6.25 -14.46 19.03
CA GLY A 1 5.50 -13.34 18.50
C GLY A 1 6.36 -12.11 18.29
N SER A 2 7.40 -12.24 17.49
CA SER A 2 8.30 -11.13 17.22
C SER A 2 7.52 -9.88 16.82
N SER A 3 7.78 -8.78 17.53
CA SER A 3 7.09 -7.52 17.25
C SER A 3 7.60 -6.90 15.95
N GLY A 4 6.69 -6.25 15.22
CA GLY A 4 7.08 -5.62 13.96
C GLY A 4 8.06 -4.49 14.16
N SER A 5 8.20 -3.65 13.13
CA SER A 5 9.13 -2.52 13.20
C SER A 5 8.72 -1.44 12.19
N SER A 6 8.34 -0.27 12.70
CA SER A 6 7.94 0.84 11.85
C SER A 6 9.15 1.54 11.26
N GLY A 7 8.93 2.29 10.18
CA GLY A 7 10.02 3.01 9.54
C GLY A 7 9.72 3.34 8.09
N MET A 8 10.75 3.36 7.25
CA MET A 8 10.59 3.66 5.84
C MET A 8 10.00 2.48 5.08
N ASN A 9 8.71 2.54 4.79
CA ASN A 9 8.03 1.47 4.07
C ASN A 9 6.84 2.01 3.29
N LYS A 10 6.25 1.16 2.46
CA LYS A 10 5.10 1.55 1.65
C LYS A 10 4.11 0.40 1.53
N LEU A 11 2.89 0.72 1.08
CA LEU A 11 1.85 -0.29 0.92
C LEU A 11 1.57 -0.56 -0.56
N TYR A 12 1.40 -1.83 -0.90
CA TYR A 12 1.13 -2.22 -2.28
C TYR A 12 -0.37 -2.35 -2.53
N ILE A 13 -0.85 -1.62 -3.53
CA ILE A 13 -2.27 -1.65 -3.87
C ILE A 13 -2.51 -2.37 -5.20
N GLY A 14 -3.30 -3.44 -5.15
CA GLY A 14 -3.59 -4.20 -6.36
C GLY A 14 -5.05 -4.13 -6.75
N ASN A 15 -5.36 -4.59 -7.95
CA ASN A 15 -6.73 -4.58 -8.45
C ASN A 15 -7.21 -3.15 -8.69
N LEU A 16 -6.35 -2.35 -9.31
CA LEU A 16 -6.68 -0.96 -9.61
C LEU A 16 -7.00 -0.79 -11.09
N SER A 17 -8.24 -0.36 -11.38
CA SER A 17 -8.67 -0.16 -12.75
C SER A 17 -7.65 0.66 -13.53
N PRO A 18 -7.48 0.31 -14.82
CA PRO A 18 -6.53 1.01 -15.70
C PRO A 18 -6.98 2.43 -16.03
N ALA A 19 -8.09 2.85 -15.44
CA ALA A 19 -8.62 4.19 -15.67
C ALA A 19 -8.40 5.08 -14.46
N VAL A 20 -8.08 4.47 -13.32
CA VAL A 20 -7.84 5.20 -12.09
C VAL A 20 -6.57 6.04 -12.18
N THR A 21 -6.58 7.20 -11.54
CA THR A 21 -5.42 8.09 -11.55
C THR A 21 -5.00 8.45 -10.14
N ALA A 22 -3.88 9.17 -10.02
CA ALA A 22 -3.36 9.58 -8.73
C ALA A 22 -4.37 10.48 -8.00
N ASP A 23 -5.09 11.29 -8.76
CA ASP A 23 -6.08 12.19 -8.19
C ASP A 23 -7.17 11.41 -7.45
N ASP A 24 -7.60 10.31 -8.05
CA ASP A 24 -8.64 9.47 -7.46
C ASP A 24 -8.12 8.78 -6.20
N LEU A 25 -6.89 8.27 -6.28
CA LEU A 25 -6.28 7.58 -5.14
C LEU A 25 -6.12 8.52 -3.96
N ARG A 26 -5.60 9.72 -4.21
CA ARG A 26 -5.40 10.70 -3.17
C ARG A 26 -6.73 11.19 -2.61
N GLN A 27 -7.70 11.40 -3.50
CA GLN A 27 -9.01 11.86 -3.10
C GLN A 27 -9.75 10.79 -2.31
N LEU A 28 -9.54 9.54 -2.69
CA LEU A 28 -10.19 8.42 -2.01
C LEU A 28 -9.74 8.32 -0.56
N PHE A 29 -8.42 8.35 -0.35
CA PHE A 29 -7.86 8.28 1.00
C PHE A 29 -8.27 9.49 1.83
N GLY A 30 -8.27 10.66 1.20
CA GLY A 30 -8.65 11.87 1.91
C GLY A 30 -10.07 11.84 2.41
N ASP A 31 -10.96 11.23 1.63
CA ASP A 31 -12.36 11.12 2.00
C ASP A 31 -12.53 10.38 3.33
N ARG A 32 -11.65 9.42 3.56
CA ARG A 32 -11.68 8.63 4.79
C ARG A 32 -10.82 9.26 5.88
N LYS A 33 -10.52 10.55 5.71
CA LYS A 33 -9.70 11.27 6.67
C LYS A 33 -8.33 10.63 6.82
N LEU A 34 -7.74 10.23 5.69
CA LEU A 34 -6.43 9.60 5.71
C LEU A 34 -5.46 10.35 4.79
N PRO A 35 -4.96 11.50 5.27
CA PRO A 35 -4.02 12.33 4.52
C PRO A 35 -2.65 11.67 4.39
N LEU A 36 -2.31 11.25 3.19
CA LEU A 36 -1.03 10.60 2.92
C LEU A 36 0.13 11.52 3.32
N ALA A 37 0.69 11.28 4.49
CA ALA A 37 1.82 12.08 4.98
C ALA A 37 3.14 11.54 4.45
N GLY A 38 3.16 11.16 3.18
CA GLY A 38 4.37 10.64 2.57
C GLY A 38 4.40 10.83 1.07
N GLN A 39 4.71 9.76 0.35
CA GLN A 39 4.78 9.82 -1.11
C GLN A 39 3.76 8.87 -1.74
N VAL A 40 3.30 9.21 -2.93
CA VAL A 40 2.32 8.37 -3.64
C VAL A 40 2.86 7.95 -5.00
N LEU A 41 2.67 6.67 -5.33
CA LEU A 41 3.13 6.15 -6.61
C LEU A 41 2.00 5.39 -7.32
N LEU A 42 1.83 5.70 -8.61
CA LEU A 42 0.79 5.06 -9.40
C LEU A 42 1.40 4.26 -10.56
N LYS A 43 1.22 2.94 -10.51
CA LYS A 43 1.75 2.06 -11.56
C LYS A 43 0.63 1.49 -12.40
N SER A 44 0.97 1.04 -13.60
CA SER A 44 -0.02 0.46 -14.51
C SER A 44 -0.52 -0.88 -13.98
N GLY A 45 -1.60 -0.82 -13.19
CA GLY A 45 -2.17 -2.04 -12.64
C GLY A 45 -2.07 -2.07 -11.13
N TYR A 46 -1.25 -1.20 -10.56
CA TYR A 46 -1.06 -1.14 -9.11
C TYR A 46 -0.58 0.24 -8.69
N ALA A 47 -0.43 0.42 -7.37
CA ALA A 47 0.03 1.69 -6.83
C ALA A 47 0.63 1.51 -5.44
N PHE A 48 1.57 2.38 -5.09
CA PHE A 48 2.23 2.32 -3.79
C PHE A 48 2.01 3.61 -3.00
N VAL A 49 1.73 3.46 -1.71
CA VAL A 49 1.50 4.61 -0.84
C VAL A 49 2.29 4.50 0.45
N ASP A 50 2.82 5.62 0.90
CA ASP A 50 3.61 5.65 2.14
C ASP A 50 2.73 5.96 3.34
N TYR A 51 2.71 5.06 4.32
CA TYR A 51 1.91 5.24 5.52
C TYR A 51 2.71 5.93 6.61
N PRO A 52 2.04 6.79 7.38
CA PRO A 52 2.66 7.53 8.49
C PRO A 52 3.04 6.62 9.65
N ASP A 53 2.09 5.81 10.10
CA ASP A 53 2.32 4.90 11.20
C ASP A 53 1.66 3.55 10.95
N GLN A 54 2.01 2.55 11.76
CA GLN A 54 1.46 1.22 11.61
C GLN A 54 -0.05 1.23 11.83
N ASN A 55 -0.50 2.02 12.81
CA ASN A 55 -1.91 2.12 13.12
C ASN A 55 -2.69 2.71 11.94
N TRP A 56 -2.14 3.74 11.32
CA TRP A 56 -2.78 4.40 10.19
C TRP A 56 -2.92 3.43 9.02
N ALA A 57 -1.87 2.66 8.77
CA ALA A 57 -1.87 1.69 7.67
C ALA A 57 -2.93 0.62 7.91
N ILE A 58 -2.99 0.11 9.13
CA ILE A 58 -3.95 -0.93 9.48
C ILE A 58 -5.38 -0.40 9.40
N ARG A 59 -5.59 0.80 9.92
CA ARG A 59 -6.92 1.41 9.91
C ARG A 59 -7.32 1.80 8.49
N ALA A 60 -6.34 2.29 7.72
CA ALA A 60 -6.59 2.71 6.35
C ALA A 60 -6.86 1.50 5.45
N ILE A 61 -6.02 0.48 5.56
CA ILE A 61 -6.17 -0.73 4.77
C ILE A 61 -7.50 -1.42 5.07
N GLU A 62 -7.79 -1.60 6.36
CA GLU A 62 -9.02 -2.24 6.77
C GLU A 62 -10.25 -1.46 6.30
N THR A 63 -10.16 -0.14 6.38
CA THR A 63 -11.25 0.73 5.97
C THR A 63 -11.27 0.89 4.45
N LEU A 64 -10.13 0.67 3.82
CA LEU A 64 -10.03 0.78 2.37
C LEU A 64 -10.10 -0.59 1.71
N SER A 65 -9.04 -1.38 1.87
CA SER A 65 -8.98 -2.71 1.29
C SER A 65 -10.17 -3.55 1.73
N GLY A 66 -11.02 -3.93 0.78
CA GLY A 66 -12.18 -4.73 1.09
C GLY A 66 -13.34 -3.89 1.60
N LYS A 67 -13.11 -2.60 1.76
CA LYS A 67 -14.14 -1.69 2.24
C LYS A 67 -14.31 -0.50 1.28
N VAL A 68 -13.65 -0.58 0.14
CA VAL A 68 -13.72 0.48 -0.86
C VAL A 68 -13.62 -0.08 -2.27
N GLU A 69 -14.54 0.34 -3.14
CA GLU A 69 -14.55 -0.13 -4.51
C GLU A 69 -14.17 1.00 -5.47
N LEU A 70 -13.50 0.64 -6.56
CA LEU A 70 -13.08 1.62 -7.55
C LEU A 70 -13.32 1.10 -8.97
N HIS A 71 -14.14 1.84 -9.72
CA HIS A 71 -14.45 1.45 -11.09
C HIS A 71 -15.17 0.11 -11.14
N GLY A 72 -15.85 -0.23 -10.04
CA GLY A 72 -16.58 -1.48 -9.97
C GLY A 72 -15.71 -2.61 -9.43
N LYS A 73 -14.41 -2.38 -9.36
CA LYS A 73 -13.48 -3.39 -8.86
C LYS A 73 -13.01 -3.04 -7.45
N ILE A 74 -13.07 -4.03 -6.56
CA ILE A 74 -12.65 -3.82 -5.17
C ILE A 74 -11.15 -3.60 -5.09
N MET A 75 -10.75 -2.55 -4.38
CA MET A 75 -9.34 -2.22 -4.22
C MET A 75 -8.72 -3.04 -3.08
N GLU A 76 -7.55 -3.61 -3.34
CA GLU A 76 -6.87 -4.43 -2.35
C GLU A 76 -5.56 -3.77 -1.92
N VAL A 77 -5.40 -3.57 -0.62
CA VAL A 77 -4.18 -2.95 -0.08
C VAL A 77 -3.45 -3.90 0.85
N ASP A 78 -2.16 -4.09 0.60
CA ASP A 78 -1.34 -4.97 1.42
C ASP A 78 0.11 -4.52 1.42
N TYR A 79 0.72 -4.54 2.60
CA TYR A 79 2.12 -4.12 2.75
C TYR A 79 2.93 -4.49 1.52
N SER A 80 3.76 -3.56 1.07
CA SER A 80 4.60 -3.79 -0.11
C SER A 80 5.98 -4.29 0.30
N VAL A 81 6.02 -5.19 1.27
CA VAL A 81 7.28 -5.74 1.76
C VAL A 81 7.74 -6.90 0.90
N SER A 82 7.55 -6.78 -0.42
CA SER A 82 7.93 -7.83 -1.35
C SER A 82 9.32 -8.38 -1.01
N LYS A 83 10.32 -7.50 -1.01
CA LYS A 83 11.68 -7.90 -0.70
C LYS A 83 12.01 -7.60 0.76
N LYS A 84 12.23 -8.66 1.54
CA LYS A 84 12.56 -8.51 2.96
C LYS A 84 13.88 -9.20 3.27
N LEU A 85 14.98 -8.47 3.11
CA LEU A 85 16.31 -9.01 3.40
C LEU A 85 17.36 -7.90 3.42
N ARG A 86 18.36 -8.08 4.26
CA ARG A 86 19.44 -7.09 4.39
C ARG A 86 20.76 -7.76 4.75
N SER A 87 21.79 -7.49 3.96
CA SER A 87 23.11 -8.07 4.19
C SER A 87 24.18 -7.33 3.39
N SER A 88 25.17 -6.81 4.09
CA SER A 88 26.26 -6.07 3.46
C SER A 88 26.94 -6.94 2.40
N GLY A 89 27.40 -6.29 1.32
CA GLY A 89 28.07 -7.02 0.26
C GLY A 89 28.96 -8.14 0.78
N PRO A 90 29.03 -9.24 0.02
CA PRO A 90 29.84 -10.40 0.40
C PRO A 90 31.34 -10.12 0.29
N SER A 91 31.68 -9.00 -0.34
CA SER A 91 33.07 -8.61 -0.50
C SER A 91 33.89 -9.77 -1.09
N SER A 92 33.26 -10.53 -1.98
CA SER A 92 33.92 -11.65 -2.63
C SER A 92 33.74 -11.61 -4.13
N GLY A 93 34.85 -11.71 -4.86
CA GLY A 93 34.80 -11.67 -6.31
C GLY A 93 36.16 -11.85 -6.95
N GLY A 1 5.40 -13.86 10.02
CA GLY A 1 6.65 -13.34 9.51
C GLY A 1 7.53 -12.78 10.61
N SER A 2 8.08 -11.59 10.37
CA SER A 2 8.96 -10.95 11.34
C SER A 2 8.16 -10.03 12.26
N SER A 3 8.38 -10.17 13.56
CA SER A 3 7.68 -9.36 14.55
C SER A 3 8.39 -8.03 14.77
N GLY A 4 8.04 -7.04 13.94
CA GLY A 4 8.67 -5.74 14.06
C GLY A 4 9.13 -5.20 12.72
N SER A 5 8.18 -4.80 11.88
CA SER A 5 8.50 -4.27 10.56
C SER A 5 7.75 -2.97 10.30
N SER A 6 8.48 -1.86 10.36
CA SER A 6 7.89 -0.54 10.13
C SER A 6 8.97 0.54 10.03
N GLY A 7 8.57 1.72 9.57
CA GLY A 7 9.53 2.81 9.42
C GLY A 7 9.48 3.43 8.05
N MET A 8 10.28 2.89 7.13
CA MET A 8 10.32 3.40 5.76
C MET A 8 9.74 2.40 4.79
N ASN A 9 8.58 1.83 5.14
CA ASN A 9 7.92 0.85 4.28
C ASN A 9 6.80 1.51 3.47
N LYS A 10 6.11 0.71 2.67
CA LYS A 10 5.02 1.20 1.84
C LYS A 10 3.94 0.14 1.68
N LEU A 11 2.77 0.57 1.19
CA LEU A 11 1.66 -0.35 0.99
C LEU A 11 1.40 -0.58 -0.50
N TYR A 12 1.26 -1.84 -0.89
CA TYR A 12 1.02 -2.19 -2.28
C TYR A 12 -0.49 -2.33 -2.55
N ILE A 13 -0.97 -1.62 -3.57
CA ILE A 13 -2.38 -1.68 -3.93
C ILE A 13 -2.58 -2.42 -5.24
N GLY A 14 -3.39 -3.48 -5.19
CA GLY A 14 -3.66 -4.27 -6.38
C GLY A 14 -5.10 -4.19 -6.82
N ASN A 15 -5.36 -4.57 -8.06
CA ASN A 15 -6.73 -4.53 -8.61
C ASN A 15 -7.17 -3.10 -8.85
N LEU A 16 -6.30 -2.30 -9.45
CA LEU A 16 -6.60 -0.90 -9.75
C LEU A 16 -6.96 -0.73 -11.22
N SER A 17 -8.21 -0.32 -11.47
CA SER A 17 -8.67 -0.11 -12.83
C SER A 17 -7.66 0.68 -13.64
N PRO A 18 -7.53 0.33 -14.93
CA PRO A 18 -6.59 1.00 -15.84
C PRO A 18 -7.02 2.42 -16.17
N ALA A 19 -8.14 2.85 -15.59
CA ALA A 19 -8.66 4.19 -15.83
C ALA A 19 -8.39 5.10 -14.63
N VAL A 20 -8.11 4.49 -13.49
CA VAL A 20 -7.82 5.24 -12.27
C VAL A 20 -6.62 6.15 -12.44
N THR A 21 -6.53 7.17 -11.61
CA THR A 21 -5.42 8.13 -11.68
C THR A 21 -4.97 8.53 -10.28
N ALA A 22 -3.75 9.06 -10.19
CA ALA A 22 -3.20 9.50 -8.92
C ALA A 22 -4.16 10.44 -8.19
N ASP A 23 -4.93 11.20 -8.96
CA ASP A 23 -5.89 12.13 -8.38
C ASP A 23 -6.98 11.39 -7.62
N ASP A 24 -7.45 10.29 -8.19
CA ASP A 24 -8.49 9.49 -7.56
C ASP A 24 -7.98 8.81 -6.30
N LEU A 25 -6.74 8.35 -6.36
CA LEU A 25 -6.11 7.68 -5.22
C LEU A 25 -5.99 8.63 -4.03
N ARG A 26 -5.49 9.83 -4.29
CA ARG A 26 -5.32 10.83 -3.24
C ARG A 26 -6.66 11.24 -2.65
N GLN A 27 -7.65 11.46 -3.53
CA GLN A 27 -8.98 11.86 -3.11
C GLN A 27 -9.68 10.72 -2.37
N LEU A 28 -9.35 9.49 -2.76
CA LEU A 28 -9.95 8.32 -2.13
C LEU A 28 -9.55 8.22 -0.66
N PHE A 29 -8.25 8.33 -0.39
CA PHE A 29 -7.75 8.26 0.97
C PHE A 29 -8.22 9.45 1.80
N GLY A 30 -8.19 10.63 1.18
CA GLY A 30 -8.62 11.83 1.88
C GLY A 30 -10.09 11.79 2.26
N ASP A 31 -10.90 11.20 1.39
CA ASP A 31 -12.34 11.09 1.64
C ASP A 31 -12.61 10.24 2.88
N ARG A 32 -11.78 9.23 3.09
CA ARG A 32 -11.93 8.34 4.24
C ARG A 32 -11.25 8.93 5.47
N LYS A 33 -11.01 10.23 5.45
CA LYS A 33 -10.36 10.91 6.57
C LYS A 33 -8.98 10.32 6.84
N LEU A 34 -8.27 9.97 5.78
CA LEU A 34 -6.94 9.40 5.90
C LEU A 34 -5.95 10.11 4.98
N PRO A 35 -5.46 11.28 5.42
CA PRO A 35 -4.51 12.07 4.64
C PRO A 35 -3.13 11.42 4.56
N LEU A 36 -2.63 11.25 3.35
CA LEU A 36 -1.32 10.63 3.13
C LEU A 36 -0.19 11.60 3.49
N ALA A 37 0.50 11.28 4.57
CA ALA A 37 1.61 12.12 5.02
C ALA A 37 2.93 11.68 4.40
N GLY A 38 2.85 11.12 3.19
CA GLY A 38 4.04 10.66 2.51
C GLY A 38 3.97 10.88 1.01
N GLN A 39 4.49 9.92 0.25
CA GLN A 39 4.48 10.01 -1.20
C GLN A 39 3.52 9.00 -1.81
N VAL A 40 3.07 9.27 -3.03
CA VAL A 40 2.14 8.38 -3.72
C VAL A 40 2.72 7.90 -5.05
N LEU A 41 2.57 6.62 -5.31
CA LEU A 41 3.09 6.03 -6.55
C LEU A 41 1.99 5.25 -7.27
N LEU A 42 1.81 5.54 -8.56
CA LEU A 42 0.80 4.85 -9.36
C LEU A 42 1.44 4.11 -10.52
N LYS A 43 1.34 2.79 -10.51
CA LYS A 43 1.90 1.96 -11.55
C LYS A 43 0.80 1.38 -12.44
N SER A 44 1.19 0.92 -13.63
CA SER A 44 0.24 0.34 -14.57
C SER A 44 -0.29 -0.99 -14.06
N GLY A 45 -1.38 -0.94 -13.30
CA GLY A 45 -1.97 -2.15 -12.76
C GLY A 45 -1.95 -2.17 -11.24
N TYR A 46 -1.17 -1.28 -10.65
CA TYR A 46 -1.06 -1.21 -9.19
C TYR A 46 -0.60 0.18 -8.76
N ALA A 47 -0.50 0.37 -7.44
CA ALA A 47 -0.08 1.65 -6.89
C ALA A 47 0.41 1.49 -5.45
N PHE A 48 1.40 2.29 -5.07
CA PHE A 48 1.96 2.24 -3.73
C PHE A 48 1.72 3.55 -2.98
N VAL A 49 1.51 3.45 -1.68
CA VAL A 49 1.27 4.63 -0.85
C VAL A 49 2.09 4.58 0.44
N ASP A 50 2.62 5.72 0.85
CA ASP A 50 3.42 5.81 2.06
C ASP A 50 2.53 6.09 3.27
N TYR A 51 2.68 5.28 4.32
CA TYR A 51 1.89 5.45 5.53
C TYR A 51 2.70 6.18 6.61
N PRO A 52 2.02 7.02 7.39
CA PRO A 52 2.64 7.78 8.47
C PRO A 52 3.08 6.90 9.63
N ASP A 53 2.16 6.08 10.11
CA ASP A 53 2.45 5.18 11.23
C ASP A 53 1.89 3.79 10.96
N GLN A 54 2.19 2.85 11.86
CA GLN A 54 1.71 1.48 11.71
C GLN A 54 0.20 1.40 11.94
N ASN A 55 -0.28 2.14 12.94
CA ASN A 55 -1.70 2.16 13.26
C ASN A 55 -2.52 2.71 12.10
N TRP A 56 -2.05 3.81 11.52
CA TRP A 56 -2.73 4.43 10.40
C TRP A 56 -2.77 3.50 9.19
N ALA A 57 -1.65 2.83 8.94
CA ALA A 57 -1.55 1.91 7.81
C ALA A 57 -2.53 0.75 7.97
N ILE A 58 -2.50 0.11 9.13
CA ILE A 58 -3.38 -1.01 9.41
C ILE A 58 -4.84 -0.60 9.35
N ARG A 59 -5.15 0.54 9.97
CA ARG A 59 -6.51 1.05 9.98
C ARG A 59 -6.95 1.50 8.59
N ALA A 60 -6.01 2.09 7.85
CA ALA A 60 -6.29 2.56 6.51
C ALA A 60 -6.62 1.41 5.57
N ILE A 61 -5.79 0.37 5.62
CA ILE A 61 -5.99 -0.80 4.78
C ILE A 61 -7.31 -1.50 5.10
N GLU A 62 -7.55 -1.73 6.39
CA GLU A 62 -8.77 -2.38 6.84
C GLU A 62 -10.00 -1.58 6.41
N THR A 63 -9.88 -0.25 6.45
CA THR A 63 -10.98 0.63 6.09
C THR A 63 -11.09 0.75 4.57
N LEU A 64 -9.97 0.58 3.88
CA LEU A 64 -9.93 0.68 2.43
C LEU A 64 -10.02 -0.70 1.79
N SER A 65 -8.96 -1.49 1.95
CA SER A 65 -8.91 -2.83 1.38
C SER A 65 -10.13 -3.65 1.81
N GLY A 66 -11.03 -3.90 0.87
CA GLY A 66 -12.24 -4.66 1.17
C GLY A 66 -13.41 -3.78 1.52
N LYS A 67 -13.13 -2.52 1.88
CA LYS A 67 -14.17 -1.58 2.24
C LYS A 67 -14.18 -0.38 1.29
N VAL A 68 -13.54 -0.55 0.15
CA VAL A 68 -13.48 0.52 -0.85
C VAL A 68 -13.48 -0.05 -2.27
N GLU A 69 -14.28 0.54 -3.14
CA GLU A 69 -14.38 0.09 -4.52
C GLU A 69 -14.15 1.25 -5.49
N LEU A 70 -13.28 1.02 -6.46
CA LEU A 70 -12.96 2.05 -7.45
C LEU A 70 -13.34 1.59 -8.86
N HIS A 71 -14.23 2.34 -9.51
CA HIS A 71 -14.66 2.01 -10.86
C HIS A 71 -15.40 0.67 -10.87
N GLY A 72 -16.03 0.33 -9.75
CA GLY A 72 -16.76 -0.92 -9.66
C GLY A 72 -15.87 -2.09 -9.30
N LYS A 73 -14.58 -1.81 -9.10
CA LYS A 73 -13.62 -2.86 -8.76
C LYS A 73 -13.08 -2.64 -7.35
N ILE A 74 -13.15 -3.69 -6.54
CA ILE A 74 -12.66 -3.63 -5.16
C ILE A 74 -11.14 -3.48 -5.12
N MET A 75 -10.67 -2.51 -4.37
CA MET A 75 -9.23 -2.27 -4.24
C MET A 75 -8.64 -3.09 -3.10
N GLU A 76 -7.47 -3.67 -3.33
CA GLU A 76 -6.81 -4.48 -2.33
C GLU A 76 -5.49 -3.84 -1.90
N VAL A 77 -5.34 -3.64 -0.59
CA VAL A 77 -4.13 -3.03 -0.04
C VAL A 77 -3.45 -3.96 0.95
N ASP A 78 -2.16 -4.21 0.74
CA ASP A 78 -1.40 -5.09 1.63
C ASP A 78 0.07 -4.67 1.67
N TYR A 79 0.69 -4.80 2.83
CA TYR A 79 2.08 -4.44 3.00
C TYR A 79 2.91 -4.84 1.78
N SER A 80 3.58 -3.85 1.18
CA SER A 80 4.40 -4.10 0.00
C SER A 80 5.68 -4.84 0.37
N VAL A 81 5.58 -6.17 0.45
CA VAL A 81 6.74 -6.99 0.78
C VAL A 81 7.03 -8.01 -0.33
N SER A 82 8.31 -8.33 -0.50
CA SER A 82 8.73 -9.27 -1.52
C SER A 82 9.36 -10.51 -0.90
N LYS A 83 10.33 -10.28 0.00
CA LYS A 83 11.00 -11.38 0.67
C LYS A 83 11.91 -10.85 1.79
N LYS A 84 11.82 -11.48 2.96
CA LYS A 84 12.63 -11.07 4.10
C LYS A 84 13.86 -11.96 4.24
N LEU A 85 14.92 -11.62 3.51
CA LEU A 85 16.16 -12.38 3.56
C LEU A 85 17.37 -11.47 3.37
N ARG A 86 18.52 -11.94 3.83
CA ARG A 86 19.76 -11.17 3.72
C ARG A 86 20.98 -12.06 3.92
N SER A 87 21.77 -12.23 2.86
CA SER A 87 22.96 -13.06 2.91
C SER A 87 24.21 -12.26 2.56
N SER A 88 25.36 -12.68 3.07
CA SER A 88 26.62 -11.99 2.81
C SER A 88 27.57 -12.90 2.03
N GLY A 89 28.14 -12.37 0.96
CA GLY A 89 29.07 -13.14 0.15
C GLY A 89 30.50 -12.67 0.32
N PRO A 90 31.41 -13.23 -0.50
CA PRO A 90 32.83 -12.89 -0.46
C PRO A 90 33.10 -11.47 -0.98
N SER A 91 34.36 -11.07 -0.96
CA SER A 91 34.75 -9.74 -1.42
C SER A 91 35.76 -9.83 -2.55
N SER A 92 35.70 -8.88 -3.48
CA SER A 92 36.60 -8.85 -4.61
C SER A 92 37.83 -8.00 -4.32
N GLY A 93 37.59 -6.80 -3.78
CA GLY A 93 38.68 -5.90 -3.45
C GLY A 93 39.16 -5.12 -4.65
N GLY A 1 21.62 -8.13 18.17
CA GLY A 1 21.15 -7.39 17.02
C GLY A 1 20.19 -6.28 17.40
N SER A 2 19.76 -5.50 16.41
CA SER A 2 18.85 -4.38 16.66
C SER A 2 17.40 -4.80 16.37
N SER A 3 16.53 -4.57 17.34
CA SER A 3 15.12 -4.91 17.20
C SER A 3 14.32 -3.74 16.66
N GLY A 4 13.24 -4.06 15.93
CA GLY A 4 12.40 -3.01 15.36
C GLY A 4 13.21 -2.01 14.55
N SER A 5 13.92 -2.51 13.53
CA SER A 5 14.73 -1.65 12.68
C SER A 5 13.95 -0.42 12.25
N SER A 6 14.64 0.71 12.18
CA SER A 6 14.01 1.97 11.79
C SER A 6 14.14 2.19 10.29
N GLY A 7 13.37 3.14 9.76
CA GLY A 7 13.42 3.44 8.35
C GLY A 7 12.06 3.86 7.80
N MET A 8 11.85 3.61 6.51
CA MET A 8 10.59 3.98 5.86
C MET A 8 10.15 2.89 4.88
N ASN A 9 8.84 2.66 4.81
CA ASN A 9 8.29 1.66 3.91
C ASN A 9 7.08 2.20 3.15
N LYS A 10 6.48 1.35 2.33
CA LYS A 10 5.30 1.74 1.56
C LYS A 10 4.32 0.58 1.45
N LEU A 11 3.09 0.89 1.04
CA LEU A 11 2.05 -0.12 0.89
C LEU A 11 1.73 -0.37 -0.59
N TYR A 12 1.61 -1.63 -0.96
CA TYR A 12 1.30 -2.00 -2.34
C TYR A 12 -0.20 -2.19 -2.53
N ILE A 13 -0.75 -1.53 -3.54
CA ILE A 13 -2.17 -1.63 -3.82
C ILE A 13 -2.42 -2.45 -5.09
N GLY A 14 -3.23 -3.50 -4.96
CA GLY A 14 -3.53 -4.35 -6.09
C GLY A 14 -4.99 -4.28 -6.50
N ASN A 15 -5.32 -4.87 -7.64
CA ASN A 15 -6.69 -4.88 -8.14
C ASN A 15 -7.13 -3.46 -8.50
N LEU A 16 -6.24 -2.72 -9.14
CA LEU A 16 -6.54 -1.35 -9.54
C LEU A 16 -6.78 -1.27 -11.05
N SER A 17 -7.79 -0.50 -11.44
CA SER A 17 -8.14 -0.35 -12.84
C SER A 17 -7.21 0.66 -13.52
N PRO A 18 -7.03 0.51 -14.85
CA PRO A 18 -6.17 1.40 -15.64
C PRO A 18 -6.76 2.80 -15.77
N ALA A 19 -8.04 2.94 -15.46
CA ALA A 19 -8.71 4.23 -15.55
C ALA A 19 -8.41 5.09 -14.33
N VAL A 20 -7.95 4.45 -13.27
CA VAL A 20 -7.61 5.16 -12.04
C VAL A 20 -6.44 6.11 -12.25
N THR A 21 -6.45 7.23 -11.54
CA THR A 21 -5.39 8.22 -11.65
C THR A 21 -4.82 8.56 -10.28
N ALA A 22 -3.59 9.10 -10.27
CA ALA A 22 -2.94 9.48 -9.03
C ALA A 22 -3.82 10.40 -8.20
N ASP A 23 -4.52 11.31 -8.86
CA ASP A 23 -5.40 12.25 -8.19
C ASP A 23 -6.54 11.52 -7.48
N ASP A 24 -7.09 10.51 -8.16
CA ASP A 24 -8.18 9.72 -7.61
C ASP A 24 -7.74 8.99 -6.34
N LEU A 25 -6.54 8.42 -6.39
CA LEU A 25 -6.01 7.68 -5.24
C LEU A 25 -5.88 8.59 -4.02
N ARG A 26 -5.32 9.77 -4.22
CA ARG A 26 -5.15 10.72 -3.14
C ARG A 26 -6.49 11.26 -2.66
N GLN A 27 -7.40 11.49 -3.60
CA GLN A 27 -8.72 12.00 -3.27
C GLN A 27 -9.55 10.94 -2.55
N LEU A 28 -9.29 9.68 -2.88
CA LEU A 28 -10.02 8.57 -2.26
C LEU A 28 -9.61 8.41 -0.79
N PHE A 29 -8.31 8.46 -0.54
CA PHE A 29 -7.80 8.31 0.82
C PHE A 29 -8.23 9.49 1.69
N GLY A 30 -8.23 10.69 1.09
CA GLY A 30 -8.63 11.87 1.83
C GLY A 30 -10.10 11.87 2.20
N ASP A 31 -10.93 11.40 1.28
CA ASP A 31 -12.37 11.35 1.52
C ASP A 31 -12.71 10.35 2.62
N ARG A 32 -11.82 9.38 2.82
CA ARG A 32 -12.02 8.36 3.84
C ARG A 32 -11.40 8.78 5.17
N LYS A 33 -11.16 10.08 5.32
CA LYS A 33 -10.57 10.62 6.53
C LYS A 33 -9.21 9.99 6.81
N LEU A 34 -8.54 9.55 5.74
CA LEU A 34 -7.23 8.93 5.85
C LEU A 34 -6.22 9.61 4.94
N PRO A 35 -5.76 10.80 5.37
CA PRO A 35 -4.78 11.59 4.61
C PRO A 35 -3.40 10.95 4.60
N LEU A 36 -2.63 11.20 3.55
CA LEU A 36 -1.29 10.65 3.43
C LEU A 36 -0.24 11.71 3.73
N ALA A 37 0.73 11.35 4.58
CA ALA A 37 1.79 12.27 4.95
C ALA A 37 3.10 11.92 4.23
N GLY A 38 2.98 11.27 3.08
CA GLY A 38 4.15 10.88 2.32
C GLY A 38 3.98 11.10 0.83
N GLN A 39 4.47 10.16 0.03
CA GLN A 39 4.36 10.25 -1.42
C GLN A 39 3.42 9.19 -1.97
N VAL A 40 2.85 9.46 -3.14
CA VAL A 40 1.93 8.54 -3.78
C VAL A 40 2.42 8.13 -5.17
N LEU A 41 2.33 6.84 -5.47
CA LEU A 41 2.77 6.34 -6.78
C LEU A 41 1.68 5.48 -7.41
N LEU A 42 1.46 5.69 -8.71
CA LEU A 42 0.45 4.94 -9.45
C LEU A 42 1.08 4.11 -10.55
N LYS A 43 1.00 2.79 -10.42
CA LYS A 43 1.57 1.89 -11.41
C LYS A 43 0.47 1.17 -12.19
N SER A 44 0.80 0.69 -13.39
CA SER A 44 -0.16 -0.01 -14.23
C SER A 44 -0.56 -1.34 -13.60
N GLY A 45 -1.65 -1.32 -12.84
CA GLY A 45 -2.13 -2.54 -12.19
C GLY A 45 -2.04 -2.45 -10.68
N TYR A 46 -1.23 -1.52 -10.18
CA TYR A 46 -1.05 -1.36 -8.74
C TYR A 46 -0.59 0.06 -8.42
N ALA A 47 -0.46 0.35 -7.12
CA ALA A 47 -0.02 1.67 -6.68
C ALA A 47 0.66 1.59 -5.31
N PHE A 48 1.59 2.51 -5.06
CA PHE A 48 2.32 2.54 -3.81
C PHE A 48 2.04 3.82 -3.05
N VAL A 49 1.66 3.68 -1.78
CA VAL A 49 1.37 4.83 -0.93
C VAL A 49 2.20 4.82 0.34
N ASP A 50 2.66 6.00 0.75
CA ASP A 50 3.48 6.13 1.95
C ASP A 50 2.60 6.28 3.19
N TYR A 51 2.82 5.41 4.17
CA TYR A 51 2.04 5.44 5.40
C TYR A 51 2.85 6.09 6.53
N PRO A 52 2.16 6.85 7.40
CA PRO A 52 2.78 7.52 8.53
C PRO A 52 3.25 6.55 9.61
N ASP A 53 2.35 5.66 10.02
CA ASP A 53 2.67 4.68 11.04
C ASP A 53 2.03 3.33 10.73
N GLN A 54 2.50 2.28 11.39
CA GLN A 54 1.96 0.95 11.17
C GLN A 54 0.47 0.89 11.51
N ASN A 55 0.08 1.60 12.56
CA ASN A 55 -1.31 1.63 12.98
C ASN A 55 -2.20 2.23 11.90
N TRP A 56 -1.74 3.32 11.31
CA TRP A 56 -2.50 3.99 10.25
C TRP A 56 -2.69 3.07 9.05
N ALA A 57 -1.63 2.35 8.69
CA ALA A 57 -1.68 1.44 7.56
C ALA A 57 -2.73 0.34 7.79
N ILE A 58 -2.72 -0.23 8.99
CA ILE A 58 -3.67 -1.29 9.32
C ILE A 58 -5.10 -0.76 9.33
N ARG A 59 -5.29 0.41 9.94
CA ARG A 59 -6.61 1.03 10.03
C ARG A 59 -7.06 1.50 8.65
N ALA A 60 -6.10 1.88 7.81
CA ALA A 60 -6.41 2.37 6.47
C ALA A 60 -6.85 1.22 5.56
N ILE A 61 -6.15 0.10 5.65
CA ILE A 61 -6.45 -1.07 4.84
C ILE A 61 -7.82 -1.64 5.20
N GLU A 62 -8.06 -1.82 6.49
CA GLU A 62 -9.33 -2.35 6.98
C GLU A 62 -10.49 -1.42 6.62
N THR A 63 -10.26 -0.12 6.78
CA THR A 63 -11.27 0.88 6.47
C THR A 63 -11.40 1.10 4.97
N LEU A 64 -10.31 0.89 4.24
CA LEU A 64 -10.30 1.06 2.80
C LEU A 64 -10.40 -0.29 2.09
N SER A 65 -9.32 -1.05 2.12
CA SER A 65 -9.29 -2.36 1.48
C SER A 65 -10.49 -3.21 1.92
N GLY A 66 -11.21 -3.76 0.95
CA GLY A 66 -12.36 -4.58 1.25
C GLY A 66 -13.59 -3.75 1.59
N LYS A 67 -13.39 -2.46 1.77
CA LYS A 67 -14.48 -1.55 2.10
C LYS A 67 -14.62 -0.45 1.06
N VAL A 68 -13.58 -0.30 0.24
CA VAL A 68 -13.57 0.73 -0.80
C VAL A 68 -13.50 0.09 -2.19
N GLU A 69 -14.37 0.54 -3.09
CA GLU A 69 -14.40 0.02 -4.45
C GLU A 69 -14.21 1.15 -5.47
N LEU A 70 -13.33 0.92 -6.44
CA LEU A 70 -13.07 1.91 -7.47
C LEU A 70 -13.40 1.37 -8.85
N HIS A 71 -14.25 2.08 -9.58
CA HIS A 71 -14.65 1.67 -10.92
C HIS A 71 -15.34 0.30 -10.89
N GLY A 72 -16.15 0.08 -9.87
CA GLY A 72 -16.86 -1.17 -9.73
C GLY A 72 -15.95 -2.31 -9.30
N LYS A 73 -14.66 -2.02 -9.20
CA LYS A 73 -13.68 -3.02 -8.80
C LYS A 73 -13.16 -2.74 -7.39
N ILE A 74 -13.18 -3.76 -6.54
CA ILE A 74 -12.71 -3.63 -5.16
C ILE A 74 -11.20 -3.41 -5.12
N MET A 75 -10.78 -2.37 -4.40
CA MET A 75 -9.36 -2.05 -4.28
C MET A 75 -8.71 -2.89 -3.17
N GLU A 76 -7.53 -3.41 -3.46
CA GLU A 76 -6.81 -4.23 -2.49
C GLU A 76 -5.55 -3.51 -1.99
N VAL A 77 -5.43 -3.39 -0.68
CA VAL A 77 -4.28 -2.73 -0.08
C VAL A 77 -3.55 -3.65 0.89
N ASP A 78 -2.25 -3.81 0.69
CA ASP A 78 -1.44 -4.67 1.54
C ASP A 78 0.02 -4.20 1.55
N TYR A 79 0.74 -4.57 2.60
CA TYR A 79 2.14 -4.18 2.74
C TYR A 79 2.89 -4.37 1.42
N SER A 80 3.95 -3.59 1.23
CA SER A 80 4.75 -3.67 0.02
C SER A 80 5.94 -4.61 0.21
N VAL A 81 5.66 -5.84 0.64
CA VAL A 81 6.70 -6.83 0.86
C VAL A 81 6.48 -8.06 -0.02
N SER A 82 7.50 -8.44 -0.76
CA SER A 82 7.43 -9.60 -1.65
C SER A 82 8.65 -10.50 -1.48
N LYS A 83 8.46 -11.65 -0.86
CA LYS A 83 9.54 -12.60 -0.65
C LYS A 83 9.01 -13.91 -0.10
N LYS A 84 9.23 -14.99 -0.84
CA LYS A 84 8.78 -16.32 -0.43
C LYS A 84 9.73 -16.92 0.60
N LEU A 85 9.32 -16.90 1.86
CA LEU A 85 10.14 -17.45 2.94
C LEU A 85 10.08 -18.97 2.95
N ARG A 86 10.97 -19.59 2.18
CA ARG A 86 11.02 -21.05 2.09
C ARG A 86 10.80 -21.68 3.47
N SER A 87 10.27 -22.90 3.48
CA SER A 87 10.01 -23.61 4.73
C SER A 87 10.92 -24.83 4.86
N SER A 88 12.18 -24.66 4.50
CA SER A 88 13.14 -25.74 4.57
C SER A 88 14.56 -25.20 4.70
N GLY A 89 15.40 -25.91 5.45
CA GLY A 89 16.77 -25.48 5.65
C GLY A 89 17.43 -26.16 6.84
N PRO A 90 18.65 -25.72 7.18
CA PRO A 90 19.42 -26.28 8.30
C PRO A 90 18.80 -25.91 9.65
N SER A 91 19.34 -26.49 10.71
CA SER A 91 18.85 -26.23 12.06
C SER A 91 19.98 -25.75 12.97
N SER A 92 20.08 -24.43 13.13
CA SER A 92 21.13 -23.85 13.96
C SER A 92 20.68 -23.79 15.42
N GLY A 93 19.43 -23.36 15.64
CA GLY A 93 18.91 -23.27 16.99
C GLY A 93 18.64 -21.84 17.40
N GLY A 1 19.12 -12.29 11.78
CA GLY A 1 18.33 -12.43 10.57
C GLY A 1 17.40 -11.25 10.35
N SER A 2 17.68 -10.45 9.32
CA SER A 2 16.87 -9.29 9.00
C SER A 2 16.32 -9.37 7.58
N SER A 3 15.17 -10.02 7.44
CA SER A 3 14.54 -10.18 6.14
C SER A 3 13.70 -8.95 5.78
N GLY A 4 14.26 -8.07 4.96
CA GLY A 4 13.55 -6.88 4.56
C GLY A 4 14.03 -6.34 3.23
N SER A 5 15.15 -5.61 3.24
CA SER A 5 15.70 -5.04 2.03
C SER A 5 14.66 -4.20 1.30
N SER A 6 13.86 -3.47 2.07
CA SER A 6 12.82 -2.62 1.50
C SER A 6 13.18 -1.15 1.63
N GLY A 7 13.65 -0.76 2.82
CA GLY A 7 14.03 0.61 3.05
C GLY A 7 12.88 1.45 3.59
N MET A 8 12.23 2.20 2.71
CA MET A 8 11.11 3.04 3.09
C MET A 8 9.87 2.20 3.37
N ASN A 9 8.94 2.76 4.14
CA ASN A 9 7.70 2.05 4.48
C ASN A 9 6.57 2.46 3.54
N LYS A 10 6.02 1.49 2.83
CA LYS A 10 4.93 1.74 1.90
C LYS A 10 3.98 0.55 1.81
N LEU A 11 2.81 0.77 1.22
CA LEU A 11 1.83 -0.30 1.08
C LEU A 11 1.56 -0.60 -0.40
N TYR A 12 1.37 -1.88 -0.70
CA TYR A 12 1.10 -2.31 -2.06
C TYR A 12 -0.39 -2.41 -2.34
N ILE A 13 -0.83 -1.80 -3.43
CA ILE A 13 -2.24 -1.82 -3.80
C ILE A 13 -2.45 -2.52 -5.14
N GLY A 14 -3.25 -3.59 -5.12
CA GLY A 14 -3.52 -4.33 -6.33
C GLY A 14 -4.98 -4.23 -6.76
N ASN A 15 -5.24 -4.55 -8.02
CA ASN A 15 -6.59 -4.50 -8.56
C ASN A 15 -7.03 -3.05 -8.80
N LEU A 16 -6.18 -2.29 -9.50
CA LEU A 16 -6.47 -0.90 -9.79
C LEU A 16 -6.75 -0.70 -11.28
N SER A 17 -8.01 -0.42 -11.61
CA SER A 17 -8.41 -0.22 -12.99
C SER A 17 -7.40 0.66 -13.73
N PRO A 18 -7.27 0.45 -15.04
CA PRO A 18 -6.35 1.21 -15.88
C PRO A 18 -6.80 2.66 -16.06
N ALA A 19 -7.95 3.00 -15.49
CA ALA A 19 -8.49 4.35 -15.59
C ALA A 19 -8.19 5.15 -14.33
N VAL A 20 -7.88 4.45 -13.24
CA VAL A 20 -7.56 5.09 -11.97
C VAL A 20 -6.37 6.03 -12.11
N THR A 21 -6.50 7.21 -11.52
CA THR A 21 -5.43 8.20 -11.57
C THR A 21 -5.03 8.67 -10.18
N ALA A 22 -3.85 9.27 -10.08
CA ALA A 22 -3.35 9.76 -8.79
C ALA A 22 -4.38 10.66 -8.11
N ASP A 23 -5.16 11.37 -8.92
CA ASP A 23 -6.18 12.26 -8.39
C ASP A 23 -7.24 11.48 -7.62
N ASP A 24 -7.65 10.34 -8.17
CA ASP A 24 -8.66 9.50 -7.53
C ASP A 24 -8.12 8.89 -6.24
N LEU A 25 -6.87 8.44 -6.29
CA LEU A 25 -6.23 7.82 -5.13
C LEU A 25 -6.15 8.81 -3.96
N ARG A 26 -5.70 10.03 -4.25
CA ARG A 26 -5.57 11.06 -3.23
C ARG A 26 -6.95 11.49 -2.73
N GLN A 27 -7.91 11.57 -3.64
CA GLN A 27 -9.27 11.96 -3.28
C GLN A 27 -9.96 10.88 -2.46
N LEU A 28 -9.68 9.63 -2.79
CA LEU A 28 -10.27 8.50 -2.08
C LEU A 28 -9.74 8.42 -0.65
N PHE A 29 -8.44 8.61 -0.49
CA PHE A 29 -7.81 8.56 0.83
C PHE A 29 -8.29 9.71 1.70
N GLY A 30 -8.36 10.90 1.10
CA GLY A 30 -8.81 12.07 1.84
C GLY A 30 -10.28 12.00 2.22
N ASP A 31 -11.07 11.35 1.37
CA ASP A 31 -12.50 11.21 1.62
C ASP A 31 -12.76 10.30 2.82
N ARG A 32 -11.91 9.29 2.98
CA ARG A 32 -12.05 8.35 4.08
C ARG A 32 -11.33 8.85 5.33
N LYS A 33 -11.02 10.15 5.34
CA LYS A 33 -10.33 10.76 6.47
C LYS A 33 -8.96 10.13 6.69
N LEU A 34 -8.26 9.86 5.59
CA LEU A 34 -6.93 9.26 5.65
C LEU A 34 -5.94 10.04 4.82
N PRO A 35 -5.42 11.15 5.38
CA PRO A 35 -4.45 12.01 4.70
C PRO A 35 -3.08 11.33 4.54
N LEU A 36 -2.61 11.24 3.30
CA LEU A 36 -1.33 10.62 3.02
C LEU A 36 -0.18 11.53 3.44
N ALA A 37 0.46 11.20 4.56
CA ALA A 37 1.58 11.98 5.07
C ALA A 37 2.89 11.53 4.45
N GLY A 38 2.86 11.22 3.15
CA GLY A 38 4.06 10.77 2.47
C GLY A 38 3.96 10.96 0.97
N GLN A 39 4.43 9.97 0.22
CA GLN A 39 4.40 10.02 -1.24
C GLN A 39 3.45 8.98 -1.80
N VAL A 40 2.90 9.26 -2.98
CA VAL A 40 1.97 8.34 -3.63
C VAL A 40 2.47 7.93 -5.01
N LEU A 41 2.51 6.63 -5.27
CA LEU A 41 2.96 6.11 -6.56
C LEU A 41 1.86 5.30 -7.25
N LEU A 42 1.66 5.57 -8.53
CA LEU A 42 0.63 4.86 -9.30
C LEU A 42 1.27 4.09 -10.46
N LYS A 43 1.18 2.76 -10.41
CA LYS A 43 1.74 1.92 -11.45
C LYS A 43 0.63 1.26 -12.27
N SER A 44 0.97 0.82 -13.48
CA SER A 44 0.01 0.19 -14.36
C SER A 44 -0.40 -1.18 -13.82
N GLY A 45 -1.44 -1.19 -12.99
CA GLY A 45 -1.93 -2.44 -12.41
C GLY A 45 -1.78 -2.47 -10.91
N TYR A 46 -1.02 -1.53 -10.36
CA TYR A 46 -0.79 -1.45 -8.93
C TYR A 46 -0.39 -0.04 -8.50
N ALA A 47 -0.24 0.16 -7.20
CA ALA A 47 0.15 1.46 -6.67
C ALA A 47 0.77 1.33 -5.28
N PHE A 48 1.68 2.25 -4.95
CA PHE A 48 2.34 2.23 -3.66
C PHE A 48 2.08 3.52 -2.89
N VAL A 49 1.75 3.39 -1.61
CA VAL A 49 1.47 4.55 -0.76
C VAL A 49 2.33 4.53 0.48
N ASP A 50 2.80 5.70 0.90
CA ASP A 50 3.64 5.82 2.08
C ASP A 50 2.80 6.19 3.30
N TYR A 51 2.90 5.39 4.35
CA TYR A 51 2.15 5.63 5.57
C TYR A 51 3.05 6.18 6.67
N PRO A 52 2.47 7.05 7.52
CA PRO A 52 3.20 7.67 8.63
C PRO A 52 3.57 6.68 9.73
N ASP A 53 2.58 5.93 10.18
CA ASP A 53 2.79 4.93 11.22
C ASP A 53 2.10 3.62 10.88
N GLN A 54 2.46 2.55 11.59
CA GLN A 54 1.88 1.24 11.36
C GLN A 54 0.39 1.24 11.70
N ASN A 55 0.02 2.02 12.71
CA ASN A 55 -1.37 2.10 13.12
C ASN A 55 -2.25 2.67 12.01
N TRP A 56 -1.77 3.74 11.38
CA TRP A 56 -2.51 4.38 10.30
C TRP A 56 -2.63 3.45 9.10
N ALA A 57 -1.54 2.76 8.78
CA ALA A 57 -1.52 1.83 7.66
C ALA A 57 -2.55 0.71 7.84
N ILE A 58 -2.52 0.09 9.02
CA ILE A 58 -3.45 -0.99 9.32
C ILE A 58 -4.89 -0.52 9.22
N ARG A 59 -5.17 0.67 9.74
CA ARG A 59 -6.51 1.23 9.70
C ARG A 59 -6.90 1.63 8.28
N ALA A 60 -5.90 2.01 7.49
CA ALA A 60 -6.12 2.42 6.11
C ALA A 60 -6.51 1.22 5.25
N ILE A 61 -5.76 0.13 5.39
CA ILE A 61 -6.02 -1.08 4.62
C ILE A 61 -7.38 -1.67 4.97
N GLU A 62 -7.65 -1.79 6.27
CA GLU A 62 -8.92 -2.34 6.73
C GLU A 62 -10.08 -1.46 6.30
N THR A 63 -9.90 -0.15 6.39
CA THR A 63 -10.93 0.80 6.01
C THR A 63 -11.02 0.93 4.49
N LEU A 64 -9.93 0.62 3.81
CA LEU A 64 -9.89 0.70 2.35
C LEU A 64 -10.06 -0.67 1.72
N SER A 65 -9.04 -1.51 1.83
CA SER A 65 -9.08 -2.85 1.27
C SER A 65 -10.30 -3.61 1.79
N GLY A 66 -11.21 -3.94 0.89
CA GLY A 66 -12.40 -4.67 1.26
C GLY A 66 -13.53 -3.75 1.69
N LYS A 67 -13.19 -2.50 1.96
CA LYS A 67 -14.19 -1.51 2.38
C LYS A 67 -14.22 -0.33 1.43
N VAL A 68 -13.58 -0.48 0.27
CA VAL A 68 -13.55 0.57 -0.73
C VAL A 68 -13.52 0.00 -2.14
N GLU A 69 -14.39 0.52 -3.00
CA GLU A 69 -14.47 0.06 -4.37
C GLU A 69 -14.25 1.20 -5.36
N LEU A 70 -13.41 0.96 -6.36
CA LEU A 70 -13.11 1.98 -7.37
C LEU A 70 -13.40 1.47 -8.77
N HIS A 71 -14.18 2.22 -9.52
CA HIS A 71 -14.54 1.83 -10.89
C HIS A 71 -15.26 0.49 -10.90
N GLY A 72 -16.10 0.26 -9.90
CA GLY A 72 -16.85 -0.98 -9.82
C GLY A 72 -15.99 -2.14 -9.38
N LYS A 73 -14.68 -1.90 -9.26
CA LYS A 73 -13.74 -2.94 -8.85
C LYS A 73 -13.22 -2.66 -7.44
N ILE A 74 -13.30 -3.66 -6.57
CA ILE A 74 -12.82 -3.52 -5.21
C ILE A 74 -11.30 -3.39 -5.16
N MET A 75 -10.82 -2.38 -4.44
CA MET A 75 -9.39 -2.13 -4.32
C MET A 75 -8.79 -3.00 -3.21
N GLU A 76 -7.65 -3.63 -3.51
CA GLU A 76 -6.98 -4.48 -2.55
C GLU A 76 -5.66 -3.85 -2.09
N VAL A 77 -5.50 -3.72 -0.78
CA VAL A 77 -4.28 -3.14 -0.22
C VAL A 77 -3.63 -4.09 0.76
N ASP A 78 -2.31 -4.24 0.65
CA ASP A 78 -1.56 -5.13 1.52
C ASP A 78 -0.12 -4.65 1.68
N TYR A 79 0.49 -4.96 2.82
CA TYR A 79 1.87 -4.56 3.08
C TYR A 79 2.77 -4.90 1.91
N SER A 80 3.45 -3.88 1.38
CA SER A 80 4.35 -4.05 0.25
C SER A 80 5.35 -5.16 0.53
N VAL A 81 5.63 -5.40 1.80
CA VAL A 81 6.58 -6.43 2.21
C VAL A 81 6.18 -7.79 1.66
N SER A 82 7.06 -8.38 0.85
CA SER A 82 6.79 -9.68 0.25
C SER A 82 8.07 -10.51 0.17
N LYS A 83 7.92 -11.77 -0.24
CA LYS A 83 9.07 -12.67 -0.37
C LYS A 83 9.03 -13.41 -1.70
N LYS A 84 9.89 -13.01 -2.62
CA LYS A 84 9.96 -13.63 -3.94
C LYS A 84 10.56 -15.03 -3.84
N LEU A 85 11.29 -15.28 -2.76
CA LEU A 85 11.93 -16.58 -2.55
C LEU A 85 12.00 -16.90 -1.06
N ARG A 86 11.55 -18.10 -0.70
CA ARG A 86 11.56 -18.54 0.70
C ARG A 86 12.23 -19.91 0.82
N SER A 87 12.40 -20.36 2.06
CA SER A 87 13.03 -21.65 2.32
C SER A 87 12.64 -22.67 1.26
N SER A 88 13.54 -22.90 0.31
CA SER A 88 13.29 -23.84 -0.77
C SER A 88 14.28 -25.01 -0.71
N GLY A 89 13.75 -26.22 -0.51
CA GLY A 89 14.60 -27.39 -0.44
C GLY A 89 13.81 -28.67 -0.41
N PRO A 90 13.41 -29.16 -1.59
CA PRO A 90 12.63 -30.40 -1.72
C PRO A 90 13.45 -31.64 -1.37
N SER A 91 14.73 -31.61 -1.71
CA SER A 91 15.62 -32.73 -1.44
C SER A 91 15.02 -34.04 -1.95
N SER A 92 14.54 -34.01 -3.19
CA SER A 92 13.93 -35.20 -3.79
C SER A 92 14.99 -36.24 -4.11
N GLY A 93 15.95 -35.86 -4.95
CA GLY A 93 17.02 -36.78 -5.32
C GLY A 93 17.72 -36.36 -6.60
N GLY A 1 16.10 12.68 17.01
CA GLY A 1 16.57 11.38 16.58
C GLY A 1 15.87 10.88 15.32
N SER A 2 16.65 10.65 14.28
CA SER A 2 16.10 10.18 13.00
C SER A 2 15.59 8.75 13.14
N SER A 3 16.45 7.86 13.62
CA SER A 3 16.09 6.46 13.79
C SER A 3 15.48 5.89 12.51
N GLY A 4 16.09 6.24 11.37
CA GLY A 4 15.59 5.76 10.09
C GLY A 4 16.65 5.03 9.30
N SER A 5 17.43 4.20 9.99
CA SER A 5 18.49 3.43 9.34
C SER A 5 17.95 2.67 8.14
N SER A 6 16.87 1.92 8.35
CA SER A 6 16.25 1.13 7.29
C SER A 6 15.53 2.04 6.29
N GLY A 7 14.79 3.01 6.82
CA GLY A 7 14.06 3.93 5.96
C GLY A 7 12.58 3.95 6.26
N MET A 8 11.76 4.03 5.22
CA MET A 8 10.32 4.06 5.38
C MET A 8 9.65 3.02 4.48
N ASN A 9 8.80 2.18 5.06
CA ASN A 9 8.10 1.16 4.30
C ASN A 9 6.99 1.77 3.44
N LYS A 10 6.39 0.95 2.60
CA LYS A 10 5.31 1.41 1.73
C LYS A 10 4.21 0.35 1.61
N LEU A 11 3.07 0.75 1.09
CA LEU A 11 1.93 -0.15 0.92
C LEU A 11 1.67 -0.43 -0.56
N TYR A 12 1.54 -1.70 -0.91
CA TYR A 12 1.29 -2.10 -2.29
C TYR A 12 -0.21 -2.31 -2.52
N ILE A 13 -0.78 -1.52 -3.41
CA ILE A 13 -2.21 -1.63 -3.73
C ILE A 13 -2.41 -2.38 -5.04
N GLY A 14 -3.22 -3.43 -4.99
CA GLY A 14 -3.50 -4.22 -6.18
C GLY A 14 -4.96 -4.16 -6.59
N ASN A 15 -5.26 -4.66 -7.77
CA ASN A 15 -6.62 -4.67 -8.29
C ASN A 15 -7.10 -3.25 -8.57
N LEU A 16 -6.30 -2.50 -9.31
CA LEU A 16 -6.64 -1.12 -9.66
C LEU A 16 -6.91 -0.98 -11.15
N SER A 17 -8.15 -0.67 -11.50
CA SER A 17 -8.54 -0.51 -12.89
C SER A 17 -7.51 0.33 -13.65
N PRO A 18 -7.40 0.08 -14.96
CA PRO A 18 -6.46 0.79 -15.83
C PRO A 18 -6.87 2.25 -16.05
N ALA A 19 -8.03 2.61 -15.50
CA ALA A 19 -8.53 3.98 -15.63
C ALA A 19 -8.22 4.80 -14.39
N VAL A 20 -7.84 4.12 -13.31
CA VAL A 20 -7.51 4.79 -12.07
C VAL A 20 -6.47 5.89 -12.28
N THR A 21 -6.59 6.97 -11.52
CA THR A 21 -5.67 8.09 -11.63
C THR A 21 -5.15 8.51 -10.26
N ALA A 22 -3.99 9.14 -10.24
CA ALA A 22 -3.38 9.60 -9.00
C ALA A 22 -4.34 10.47 -8.21
N ASP A 23 -5.09 11.32 -8.92
CA ASP A 23 -6.06 12.20 -8.28
C ASP A 23 -7.11 11.40 -7.52
N ASP A 24 -7.57 10.31 -8.12
CA ASP A 24 -8.57 9.46 -7.50
C ASP A 24 -8.04 8.83 -6.22
N LEU A 25 -6.79 8.36 -6.27
CA LEU A 25 -6.16 7.73 -5.11
C LEU A 25 -6.09 8.70 -3.93
N ARG A 26 -5.65 9.93 -4.20
CA ARG A 26 -5.53 10.94 -3.16
C ARG A 26 -6.92 11.39 -2.70
N GLN A 27 -7.84 11.54 -3.65
CA GLN A 27 -9.20 11.97 -3.33
C GLN A 27 -9.95 10.89 -2.56
N LEU A 28 -9.62 9.63 -2.86
CA LEU A 28 -10.26 8.50 -2.20
C LEU A 28 -9.81 8.39 -0.75
N PHE A 29 -8.49 8.41 -0.54
CA PHE A 29 -7.92 8.31 0.79
C PHE A 29 -8.33 9.51 1.65
N GLY A 30 -8.29 10.70 1.06
CA GLY A 30 -8.65 11.90 1.78
C GLY A 30 -10.11 11.92 2.17
N ASP A 31 -10.97 11.43 1.28
CA ASP A 31 -12.41 11.39 1.55
C ASP A 31 -12.71 10.51 2.75
N ARG A 32 -11.88 9.50 2.96
CA ARG A 32 -12.06 8.58 4.07
C ARG A 32 -11.36 9.09 5.33
N LYS A 33 -11.02 10.37 5.32
CA LYS A 33 -10.34 10.98 6.46
C LYS A 33 -8.98 10.35 6.69
N LEU A 34 -8.35 9.89 5.61
CA LEU A 34 -7.05 9.25 5.71
C LEU A 34 -6.05 9.92 4.76
N PRO A 35 -5.49 11.06 5.20
CA PRO A 35 -4.52 11.81 4.41
C PRO A 35 -3.18 11.09 4.29
N LEU A 36 -2.53 11.25 3.15
CA LEU A 36 -1.25 10.61 2.90
C LEU A 36 -0.10 11.56 3.21
N ALA A 37 0.52 11.37 4.37
CA ALA A 37 1.64 12.22 4.79
C ALA A 37 2.96 11.68 4.25
N GLY A 38 2.95 11.25 2.99
CA GLY A 38 4.14 10.72 2.37
C GLY A 38 4.16 10.90 0.87
N GLN A 39 4.44 9.81 0.15
CA GLN A 39 4.48 9.84 -1.31
C GLN A 39 3.46 8.87 -1.90
N VAL A 40 2.93 9.23 -3.07
CA VAL A 40 1.94 8.39 -3.75
C VAL A 40 2.42 8.01 -5.15
N LEU A 41 2.57 6.72 -5.38
CA LEU A 41 3.02 6.23 -6.68
C LEU A 41 1.91 5.45 -7.38
N LEU A 42 1.64 5.81 -8.63
CA LEU A 42 0.60 5.14 -9.41
C LEU A 42 1.21 4.35 -10.56
N LYS A 43 1.06 3.03 -10.51
CA LYS A 43 1.59 2.15 -11.55
C LYS A 43 0.46 1.55 -12.38
N SER A 44 0.79 1.10 -13.59
CA SER A 44 -0.19 0.50 -14.48
C SER A 44 -0.68 -0.83 -13.93
N GLY A 45 -1.74 -0.80 -13.14
CA GLY A 45 -2.29 -2.01 -12.56
C GLY A 45 -2.16 -2.05 -11.05
N TYR A 46 -1.34 -1.15 -10.51
CA TYR A 46 -1.13 -1.09 -9.07
C TYR A 46 -0.67 0.30 -8.65
N ALA A 47 -0.54 0.49 -7.34
CA ALA A 47 -0.09 1.77 -6.80
C ALA A 47 0.53 1.61 -5.43
N PHE A 48 1.50 2.46 -5.11
CA PHE A 48 2.18 2.41 -3.83
C PHE A 48 1.93 3.69 -3.02
N VAL A 49 1.86 3.54 -1.70
CA VAL A 49 1.62 4.68 -0.82
C VAL A 49 2.43 4.56 0.46
N ASP A 50 2.97 5.69 0.92
CA ASP A 50 3.77 5.72 2.13
C ASP A 50 2.90 6.00 3.36
N TYR A 51 2.93 5.08 4.32
CA TYR A 51 2.14 5.22 5.54
C TYR A 51 2.97 5.87 6.65
N PRO A 52 2.30 6.69 7.47
CA PRO A 52 2.95 7.38 8.60
C PRO A 52 3.35 6.42 9.71
N ASP A 53 2.40 5.60 10.14
CA ASP A 53 2.65 4.64 11.21
C ASP A 53 1.97 3.31 10.90
N GLN A 54 2.37 2.26 11.63
CA GLN A 54 1.81 0.93 11.43
C GLN A 54 0.32 0.93 11.75
N ASN A 55 -0.06 1.65 12.80
CA ASN A 55 -1.46 1.73 13.21
C ASN A 55 -2.32 2.34 12.10
N TRP A 56 -1.81 3.40 11.47
CA TRP A 56 -2.53 4.07 10.40
C TRP A 56 -2.73 3.13 9.20
N ALA A 57 -1.68 2.39 8.86
CA ALA A 57 -1.73 1.46 7.74
C ALA A 57 -2.80 0.39 7.97
N ILE A 58 -2.76 -0.25 9.14
CA ILE A 58 -3.72 -1.28 9.48
C ILE A 58 -5.14 -0.75 9.44
N ARG A 59 -5.33 0.44 10.00
CA ARG A 59 -6.66 1.06 10.04
C ARG A 59 -7.07 1.51 8.64
N ALA A 60 -6.09 1.87 7.81
CA ALA A 60 -6.35 2.32 6.46
C ALA A 60 -6.80 1.16 5.57
N ILE A 61 -6.12 0.03 5.70
CA ILE A 61 -6.44 -1.16 4.92
C ILE A 61 -7.83 -1.68 5.25
N GLU A 62 -8.10 -1.81 6.55
CA GLU A 62 -9.39 -2.31 7.01
C GLU A 62 -10.52 -1.37 6.59
N THR A 63 -10.26 -0.06 6.71
CA THR A 63 -11.25 0.94 6.36
C THR A 63 -11.34 1.11 4.84
N LEU A 64 -10.22 0.90 4.16
CA LEU A 64 -10.17 1.02 2.70
C LEU A 64 -10.30 -0.34 2.04
N SER A 65 -9.25 -1.15 2.15
CA SER A 65 -9.25 -2.48 1.55
C SER A 65 -10.47 -3.28 2.01
N GLY A 66 -11.24 -3.78 1.04
CA GLY A 66 -12.42 -4.55 1.36
C GLY A 66 -13.60 -3.68 1.76
N LYS A 67 -13.37 -2.37 1.80
CA LYS A 67 -14.42 -1.43 2.16
C LYS A 67 -14.48 -0.27 1.17
N VAL A 68 -13.66 -0.35 0.13
CA VAL A 68 -13.63 0.70 -0.89
C VAL A 68 -13.49 0.09 -2.28
N GLU A 69 -14.34 0.54 -3.21
CA GLU A 69 -14.31 0.05 -4.58
C GLU A 69 -14.11 1.19 -5.56
N LEU A 70 -13.15 1.03 -6.46
CA LEU A 70 -12.87 2.05 -7.47
C LEU A 70 -13.13 1.53 -8.88
N HIS A 71 -14.01 2.21 -9.59
CA HIS A 71 -14.35 1.82 -10.96
C HIS A 71 -14.94 0.41 -10.98
N GLY A 72 -15.82 0.11 -10.03
CA GLY A 72 -16.43 -1.20 -9.96
C GLY A 72 -15.44 -2.28 -9.54
N LYS A 73 -14.19 -1.88 -9.33
CA LYS A 73 -13.15 -2.82 -8.93
C LYS A 73 -12.73 -2.59 -7.48
N ILE A 74 -12.77 -3.64 -6.68
CA ILE A 74 -12.39 -3.54 -5.27
C ILE A 74 -10.90 -3.30 -5.12
N MET A 75 -10.54 -2.28 -4.34
CA MET A 75 -9.14 -1.95 -4.11
C MET A 75 -8.58 -2.75 -2.95
N GLU A 76 -7.40 -3.35 -3.16
CA GLU A 76 -6.76 -4.14 -2.12
C GLU A 76 -5.44 -3.51 -1.68
N VAL A 77 -5.34 -3.21 -0.39
CA VAL A 77 -4.13 -2.59 0.16
C VAL A 77 -3.40 -3.56 1.09
N ASP A 78 -2.11 -3.74 0.83
CA ASP A 78 -1.29 -4.64 1.64
C ASP A 78 0.17 -4.22 1.61
N TYR A 79 0.90 -4.53 2.68
CA TYR A 79 2.32 -4.18 2.78
C TYR A 79 3.09 -4.74 1.59
N SER A 80 4.05 -3.95 1.09
CA SER A 80 4.86 -4.36 -0.05
C SER A 80 6.02 -5.26 0.41
N VAL A 81 6.69 -4.84 1.48
CA VAL A 81 7.81 -5.61 2.01
C VAL A 81 8.59 -6.29 0.89
N SER A 82 8.87 -5.55 -0.17
CA SER A 82 9.60 -6.10 -1.30
C SER A 82 11.11 -6.02 -1.07
N LYS A 83 11.53 -6.45 0.12
CA LYS A 83 12.94 -6.44 0.48
C LYS A 83 13.48 -7.86 0.66
N LYS A 84 13.06 -8.76 -0.22
CA LYS A 84 13.50 -10.15 -0.16
C LYS A 84 14.89 -10.32 -0.76
N LEU A 85 15.07 -9.78 -1.96
CA LEU A 85 16.36 -9.87 -2.65
C LEU A 85 17.25 -8.69 -2.27
N ARG A 86 18.56 -8.90 -2.37
CA ARG A 86 19.54 -7.86 -2.03
C ARG A 86 20.89 -8.15 -2.68
N SER A 87 21.83 -7.25 -2.48
CA SER A 87 23.17 -7.40 -3.04
C SER A 87 23.97 -8.44 -2.28
N SER A 88 24.84 -9.16 -2.99
CA SER A 88 25.67 -10.19 -2.38
C SER A 88 26.83 -10.57 -3.29
N GLY A 89 27.91 -11.05 -2.68
CA GLY A 89 29.08 -11.45 -3.45
C GLY A 89 29.94 -12.45 -2.73
N PRO A 90 29.55 -13.73 -2.80
CA PRO A 90 30.29 -14.82 -2.15
C PRO A 90 31.64 -15.09 -2.80
N SER A 91 32.69 -15.09 -2.00
CA SER A 91 34.04 -15.33 -2.51
C SER A 91 34.43 -16.80 -2.32
N SER A 92 34.31 -17.57 -3.40
CA SER A 92 34.64 -18.99 -3.36
C SER A 92 34.88 -19.53 -4.77
N GLY A 93 36.06 -20.11 -4.98
CA GLY A 93 36.38 -20.67 -6.28
C GLY A 93 36.67 -22.15 -6.23
N GLY A 1 25.14 -1.45 7.28
CA GLY A 1 23.83 -2.07 7.13
C GLY A 1 22.77 -1.39 7.97
N SER A 2 21.67 -2.09 8.20
CA SER A 2 20.56 -1.53 8.99
C SER A 2 20.53 -2.15 10.39
N SER A 3 20.82 -1.32 11.39
CA SER A 3 20.83 -1.79 12.77
C SER A 3 19.50 -1.48 13.46
N GLY A 4 19.03 -0.24 13.30
CA GLY A 4 17.78 0.16 13.90
C GLY A 4 16.67 0.33 12.88
N SER A 5 15.59 0.99 13.30
CA SER A 5 14.45 1.22 12.41
C SER A 5 14.87 2.03 11.19
N SER A 6 15.13 1.34 10.09
CA SER A 6 15.55 2.00 8.85
C SER A 6 15.19 1.15 7.64
N GLY A 7 14.31 1.67 6.80
CA GLY A 7 13.90 0.95 5.60
C GLY A 7 12.68 1.55 4.94
N MET A 8 12.61 1.45 3.62
CA MET A 8 11.48 2.00 2.87
C MET A 8 10.20 1.22 3.17
N ASN A 9 9.33 1.81 3.97
CA ASN A 9 8.07 1.18 4.33
C ASN A 9 6.90 1.76 3.53
N LYS A 10 6.34 0.97 2.63
CA LYS A 10 5.23 1.40 1.81
C LYS A 10 4.19 0.30 1.66
N LEU A 11 3.00 0.66 1.17
CA LEU A 11 1.92 -0.30 0.99
C LEU A 11 1.67 -0.55 -0.50
N TYR A 12 1.42 -1.81 -0.84
CA TYR A 12 1.16 -2.18 -2.23
C TYR A 12 -0.34 -2.30 -2.49
N ILE A 13 -0.81 -1.62 -3.53
CA ILE A 13 -2.21 -1.66 -3.89
C ILE A 13 -2.43 -2.37 -5.23
N GLY A 14 -3.22 -3.45 -5.19
CA GLY A 14 -3.49 -4.20 -6.40
C GLY A 14 -4.95 -4.14 -6.81
N ASN A 15 -5.25 -4.57 -8.03
CA ASN A 15 -6.61 -4.57 -8.54
C ASN A 15 -7.08 -3.14 -8.81
N LEU A 16 -6.19 -2.33 -9.38
CA LEU A 16 -6.52 -0.95 -9.70
C LEU A 16 -6.88 -0.79 -11.17
N SER A 17 -8.13 -0.46 -11.44
CA SER A 17 -8.60 -0.28 -12.81
C SER A 17 -7.61 0.55 -13.61
N PRO A 18 -7.45 0.20 -14.90
CA PRO A 18 -6.54 0.90 -15.81
C PRO A 18 -7.03 2.30 -16.16
N ALA A 19 -8.15 2.69 -15.57
CA ALA A 19 -8.73 4.00 -15.81
C ALA A 19 -8.48 4.94 -14.63
N VAL A 20 -8.21 4.36 -13.47
CA VAL A 20 -7.95 5.13 -12.26
C VAL A 20 -6.71 6.00 -12.42
N THR A 21 -6.60 7.04 -11.60
CA THR A 21 -5.47 7.94 -11.64
C THR A 21 -5.02 8.34 -10.25
N ALA A 22 -3.81 8.89 -10.14
CA ALA A 22 -3.26 9.31 -8.86
C ALA A 22 -4.22 10.27 -8.15
N ASP A 23 -4.88 11.11 -8.93
CA ASP A 23 -5.83 12.08 -8.38
C ASP A 23 -6.95 11.38 -7.61
N ASP A 24 -7.48 10.31 -8.19
CA ASP A 24 -8.55 9.55 -7.57
C ASP A 24 -8.05 8.85 -6.30
N LEU A 25 -6.82 8.34 -6.36
CA LEU A 25 -6.22 7.64 -5.23
C LEU A 25 -6.07 8.57 -4.04
N ARG A 26 -5.53 9.76 -4.30
CA ARG A 26 -5.32 10.75 -3.24
C ARG A 26 -6.66 11.26 -2.70
N GLN A 27 -7.61 11.47 -3.60
CA GLN A 27 -8.93 11.95 -3.22
C GLN A 27 -9.70 10.89 -2.46
N LEU A 28 -9.47 9.62 -2.79
CA LEU A 28 -10.13 8.51 -2.15
C LEU A 28 -9.70 8.40 -0.68
N PHE A 29 -8.40 8.41 -0.45
CA PHE A 29 -7.86 8.31 0.89
C PHE A 29 -8.33 9.48 1.76
N GLY A 30 -8.24 10.69 1.21
CA GLY A 30 -8.66 11.87 1.94
C GLY A 30 -10.14 11.86 2.25
N ASP A 31 -10.94 11.37 1.31
CA ASP A 31 -12.39 11.30 1.49
C ASP A 31 -12.74 10.45 2.71
N ARG A 32 -11.90 9.48 3.02
CA ARG A 32 -12.13 8.60 4.15
C ARG A 32 -11.45 9.14 5.41
N LYS A 33 -11.15 10.44 5.40
CA LYS A 33 -10.51 11.08 6.54
C LYS A 33 -9.16 10.43 6.85
N LEU A 34 -8.46 10.02 5.80
CA LEU A 34 -7.16 9.38 5.95
C LEU A 34 -6.13 10.00 5.01
N PRO A 35 -5.58 11.15 5.40
CA PRO A 35 -4.58 11.86 4.59
C PRO A 35 -3.24 11.12 4.55
N LEU A 36 -2.56 11.21 3.41
CA LEU A 36 -1.28 10.56 3.24
C LEU A 36 -0.13 11.48 3.65
N ALA A 37 0.64 11.05 4.63
CA ALA A 37 1.78 11.83 5.11
C ALA A 37 3.08 11.37 4.48
N GLY A 38 2.99 10.88 3.25
CA GLY A 38 4.17 10.41 2.55
C GLY A 38 4.08 10.63 1.04
N GLN A 39 4.74 9.76 0.28
CA GLN A 39 4.73 9.86 -1.18
C GLN A 39 3.73 8.89 -1.79
N VAL A 40 3.25 9.21 -2.98
CA VAL A 40 2.28 8.37 -3.67
C VAL A 40 2.81 7.94 -5.04
N LEU A 41 2.76 6.64 -5.30
CA LEU A 41 3.23 6.10 -6.57
C LEU A 41 2.10 5.39 -7.32
N LEU A 42 1.95 5.70 -8.60
CA LEU A 42 0.91 5.10 -9.42
C LEU A 42 1.53 4.32 -10.58
N LYS A 43 1.34 3.01 -10.57
CA LYS A 43 1.86 2.15 -11.63
C LYS A 43 0.73 1.60 -12.50
N SER A 44 1.07 1.18 -13.71
CA SER A 44 0.09 0.63 -14.64
C SER A 44 -0.43 -0.72 -14.14
N GLY A 45 -1.48 -0.69 -13.34
CA GLY A 45 -2.04 -1.91 -12.81
C GLY A 45 -1.96 -1.99 -11.30
N TYR A 46 -1.16 -1.11 -10.70
CA TYR A 46 -0.99 -1.10 -9.25
C TYR A 46 -0.52 0.28 -8.79
N ALA A 47 -0.39 0.43 -7.47
CA ALA A 47 0.05 1.70 -6.89
C ALA A 47 0.59 1.49 -5.47
N PHE A 48 1.51 2.36 -5.07
CA PHE A 48 2.10 2.28 -3.74
C PHE A 48 1.91 3.58 -2.98
N VAL A 49 1.74 3.46 -1.66
CA VAL A 49 1.54 4.63 -0.81
C VAL A 49 2.35 4.52 0.48
N ASP A 50 2.92 5.63 0.92
CA ASP A 50 3.71 5.67 2.14
C ASP A 50 2.84 6.00 3.34
N TYR A 51 2.83 5.11 4.33
CA TYR A 51 2.04 5.31 5.54
C TYR A 51 2.87 6.01 6.62
N PRO A 52 2.20 6.87 7.39
CA PRO A 52 2.84 7.62 8.47
C PRO A 52 3.25 6.72 9.64
N ASP A 53 2.33 5.84 10.04
CA ASP A 53 2.58 4.93 11.15
C ASP A 53 1.95 3.56 10.88
N GLN A 54 2.39 2.55 11.61
CA GLN A 54 1.87 1.20 11.46
C GLN A 54 0.38 1.15 11.80
N ASN A 55 -0.01 1.90 12.81
CA ASN A 55 -1.40 1.94 13.23
C ASN A 55 -2.29 2.55 12.14
N TRP A 56 -1.79 3.59 11.50
CA TRP A 56 -2.53 4.27 10.44
C TRP A 56 -2.72 3.35 9.24
N ALA A 57 -1.68 2.62 8.88
CA ALA A 57 -1.73 1.69 7.75
C ALA A 57 -2.78 0.61 7.98
N ILE A 58 -2.80 0.06 9.20
CA ILE A 58 -3.75 -0.98 9.55
C ILE A 58 -5.18 -0.46 9.52
N ARG A 59 -5.38 0.73 10.08
CA ARG A 59 -6.71 1.34 10.11
C ARG A 59 -7.14 1.77 8.72
N ALA A 60 -6.18 2.24 7.92
CA ALA A 60 -6.46 2.67 6.56
C ALA A 60 -6.77 1.48 5.65
N ILE A 61 -5.96 0.44 5.76
CA ILE A 61 -6.14 -0.75 4.95
C ILE A 61 -7.46 -1.45 5.28
N GLU A 62 -7.71 -1.65 6.57
CA GLU A 62 -8.93 -2.30 7.03
C GLU A 62 -10.15 -1.48 6.64
N THR A 63 -10.03 -0.16 6.72
CA THR A 63 -11.13 0.73 6.38
C THR A 63 -11.24 0.93 4.87
N LEU A 64 -10.12 0.78 4.18
CA LEU A 64 -10.09 0.93 2.73
C LEU A 64 -10.24 -0.42 2.04
N SER A 65 -9.18 -1.22 2.06
CA SER A 65 -9.20 -2.54 1.43
C SER A 65 -10.41 -3.33 1.89
N GLY A 66 -11.18 -3.84 0.92
CA GLY A 66 -12.35 -4.62 1.24
C GLY A 66 -13.54 -3.75 1.61
N LYS A 67 -13.28 -2.48 1.87
CA LYS A 67 -14.33 -1.53 2.23
C LYS A 67 -14.36 -0.35 1.27
N VAL A 68 -13.70 -0.50 0.13
CA VAL A 68 -13.66 0.55 -0.88
C VAL A 68 -13.62 -0.03 -2.28
N GLU A 69 -14.53 0.44 -3.14
CA GLU A 69 -14.59 -0.04 -4.52
C GLU A 69 -14.28 1.09 -5.50
N LEU A 70 -13.38 0.81 -6.44
CA LEU A 70 -12.99 1.81 -7.43
C LEU A 70 -13.29 1.31 -8.84
N HIS A 71 -14.14 2.05 -9.55
CA HIS A 71 -14.52 1.69 -10.91
C HIS A 71 -15.25 0.35 -10.94
N GLY A 72 -16.02 0.08 -9.89
CA GLY A 72 -16.75 -1.17 -9.80
C GLY A 72 -15.88 -2.32 -9.36
N LYS A 73 -14.58 -2.08 -9.26
CA LYS A 73 -13.64 -3.11 -8.84
C LYS A 73 -13.13 -2.85 -7.43
N ILE A 74 -13.17 -3.86 -6.58
CA ILE A 74 -12.72 -3.73 -5.20
C ILE A 74 -11.21 -3.54 -5.14
N MET A 75 -10.77 -2.50 -4.42
CA MET A 75 -9.36 -2.21 -4.28
C MET A 75 -8.74 -3.03 -3.16
N GLU A 76 -7.58 -3.64 -3.44
CA GLU A 76 -6.88 -4.46 -2.46
C GLU A 76 -5.61 -3.78 -1.99
N VAL A 77 -5.45 -3.65 -0.68
CA VAL A 77 -4.28 -3.02 -0.10
C VAL A 77 -3.51 -4.00 0.80
N ASP A 78 -2.21 -4.13 0.54
CA ASP A 78 -1.37 -5.03 1.31
C ASP A 78 0.06 -4.51 1.39
N TYR A 79 0.66 -4.61 2.57
CA TYR A 79 2.02 -4.15 2.77
C TYR A 79 2.87 -4.39 1.52
N SER A 80 3.73 -3.42 1.20
CA SER A 80 4.59 -3.52 0.03
C SER A 80 5.89 -4.24 0.38
N VAL A 81 5.86 -5.57 0.31
CA VAL A 81 7.04 -6.37 0.62
C VAL A 81 7.32 -7.38 -0.49
N SER A 82 8.58 -7.52 -0.86
CA SER A 82 8.98 -8.45 -1.90
C SER A 82 9.35 -9.82 -1.32
N LYS A 83 10.19 -9.81 -0.30
CA LYS A 83 10.62 -11.03 0.36
C LYS A 83 10.96 -10.78 1.83
N LYS A 84 10.54 -11.70 2.70
CA LYS A 84 10.81 -11.58 4.12
C LYS A 84 12.27 -11.87 4.43
N LEU A 85 13.07 -10.81 4.51
CA LEU A 85 14.50 -10.95 4.79
C LEU A 85 14.91 -10.02 5.92
N ARG A 86 15.80 -10.50 6.78
CA ARG A 86 16.28 -9.72 7.91
C ARG A 86 17.62 -9.05 7.58
N SER A 87 17.75 -7.78 7.94
CA SER A 87 18.97 -7.03 7.67
C SER A 87 19.84 -6.94 8.92
N SER A 88 20.80 -7.85 9.03
CA SER A 88 21.70 -7.88 10.18
C SER A 88 22.96 -8.68 9.86
N GLY A 89 24.11 -8.02 9.97
CA GLY A 89 25.37 -8.68 9.70
C GLY A 89 26.55 -7.73 9.72
N PRO A 90 27.75 -8.27 9.98
CA PRO A 90 28.98 -7.47 10.05
C PRO A 90 29.40 -6.95 8.68
N SER A 91 29.45 -5.63 8.55
CA SER A 91 29.83 -5.00 7.29
C SER A 91 31.13 -5.58 6.76
N SER A 92 31.04 -6.35 5.69
CA SER A 92 32.21 -6.99 5.08
C SER A 92 33.27 -5.94 4.74
N GLY A 93 34.34 -5.92 5.53
CA GLY A 93 35.41 -4.96 5.29
C GLY A 93 34.98 -3.52 5.55
N GLY A 1 4.74 -5.20 25.71
CA GLY A 1 4.71 -3.88 26.32
C GLY A 1 5.09 -2.79 25.33
N SER A 2 6.39 -2.54 25.20
CA SER A 2 6.88 -1.51 24.29
C SER A 2 6.42 -1.78 22.86
N SER A 3 5.74 -0.80 22.27
CA SER A 3 5.24 -0.93 20.91
C SER A 3 5.65 0.26 20.05
N GLY A 4 6.75 0.09 19.32
CA GLY A 4 7.24 1.18 18.47
C GLY A 4 8.55 0.82 17.79
N SER A 5 8.46 0.24 16.61
CA SER A 5 9.65 -0.14 15.85
C SER A 5 9.96 0.88 14.75
N SER A 6 11.06 1.60 14.94
CA SER A 6 11.47 2.62 13.98
C SER A 6 11.65 2.01 12.59
N GLY A 7 10.60 2.06 11.77
CA GLY A 7 10.67 1.52 10.44
C GLY A 7 9.64 2.14 9.51
N MET A 8 10.08 2.53 8.32
CA MET A 8 9.20 3.15 7.34
C MET A 8 9.05 2.26 6.10
N ASN A 9 7.81 2.01 5.70
CA ASN A 9 7.53 1.18 4.54
C ASN A 9 6.33 1.71 3.76
N LYS A 10 6.01 1.04 2.67
CA LYS A 10 4.88 1.44 1.83
C LYS A 10 3.88 0.30 1.67
N LEU A 11 2.68 0.62 1.21
CA LEU A 11 1.63 -0.38 1.01
C LEU A 11 1.38 -0.61 -0.47
N TYR A 12 1.20 -1.87 -0.84
CA TYR A 12 0.95 -2.23 -2.23
C TYR A 12 -0.56 -2.33 -2.50
N ILE A 13 -0.99 -1.70 -3.58
CA ILE A 13 -2.40 -1.72 -3.96
C ILE A 13 -2.62 -2.49 -5.26
N GLY A 14 -3.45 -3.52 -5.19
CA GLY A 14 -3.73 -4.33 -6.37
C GLY A 14 -5.17 -4.19 -6.84
N ASN A 15 -5.42 -4.59 -8.08
CA ASN A 15 -6.76 -4.51 -8.65
C ASN A 15 -7.15 -3.05 -8.94
N LEU A 16 -6.22 -2.32 -9.55
CA LEU A 16 -6.47 -0.92 -9.89
C LEU A 16 -6.74 -0.77 -11.38
N SER A 17 -7.97 -0.39 -11.72
CA SER A 17 -8.36 -0.21 -13.10
C SER A 17 -7.35 0.65 -13.85
N PRO A 18 -7.26 0.45 -15.17
CA PRO A 18 -6.32 1.19 -16.02
C PRO A 18 -6.73 2.65 -16.18
N ALA A 19 -7.82 3.04 -15.53
CA ALA A 19 -8.31 4.41 -15.59
C ALA A 19 -7.97 5.17 -14.32
N VAL A 20 -7.76 4.44 -13.24
CA VAL A 20 -7.43 5.05 -11.95
C VAL A 20 -6.31 6.08 -12.10
N THR A 21 -6.50 7.25 -11.51
CA THR A 21 -5.50 8.31 -11.58
C THR A 21 -4.95 8.64 -10.20
N ALA A 22 -3.78 9.26 -10.17
CA ALA A 22 -3.14 9.64 -8.91
C ALA A 22 -4.06 10.52 -8.07
N ASP A 23 -4.78 11.41 -8.72
CA ASP A 23 -5.70 12.30 -8.04
C ASP A 23 -6.82 11.52 -7.35
N ASP A 24 -7.31 10.50 -8.03
CA ASP A 24 -8.37 9.67 -7.48
C ASP A 24 -7.90 8.91 -6.24
N LEU A 25 -6.67 8.42 -6.28
CA LEU A 25 -6.10 7.68 -5.15
C LEU A 25 -5.99 8.58 -3.93
N ARG A 26 -5.46 9.79 -4.12
CA ARG A 26 -5.30 10.73 -3.02
C ARG A 26 -6.66 11.23 -2.53
N GLN A 27 -7.57 11.44 -3.46
CA GLN A 27 -8.91 11.92 -3.14
C GLN A 27 -9.71 10.83 -2.41
N LEU A 28 -9.45 9.58 -2.76
CA LEU A 28 -10.14 8.46 -2.15
C LEU A 28 -9.74 8.30 -0.68
N PHE A 29 -8.44 8.30 -0.42
CA PHE A 29 -7.93 8.16 0.94
C PHE A 29 -8.40 9.33 1.81
N GLY A 30 -8.35 10.54 1.25
CA GLY A 30 -8.76 11.72 1.99
C GLY A 30 -10.24 11.70 2.33
N ASP A 31 -11.05 11.19 1.41
CA ASP A 31 -12.49 11.11 1.62
C ASP A 31 -12.82 10.22 2.81
N ARG A 32 -11.99 9.22 3.04
CA ARG A 32 -12.20 8.28 4.14
C ARG A 32 -11.50 8.77 5.41
N LYS A 33 -11.21 10.07 5.45
CA LYS A 33 -10.54 10.68 6.60
C LYS A 33 -9.17 10.08 6.81
N LEU A 34 -8.53 9.66 5.71
CA LEU A 34 -7.19 9.07 5.77
C LEU A 34 -6.21 9.87 4.93
N PRO A 35 -5.71 10.99 5.50
CA PRO A 35 -4.75 11.85 4.82
C PRO A 35 -3.38 11.20 4.66
N LEU A 36 -2.92 11.07 3.42
CA LEU A 36 -1.63 10.46 3.14
C LEU A 36 -0.49 11.45 3.38
N ALA A 37 0.27 11.21 4.45
CA ALA A 37 1.39 12.08 4.79
C ALA A 37 2.69 11.56 4.18
N GLY A 38 2.59 10.98 3.00
CA GLY A 38 3.77 10.45 2.33
C GLY A 38 3.68 10.56 0.82
N GLN A 39 4.57 9.87 0.12
CA GLN A 39 4.59 9.90 -1.33
C GLN A 39 3.60 8.89 -1.92
N VAL A 40 3.12 9.17 -3.12
CA VAL A 40 2.16 8.29 -3.79
C VAL A 40 2.71 7.82 -5.13
N LEU A 41 2.61 6.51 -5.37
CA LEU A 41 3.09 5.93 -6.62
C LEU A 41 1.98 5.17 -7.33
N LEU A 42 1.79 5.46 -8.61
CA LEU A 42 0.76 4.79 -9.40
C LEU A 42 1.37 4.02 -10.57
N LYS A 43 1.24 2.71 -10.54
CA LYS A 43 1.77 1.86 -11.59
C LYS A 43 0.65 1.25 -12.43
N SER A 44 0.99 0.81 -13.64
CA SER A 44 0.01 0.22 -14.53
C SER A 44 -0.48 -1.12 -14.00
N GLY A 45 -1.57 -1.09 -13.24
CA GLY A 45 -2.12 -2.30 -12.67
C GLY A 45 -2.05 -2.33 -11.16
N TYR A 46 -1.23 -1.45 -10.60
CA TYR A 46 -1.06 -1.38 -9.15
C TYR A 46 -0.57 0.00 -8.73
N ALA A 47 -0.43 0.20 -7.42
CA ALA A 47 0.03 1.48 -6.88
C ALA A 47 0.56 1.32 -5.47
N PHE A 48 1.49 2.19 -5.08
CA PHE A 48 2.08 2.14 -3.74
C PHE A 48 1.85 3.46 -3.01
N VAL A 49 1.64 3.37 -1.70
CA VAL A 49 1.40 4.56 -0.88
C VAL A 49 2.23 4.51 0.41
N ASP A 50 2.77 5.66 0.80
CA ASP A 50 3.59 5.75 2.01
C ASP A 50 2.72 6.08 3.22
N TYR A 51 2.75 5.21 4.23
CA TYR A 51 1.97 5.42 5.44
C TYR A 51 2.80 6.14 6.50
N PRO A 52 2.12 7.01 7.27
CA PRO A 52 2.77 7.79 8.34
C PRO A 52 3.19 6.91 9.52
N ASP A 53 2.29 6.05 9.95
CA ASP A 53 2.56 5.16 11.07
C ASP A 53 1.91 3.80 10.85
N GLN A 54 2.42 2.78 11.54
CA GLN A 54 1.90 1.43 11.42
C GLN A 54 0.40 1.39 11.73
N ASN A 55 0.00 2.14 12.76
CA ASN A 55 -1.41 2.19 13.15
C ASN A 55 -2.27 2.76 12.03
N TRP A 56 -1.77 3.82 11.40
CA TRP A 56 -2.50 4.46 10.31
C TRP A 56 -2.67 3.50 9.13
N ALA A 57 -1.61 2.76 8.81
CA ALA A 57 -1.64 1.81 7.71
C ALA A 57 -2.67 0.71 7.97
N ILE A 58 -2.67 0.18 9.19
CA ILE A 58 -3.59 -0.88 9.56
C ILE A 58 -5.04 -0.38 9.53
N ARG A 59 -5.26 0.80 10.09
CA ARG A 59 -6.59 1.39 10.12
C ARG A 59 -7.03 1.81 8.72
N ALA A 60 -6.10 2.30 7.93
CA ALA A 60 -6.39 2.74 6.57
C ALA A 60 -6.68 1.55 5.65
N ILE A 61 -5.83 0.52 5.74
CA ILE A 61 -6.00 -0.66 4.93
C ILE A 61 -7.29 -1.39 5.28
N GLU A 62 -7.53 -1.59 6.57
CA GLU A 62 -8.72 -2.27 7.03
C GLU A 62 -9.98 -1.48 6.64
N THR A 63 -9.92 -0.17 6.81
CA THR A 63 -11.05 0.69 6.48
C THR A 63 -11.19 0.85 4.97
N LEU A 64 -10.09 0.69 4.26
CA LEU A 64 -10.09 0.82 2.81
C LEU A 64 -10.19 -0.55 2.14
N SER A 65 -9.13 -1.33 2.21
CA SER A 65 -9.09 -2.66 1.62
C SER A 65 -10.26 -3.51 2.13
N GLY A 66 -11.14 -3.91 1.22
CA GLY A 66 -12.27 -4.71 1.60
C GLY A 66 -13.51 -3.89 1.88
N LYS A 67 -13.33 -2.57 1.96
CA LYS A 67 -14.43 -1.67 2.23
C LYS A 67 -14.40 -0.47 1.29
N VAL A 68 -13.59 -0.57 0.24
CA VAL A 68 -13.46 0.52 -0.73
C VAL A 68 -13.19 -0.03 -2.13
N GLU A 69 -13.92 0.47 -3.11
CA GLU A 69 -13.75 0.03 -4.49
C GLU A 69 -13.72 1.22 -5.44
N LEU A 70 -13.01 1.07 -6.54
CA LEU A 70 -12.91 2.14 -7.54
C LEU A 70 -13.22 1.62 -8.93
N HIS A 71 -14.05 2.35 -9.66
CA HIS A 71 -14.43 1.97 -11.02
C HIS A 71 -15.19 0.64 -11.01
N GLY A 72 -15.92 0.39 -9.93
CA GLY A 72 -16.68 -0.85 -9.81
C GLY A 72 -15.79 -2.03 -9.44
N LYS A 73 -14.51 -1.77 -9.21
CA LYS A 73 -13.57 -2.82 -8.84
C LYS A 73 -13.06 -2.61 -7.42
N ILE A 74 -13.15 -3.65 -6.60
CA ILE A 74 -12.68 -3.58 -5.22
C ILE A 74 -11.16 -3.46 -5.16
N MET A 75 -10.69 -2.44 -4.46
CA MET A 75 -9.25 -2.21 -4.32
C MET A 75 -8.70 -2.98 -3.12
N GLU A 76 -7.55 -3.61 -3.30
CA GLU A 76 -6.91 -4.38 -2.24
C GLU A 76 -5.59 -3.76 -1.84
N VAL A 77 -5.41 -3.52 -0.55
CA VAL A 77 -4.18 -2.93 -0.03
C VAL A 77 -3.47 -3.88 0.92
N ASP A 78 -2.17 -4.05 0.69
CA ASP A 78 -1.37 -4.94 1.53
C ASP A 78 0.11 -4.55 1.47
N TYR A 79 0.80 -4.69 2.60
CA TYR A 79 2.21 -4.35 2.67
C TYR A 79 2.93 -4.72 1.38
N SER A 80 3.63 -3.74 0.80
CA SER A 80 4.35 -3.97 -0.45
C SER A 80 5.66 -4.72 -0.19
N VAL A 81 5.58 -6.05 -0.24
CA VAL A 81 6.74 -6.89 -0.02
C VAL A 81 6.80 -8.02 -1.03
N SER A 82 8.00 -8.55 -1.25
CA SER A 82 8.20 -9.64 -2.21
C SER A 82 8.90 -10.82 -1.55
N LYS A 83 10.18 -10.63 -1.24
CA LYS A 83 10.97 -11.69 -0.59
C LYS A 83 12.36 -11.17 -0.21
N LYS A 84 12.56 -10.95 1.08
CA LYS A 84 13.84 -10.46 1.58
C LYS A 84 15.00 -11.06 0.79
N LEU A 85 15.97 -10.21 0.45
CA LEU A 85 17.13 -10.66 -0.31
C LEU A 85 17.81 -11.85 0.37
N ARG A 86 18.30 -12.78 -0.44
CA ARG A 86 18.96 -13.97 0.08
C ARG A 86 20.12 -14.39 -0.83
N SER A 87 21.21 -14.84 -0.22
CA SER A 87 22.38 -15.27 -0.98
C SER A 87 23.15 -16.34 -0.22
N SER A 88 23.56 -17.38 -0.93
CA SER A 88 24.30 -18.49 -0.33
C SER A 88 25.79 -18.38 -0.64
N GLY A 89 26.15 -18.64 -1.89
CA GLY A 89 27.54 -18.56 -2.29
C GLY A 89 27.99 -19.78 -3.06
N PRO A 90 27.71 -19.80 -4.37
CA PRO A 90 28.09 -20.92 -5.25
C PRO A 90 29.60 -21.01 -5.46
N SER A 91 30.18 -22.14 -5.06
CA SER A 91 31.61 -22.34 -5.21
C SER A 91 31.91 -23.76 -5.70
N SER A 92 32.51 -23.85 -6.89
CA SER A 92 32.84 -25.15 -7.47
C SER A 92 34.13 -25.06 -8.28
N GLY A 93 35.07 -25.95 -7.98
CA GLY A 93 36.34 -25.96 -8.70
C GLY A 93 37.49 -26.42 -7.83
N GLY A 1 10.28 -9.85 8.74
CA GLY A 1 11.63 -9.58 9.18
C GLY A 1 12.67 -10.08 8.20
N SER A 2 12.86 -9.34 7.11
CA SER A 2 13.83 -9.71 6.09
C SER A 2 15.20 -9.98 6.71
N SER A 3 15.97 -10.85 6.06
CA SER A 3 17.30 -11.20 6.55
C SER A 3 18.03 -9.96 7.06
N GLY A 4 18.01 -8.88 6.27
CA GLY A 4 18.67 -7.66 6.67
C GLY A 4 17.70 -6.64 7.26
N SER A 5 17.67 -5.45 6.67
CA SER A 5 16.80 -4.39 7.14
C SER A 5 15.70 -4.10 6.13
N SER A 6 14.62 -3.47 6.59
CA SER A 6 13.50 -3.15 5.72
C SER A 6 13.63 -1.74 5.16
N GLY A 7 13.50 -1.62 3.85
CA GLY A 7 13.62 -0.32 3.20
C GLY A 7 12.37 0.53 3.40
N MET A 8 12.28 1.62 2.65
CA MET A 8 11.15 2.52 2.75
C MET A 8 9.86 1.75 2.97
N ASN A 9 9.09 2.14 3.99
CA ASN A 9 7.84 1.47 4.31
C ASN A 9 6.71 2.00 3.43
N LYS A 10 6.09 1.10 2.68
CA LYS A 10 4.99 1.48 1.79
C LYS A 10 3.97 0.34 1.67
N LEU A 11 2.81 0.65 1.12
CA LEU A 11 1.75 -0.34 0.95
C LEU A 11 1.48 -0.60 -0.53
N TYR A 12 1.22 -1.85 -0.87
CA TYR A 12 0.94 -2.23 -2.26
C TYR A 12 -0.56 -2.29 -2.51
N ILE A 13 -0.99 -1.67 -3.60
CA ILE A 13 -2.40 -1.65 -3.96
C ILE A 13 -2.64 -2.37 -5.29
N GLY A 14 -3.49 -3.38 -5.26
CA GLY A 14 -3.79 -4.14 -6.47
C GLY A 14 -5.23 -3.96 -6.93
N ASN A 15 -5.54 -4.45 -8.12
CA ASN A 15 -6.89 -4.35 -8.66
C ASN A 15 -7.24 -2.90 -8.95
N LEU A 16 -6.33 -2.19 -9.63
CA LEU A 16 -6.54 -0.79 -9.97
C LEU A 16 -6.82 -0.63 -11.46
N SER A 17 -8.06 -0.29 -11.79
CA SER A 17 -8.46 -0.11 -13.18
C SER A 17 -7.48 0.81 -13.91
N PRO A 18 -7.36 0.61 -15.23
CA PRO A 18 -6.46 1.40 -16.07
C PRO A 18 -6.94 2.83 -16.24
N ALA A 19 -8.08 3.15 -15.62
CA ALA A 19 -8.63 4.49 -15.69
C ALA A 19 -8.35 5.28 -14.42
N VAL A 20 -7.88 4.59 -13.39
CA VAL A 20 -7.57 5.23 -12.12
C VAL A 20 -6.35 6.13 -12.24
N THR A 21 -6.46 7.34 -11.70
CA THR A 21 -5.36 8.30 -11.75
C THR A 21 -4.86 8.64 -10.35
N ALA A 22 -3.65 9.19 -10.28
CA ALA A 22 -3.06 9.57 -9.01
C ALA A 22 -4.01 10.45 -8.20
N ASP A 23 -4.72 11.34 -8.88
CA ASP A 23 -5.66 12.23 -8.23
C ASP A 23 -6.77 11.44 -7.53
N ASP A 24 -7.26 10.41 -8.21
CA ASP A 24 -8.32 9.56 -7.65
C ASP A 24 -7.84 8.86 -6.38
N LEU A 25 -6.64 8.32 -6.42
CA LEU A 25 -6.07 7.62 -5.28
C LEU A 25 -5.99 8.53 -4.06
N ARG A 26 -5.47 9.74 -4.27
CA ARG A 26 -5.35 10.71 -3.19
C ARG A 26 -6.72 11.15 -2.68
N GLN A 27 -7.63 11.43 -3.62
CA GLN A 27 -8.98 11.87 -3.27
C GLN A 27 -9.74 10.76 -2.55
N LEU A 28 -9.46 9.51 -2.94
CA LEU A 28 -10.12 8.37 -2.32
C LEU A 28 -9.73 8.23 -0.86
N PHE A 29 -8.43 8.34 -0.59
CA PHE A 29 -7.93 8.23 0.77
C PHE A 29 -8.41 9.40 1.63
N GLY A 30 -8.40 10.59 1.06
CA GLY A 30 -8.84 11.77 1.78
C GLY A 30 -10.32 11.73 2.10
N ASP A 31 -11.10 11.11 1.22
CA ASP A 31 -12.55 11.01 1.42
C ASP A 31 -12.86 10.17 2.65
N ARG A 32 -12.01 9.19 2.95
CA ARG A 32 -12.20 8.32 4.10
C ARG A 32 -11.52 8.90 5.33
N LYS A 33 -11.26 10.20 5.30
CA LYS A 33 -10.60 10.88 6.42
C LYS A 33 -9.22 10.29 6.69
N LEU A 34 -8.58 9.78 5.64
CA LEU A 34 -7.26 9.18 5.76
C LEU A 34 -6.27 9.88 4.83
N PRO A 35 -5.75 11.04 5.29
CA PRO A 35 -4.78 11.82 4.51
C PRO A 35 -3.42 11.13 4.43
N LEU A 36 -2.80 11.23 3.25
CA LEU A 36 -1.49 10.61 3.04
C LEU A 36 -0.37 11.56 3.45
N ALA A 37 0.36 11.20 4.49
CA ALA A 37 1.46 12.01 4.98
C ALA A 37 2.79 11.54 4.40
N GLY A 38 2.75 11.03 3.18
CA GLY A 38 3.95 10.54 2.53
C GLY A 38 3.95 10.76 1.04
N GLN A 39 4.36 9.74 0.28
CA GLN A 39 4.40 9.83 -1.17
C GLN A 39 3.46 8.81 -1.81
N VAL A 40 3.00 9.10 -3.02
CA VAL A 40 2.09 8.21 -3.73
C VAL A 40 2.68 7.79 -5.07
N LEU A 41 2.49 6.52 -5.42
CA LEU A 41 3.01 5.99 -6.68
C LEU A 41 1.91 5.27 -7.45
N LEU A 42 1.84 5.53 -8.76
CA LEU A 42 0.83 4.90 -9.61
C LEU A 42 1.49 3.96 -10.62
N LYS A 43 1.22 2.67 -10.49
CA LYS A 43 1.78 1.67 -11.39
C LYS A 43 0.69 1.09 -12.29
N SER A 44 1.10 0.52 -13.42
CA SER A 44 0.17 -0.08 -14.37
C SER A 44 -0.45 -1.35 -13.80
N GLY A 45 -1.50 -1.18 -13.02
CA GLY A 45 -2.17 -2.32 -12.42
C GLY A 45 -2.09 -2.33 -10.90
N TYR A 46 -1.29 -1.41 -10.36
CA TYR A 46 -1.12 -1.31 -8.92
C TYR A 46 -0.66 0.10 -8.52
N ALA A 47 -0.52 0.31 -7.22
CA ALA A 47 -0.08 1.61 -6.71
C ALA A 47 0.57 1.47 -5.34
N PHE A 48 1.55 2.33 -5.07
CA PHE A 48 2.26 2.31 -3.79
C PHE A 48 1.97 3.57 -2.99
N VAL A 49 1.80 3.40 -1.68
CA VAL A 49 1.52 4.53 -0.80
C VAL A 49 2.35 4.44 0.48
N ASP A 50 2.84 5.58 0.94
CA ASP A 50 3.65 5.63 2.16
C ASP A 50 2.80 6.03 3.36
N TYR A 51 2.79 5.19 4.38
CA TYR A 51 2.01 5.45 5.58
C TYR A 51 2.88 6.11 6.66
N PRO A 52 2.27 7.04 7.42
CA PRO A 52 2.96 7.76 8.48
C PRO A 52 3.30 6.87 9.68
N ASP A 53 2.31 6.12 10.14
CA ASP A 53 2.51 5.22 11.27
C ASP A 53 1.90 3.85 10.99
N GLN A 54 2.46 2.82 11.60
CA GLN A 54 1.97 1.45 11.42
C GLN A 54 0.48 1.36 11.72
N ASN A 55 0.05 2.08 12.76
CA ASN A 55 -1.36 2.08 13.15
C ASN A 55 -2.24 2.63 12.04
N TRP A 56 -1.80 3.72 11.42
CA TRP A 56 -2.54 4.35 10.34
C TRP A 56 -2.65 3.42 9.14
N ALA A 57 -1.54 2.74 8.82
CA ALA A 57 -1.52 1.81 7.69
C ALA A 57 -2.53 0.68 7.89
N ILE A 58 -2.49 0.06 9.06
CA ILE A 58 -3.40 -1.03 9.37
C ILE A 58 -4.85 -0.57 9.37
N ARG A 59 -5.09 0.59 10.00
CA ARG A 59 -6.44 1.14 10.06
C ARG A 59 -6.91 1.60 8.69
N ALA A 60 -5.97 2.10 7.88
CA ALA A 60 -6.29 2.57 6.53
C ALA A 60 -6.58 1.40 5.60
N ILE A 61 -5.73 0.38 5.66
CA ILE A 61 -5.90 -0.80 4.81
C ILE A 61 -7.17 -1.55 5.16
N GLU A 62 -7.38 -1.78 6.45
CA GLU A 62 -8.57 -2.49 6.91
C GLU A 62 -9.84 -1.71 6.57
N THR A 63 -9.77 -0.39 6.75
CA THR A 63 -10.92 0.47 6.45
C THR A 63 -11.06 0.71 4.95
N LEU A 64 -9.96 0.53 4.23
CA LEU A 64 -9.98 0.72 2.78
C LEU A 64 -10.16 -0.61 2.05
N SER A 65 -9.11 -1.42 2.03
CA SER A 65 -9.17 -2.72 1.37
C SER A 65 -10.31 -3.56 1.92
N GLY A 66 -11.17 -4.05 1.04
CA GLY A 66 -12.29 -4.87 1.46
C GLY A 66 -13.52 -4.05 1.76
N LYS A 67 -13.34 -2.75 1.97
CA LYS A 67 -14.44 -1.86 2.28
C LYS A 67 -14.42 -0.63 1.37
N VAL A 68 -13.62 -0.70 0.31
CA VAL A 68 -13.51 0.40 -0.64
C VAL A 68 -13.23 -0.11 -2.05
N GLU A 69 -13.96 0.40 -3.02
CA GLU A 69 -13.80 -0.01 -4.40
C GLU A 69 -13.78 1.21 -5.33
N LEU A 70 -13.01 1.10 -6.42
CA LEU A 70 -12.91 2.19 -7.38
C LEU A 70 -13.31 1.72 -8.78
N HIS A 71 -14.13 2.53 -9.46
CA HIS A 71 -14.58 2.19 -10.81
C HIS A 71 -15.39 0.89 -10.80
N GLY A 72 -16.07 0.63 -9.70
CA GLY A 72 -16.87 -0.57 -9.57
C GLY A 72 -16.03 -1.80 -9.28
N LYS A 73 -14.75 -1.59 -9.03
CA LYS A 73 -13.83 -2.68 -8.73
C LYS A 73 -13.25 -2.53 -7.33
N ILE A 74 -13.28 -3.62 -6.56
CA ILE A 74 -12.76 -3.61 -5.20
C ILE A 74 -11.24 -3.48 -5.20
N MET A 75 -10.74 -2.51 -4.44
CA MET A 75 -9.30 -2.28 -4.35
C MET A 75 -8.70 -3.08 -3.19
N GLU A 76 -7.55 -3.70 -3.45
CA GLU A 76 -6.87 -4.49 -2.42
C GLU A 76 -5.60 -3.79 -1.95
N VAL A 77 -5.44 -3.68 -0.64
CA VAL A 77 -4.27 -3.04 -0.05
C VAL A 77 -3.55 -3.98 0.92
N ASP A 78 -2.23 -4.08 0.75
CA ASP A 78 -1.43 -4.94 1.61
C ASP A 78 0.02 -4.45 1.66
N TYR A 79 0.59 -4.45 2.86
CA TYR A 79 1.97 -4.01 3.04
C TYR A 79 2.84 -4.42 1.87
N SER A 80 3.73 -3.52 1.46
CA SER A 80 4.62 -3.78 0.32
C SER A 80 5.95 -4.34 0.82
N VAL A 81 5.89 -5.47 1.51
CA VAL A 81 7.08 -6.12 2.02
C VAL A 81 7.54 -7.26 1.13
N SER A 82 6.76 -7.52 0.08
CA SER A 82 7.07 -8.59 -0.87
C SER A 82 8.11 -8.13 -1.88
N LYS A 83 8.95 -9.07 -2.32
CA LYS A 83 9.98 -8.75 -3.29
C LYS A 83 10.69 -10.03 -3.76
N LYS A 84 10.96 -10.11 -5.06
CA LYS A 84 11.62 -11.27 -5.64
C LYS A 84 13.00 -10.90 -6.15
N LEU A 85 13.85 -11.91 -6.33
CA LEU A 85 15.21 -11.69 -6.82
C LEU A 85 15.50 -12.57 -8.04
N ARG A 86 16.19 -12.01 -9.02
CA ARG A 86 16.53 -12.73 -10.24
C ARG A 86 17.74 -12.11 -10.92
N SER A 87 18.46 -12.92 -11.70
CA SER A 87 19.65 -12.45 -12.40
C SER A 87 20.60 -11.74 -11.44
N SER A 88 20.79 -12.32 -10.27
CA SER A 88 21.67 -11.75 -9.26
C SER A 88 23.13 -12.16 -9.53
N GLY A 89 23.87 -11.29 -10.20
CA GLY A 89 25.26 -11.57 -10.50
C GLY A 89 25.47 -12.99 -10.98
N PRO A 90 24.95 -13.30 -12.18
CA PRO A 90 25.07 -14.63 -12.79
C PRO A 90 26.51 -14.95 -13.21
N SER A 91 27.10 -15.94 -12.55
CA SER A 91 28.47 -16.35 -12.85
C SER A 91 28.49 -17.65 -13.66
N SER A 92 29.23 -17.64 -14.76
CA SER A 92 29.32 -18.81 -15.62
C SER A 92 30.40 -18.61 -16.69
N GLY A 93 31.20 -19.65 -16.92
CA GLY A 93 32.25 -19.57 -17.91
C GLY A 93 33.37 -18.63 -17.49
#